data_3QZ1
#
_entry.id   3QZ1
#
_cell.length_a   67.871
_cell.length_b   167.998
_cell.length_c   111.843
_cell.angle_alpha   90.00
_cell.angle_beta   90.09
_cell.angle_gamma   90.00
#
_symmetry.space_group_name_H-M   'P 1 21 1'
#
loop_
_entity.id
_entity.type
_entity.pdbx_description
1 polymer 'Steroid 21-hydroxylase'
2 non-polymer 'PROTOPORPHYRIN IX CONTAINING FE'
3 non-polymer (9beta)-17-hydroxypregn-4-ene-3,20-dione
4 water water
#
_entity_poly.entity_id   1
_entity_poly.type   'polypeptide(L)'
_entity_poly.pdbx_seq_one_letter_code
;MVLAGLLLLLTLLAGAHLLWGRWKLRNLHLPPLVPGFLHLLQPNLPIHLLSLTQKLGPVYRLRLGLQEVVVLNSKRTIEE
AMIRKWVDFAGRPQIPSYKLVSQRCQDISLGDYSLLWKAHKKLTRSALLLGTRSSMEPWVDQLTQEFCERMRVQAGAPVT
IQKEFSLLTCSIICYLTFGNKEDTLVHAFHDCVQDLMKTWDHWSIQILDMVPFLRFFPNPGLWRLKQAIENRDHMVEKQL
RRHKESMVAGQWRDMTDYMLQGVGRQRVEEGPGQLLEGHVHMSVVDLFIGGTETTASTLSWAVAFLLHHPEIQRRLQEEL
DRELGPGASCSRVTYKDRARLPLLNATIAEVLRLRPVVPLALPHRTTRPSSIFGYDIPEGMVVIPNLQGAHLDETVWEQP
HEFRPDRFLEPGANPSALAFGCGARVCLGESLARLELFVVLARLLQAFTLLPPPVGALPSLQPDPYCGVNLKVQPFQVRL
QPRGVEAGAWESASAQ
;
_entity_poly.pdbx_strand_id   A,B,C,D
#
loop_
_chem_comp.id
_chem_comp.type
_chem_comp.name
_chem_comp.formula
3QZ non-polymer (9beta)-17-hydroxypregn-4-ene-3,20-dione 'C21 H30 O3'
HEM non-polymer 'PROTOPORPHYRIN IX CONTAINING FE' 'C34 H32 Fe N4 O4'
#
# COMPACT_ATOMS: atom_id res chain seq x y z
N HIS A 29 -16.02 55.36 -42.96
CA HIS A 29 -15.67 54.97 -41.56
C HIS A 29 -15.28 53.50 -41.52
N LEU A 30 -13.98 53.26 -41.43
CA LEU A 30 -13.47 51.88 -41.38
C LEU A 30 -11.95 51.92 -41.18
N PRO A 31 -11.36 50.88 -40.55
CA PRO A 31 -9.92 50.85 -40.33
C PRO A 31 -9.13 50.76 -41.65
N PRO A 32 -7.91 51.30 -41.69
CA PRO A 32 -7.08 51.30 -42.88
C PRO A 32 -6.73 49.89 -43.33
N LEU A 33 -6.26 49.77 -44.57
CA LEU A 33 -5.89 48.47 -45.11
C LEU A 33 -4.42 48.45 -45.54
N VAL A 34 -3.67 47.44 -45.09
CA VAL A 34 -2.25 47.29 -45.43
C VAL A 34 -2.16 46.61 -46.79
N PRO A 35 -1.38 47.19 -47.70
CA PRO A 35 -1.26 46.63 -49.04
C PRO A 35 -0.44 45.40 -49.13
N GLY A 36 -0.95 44.30 -48.60
CA GLY A 36 -0.20 43.07 -48.66
C GLY A 36 -1.16 41.93 -48.84
N PHE A 37 -0.69 40.76 -49.27
CA PHE A 37 -1.61 39.65 -49.37
C PHE A 37 -1.32 38.46 -48.49
N LEU A 38 -0.08 38.28 -48.02
CA LEU A 38 0.14 37.19 -47.10
C LEU A 38 1.00 37.64 -45.96
N HIS A 39 0.46 38.53 -45.15
CA HIS A 39 1.27 39.05 -44.08
C HIS A 39 1.61 37.96 -43.14
N LEU A 40 0.81 36.90 -43.21
CA LEU A 40 1.02 35.79 -42.32
C LEU A 40 2.45 35.28 -42.43
N LEU A 41 2.96 35.24 -43.64
CA LEU A 41 4.33 34.81 -43.81
C LEU A 41 5.15 35.93 -43.26
N GLN A 42 6.42 35.67 -43.04
CA GLN A 42 7.30 36.70 -42.54
C GLN A 42 7.45 36.48 -41.07
N PRO A 43 8.65 36.66 -40.58
CA PRO A 43 9.06 36.48 -39.21
C PRO A 43 8.55 37.37 -38.12
N ASN A 44 8.47 36.84 -36.90
CA ASN A 44 8.13 37.71 -35.79
C ASN A 44 6.91 38.54 -36.13
N LEU A 45 5.85 37.84 -36.46
CA LEU A 45 4.66 38.52 -36.87
C LEU A 45 4.20 39.54 -35.84
N PRO A 46 4.20 39.17 -34.57
CA PRO A 46 3.77 40.14 -33.55
C PRO A 46 4.54 41.45 -33.59
N ILE A 47 5.84 41.39 -33.91
CA ILE A 47 6.64 42.61 -33.97
C ILE A 47 6.35 43.39 -35.24
N HIS A 48 5.83 42.69 -36.25
CA HIS A 48 5.51 43.33 -37.51
C HIS A 48 4.17 44.06 -37.42
N LEU A 49 3.18 43.41 -36.80
CA LEU A 49 1.86 44.01 -36.65
C LEU A 49 2.03 45.29 -35.88
N LEU A 50 3.10 45.34 -35.10
CA LEU A 50 3.46 46.53 -34.35
C LEU A 50 4.06 47.58 -35.28
N SER A 51 4.89 47.13 -36.22
CA SER A 51 5.58 48.05 -37.10
C SER A 51 4.66 48.88 -37.93
N LEU A 52 3.58 48.26 -38.37
CA LEU A 52 2.61 48.94 -39.18
C LEU A 52 2.03 50.05 -38.35
N THR A 53 2.13 49.90 -37.04
CA THR A 53 1.59 50.88 -36.12
C THR A 53 2.28 52.22 -36.22
N GLN A 54 3.51 52.23 -36.73
CA GLN A 54 4.23 53.49 -36.79
C GLN A 54 3.43 54.52 -37.55
N LYS A 55 2.78 54.09 -38.63
CA LYS A 55 1.97 55.02 -39.40
C LYS A 55 0.49 54.98 -39.10
N LEU A 56 -0.08 53.80 -39.22
CA LEU A 56 -1.51 53.62 -39.07
C LEU A 56 -2.08 53.92 -37.71
N GLY A 57 -1.38 53.48 -36.69
CA GLY A 57 -1.91 53.62 -35.36
C GLY A 57 -2.20 52.25 -34.78
N PRO A 58 -2.93 52.24 -33.68
CA PRO A 58 -3.33 51.03 -32.97
C PRO A 58 -4.13 50.03 -33.74
N VAL A 59 -5.11 50.53 -34.49
CA VAL A 59 -5.97 49.64 -35.24
C VAL A 59 -5.80 49.80 -36.74
N TYR A 60 -5.55 48.71 -37.43
CA TYR A 60 -5.43 48.72 -38.88
C TYR A 60 -5.99 47.43 -39.41
N ARG A 61 -6.43 47.45 -40.65
CA ARG A 61 -7.00 46.26 -41.26
C ARG A 61 -5.87 45.61 -42.01
N LEU A 62 -5.67 44.33 -41.78
CA LEU A 62 -4.57 43.66 -42.45
C LEU A 62 -4.95 42.24 -42.90
N ARG A 63 -4.34 41.81 -44.01
CA ARG A 63 -4.58 40.48 -44.54
C ARG A 63 -3.58 39.45 -44.05
N LEU A 64 -3.82 38.85 -42.89
CA LEU A 64 -2.89 37.85 -42.43
C LEU A 64 -2.88 36.70 -43.41
N GLY A 65 -4.08 36.31 -43.84
CA GLY A 65 -4.20 35.19 -44.77
C GLY A 65 -4.59 35.70 -46.12
N LEU A 66 -5.81 35.43 -46.55
CA LEU A 66 -6.26 35.98 -47.83
C LEU A 66 -7.42 36.91 -47.55
N GLN A 67 -7.81 36.98 -46.29
CA GLN A 67 -8.95 37.78 -45.88
C GLN A 67 -8.54 38.93 -45.00
N GLU A 68 -9.16 40.08 -45.17
CA GLU A 68 -8.77 41.24 -44.40
C GLU A 68 -9.13 41.15 -42.95
N VAL A 69 -8.11 41.02 -42.12
CA VAL A 69 -8.32 40.88 -40.70
C VAL A 69 -7.92 42.16 -39.98
N VAL A 70 -8.79 42.66 -39.12
CA VAL A 70 -8.51 43.87 -38.37
C VAL A 70 -7.74 43.55 -37.07
N VAL A 71 -6.54 44.11 -36.92
CA VAL A 71 -5.72 43.86 -35.74
C VAL A 71 -5.83 45.01 -34.75
N LEU A 72 -5.28 44.81 -33.56
CA LEU A 72 -5.30 45.82 -32.51
C LEU A 72 -3.97 45.72 -31.76
N ASN A 73 -3.27 46.84 -31.61
CA ASN A 73 -1.97 46.81 -30.92
C ASN A 73 -1.77 47.86 -29.81
N SER A 74 -2.60 47.82 -28.78
CA SER A 74 -2.48 48.77 -27.67
C SER A 74 -3.35 48.33 -26.48
N LYS A 75 -2.80 48.49 -25.28
CA LYS A 75 -3.50 48.09 -24.07
C LYS A 75 -4.88 48.76 -23.98
N ARG A 76 -5.06 49.85 -24.73
CA ARG A 76 -6.32 50.59 -24.71
C ARG A 76 -7.40 50.06 -25.64
N THR A 77 -7.05 49.91 -26.91
CA THR A 77 -8.00 49.44 -27.90
C THR A 77 -8.30 47.97 -27.67
N ILE A 78 -7.24 47.18 -27.49
CA ILE A 78 -7.39 45.75 -27.26
C ILE A 78 -8.22 45.48 -26.01
N GLU A 79 -8.53 46.54 -25.29
CA GLU A 79 -9.30 46.41 -24.05
C GLU A 79 -10.67 47.01 -24.23
N GLU A 80 -10.80 47.94 -25.17
CA GLU A 80 -12.07 48.60 -25.44
C GLU A 80 -13.01 47.60 -26.12
N ALA A 81 -12.47 46.89 -27.11
CA ALA A 81 -13.26 45.93 -27.86
C ALA A 81 -13.38 44.62 -27.11
N MET A 82 -12.70 44.53 -25.97
CA MET A 82 -12.76 43.33 -25.16
C MET A 82 -13.57 43.48 -23.90
N ILE A 83 -13.32 44.56 -23.16
CA ILE A 83 -14.05 44.80 -21.92
C ILE A 83 -15.24 45.75 -22.10
N ARG A 84 -14.98 46.96 -22.62
CA ARG A 84 -16.05 47.92 -22.82
C ARG A 84 -17.22 47.36 -23.62
N LYS A 85 -17.02 47.08 -24.90
CA LYS A 85 -18.16 46.57 -25.65
C LYS A 85 -18.63 45.23 -25.14
N TRP A 86 -17.69 44.32 -24.97
CA TRP A 86 -17.95 42.98 -24.44
C TRP A 86 -18.88 42.13 -25.26
N VAL A 87 -20.06 42.65 -25.49
CA VAL A 87 -21.08 41.92 -26.20
C VAL A 87 -20.68 41.63 -27.62
N ASP A 88 -20.06 42.62 -28.24
CA ASP A 88 -19.66 42.62 -29.64
C ASP A 88 -18.59 41.75 -30.28
N PHE A 89 -17.39 41.80 -29.73
CA PHE A 89 -16.28 41.03 -30.30
C PHE A 89 -15.95 39.86 -29.42
N ALA A 90 -17.00 39.24 -28.89
CA ALA A 90 -16.88 38.10 -28.01
C ALA A 90 -16.85 36.69 -28.66
N GLY A 91 -17.46 36.57 -29.82
CA GLY A 91 -17.51 35.29 -30.50
C GLY A 91 -16.24 34.95 -31.21
N ARG A 92 -16.23 33.81 -31.89
CA ARG A 92 -15.06 33.35 -32.64
C ARG A 92 -15.51 32.82 -34.00
N PRO A 93 -14.73 33.12 -35.07
CA PRO A 93 -15.09 32.64 -36.40
C PRO A 93 -14.90 31.13 -36.50
N GLN A 94 -15.80 30.45 -37.19
CA GLN A 94 -15.67 29.04 -37.35
C GLN A 94 -14.98 29.05 -38.71
N ILE A 95 -13.73 28.61 -38.72
CA ILE A 95 -12.96 28.55 -39.96
C ILE A 95 -12.96 27.05 -40.13
N PRO A 96 -12.63 26.55 -41.33
CA PRO A 96 -12.60 25.10 -41.58
C PRO A 96 -11.56 24.30 -40.79
N SER A 97 -10.82 24.97 -39.93
CA SER A 97 -9.80 24.31 -39.11
C SER A 97 -10.29 24.00 -37.71
N TYR A 98 -11.27 24.72 -37.21
CA TYR A 98 -11.80 24.49 -35.88
C TYR A 98 -12.75 23.31 -35.84
N LYS A 99 -13.74 23.31 -36.74
CA LYS A 99 -14.71 22.23 -36.82
C LYS A 99 -14.03 20.90 -37.13
N LEU A 100 -12.72 20.95 -37.38
CA LEU A 100 -11.99 19.71 -37.60
C LEU A 100 -11.91 18.98 -36.27
N VAL A 101 -11.83 19.73 -35.17
CA VAL A 101 -11.75 19.15 -33.84
C VAL A 101 -13.10 19.16 -33.11
N SER A 102 -14.17 19.55 -33.82
CA SER A 102 -15.49 19.66 -33.22
C SER A 102 -16.05 18.37 -32.64
N GLN A 103 -15.85 17.25 -33.34
CA GLN A 103 -16.40 15.97 -32.87
C GLN A 103 -17.91 16.18 -32.75
N ARG A 104 -18.45 15.91 -31.55
CA ARG A 104 -19.86 16.14 -31.30
C ARG A 104 -20.05 17.64 -31.47
N CYS A 105 -19.05 18.40 -31.06
CA CYS A 105 -19.03 19.85 -31.24
C CYS A 105 -19.34 20.65 -30.01
N GLN A 106 -18.87 21.89 -30.00
CA GLN A 106 -19.03 22.79 -28.88
C GLN A 106 -17.84 22.63 -27.94
N ASP A 107 -17.56 23.66 -27.15
CA ASP A 107 -16.48 23.61 -26.17
C ASP A 107 -15.79 24.96 -25.98
N ILE A 108 -14.80 24.98 -25.11
CA ILE A 108 -14.06 26.19 -24.82
C ILE A 108 -13.08 26.54 -25.93
N SER A 109 -12.88 27.84 -26.12
CA SER A 109 -11.90 28.35 -27.08
C SER A 109 -12.33 28.30 -28.53
N LEU A 110 -12.01 27.21 -29.22
CA LEU A 110 -12.36 27.04 -30.62
C LEU A 110 -13.85 27.30 -30.86
N GLY A 111 -14.69 26.69 -30.04
CA GLY A 111 -16.12 26.86 -30.20
C GLY A 111 -16.54 28.31 -30.21
N ASP A 112 -17.51 28.63 -31.04
CA ASP A 112 -18.03 30.00 -31.15
C ASP A 112 -18.81 30.35 -29.87
N TYR A 113 -19.41 31.55 -29.86
CA TYR A 113 -20.23 32.00 -28.74
C TYR A 113 -21.54 31.29 -28.93
N SER A 114 -22.51 31.64 -28.08
CA SER A 114 -23.84 31.07 -28.11
C SER A 114 -24.09 30.91 -26.63
N LEU A 115 -25.35 30.93 -26.22
CA LEU A 115 -25.70 30.80 -24.82
C LEU A 115 -25.15 29.55 -24.18
N LEU A 116 -25.02 28.47 -24.97
CA LEU A 116 -24.49 27.19 -24.48
C LEU A 116 -23.02 27.34 -24.03
N TRP A 117 -22.20 27.90 -24.91
CA TRP A 117 -20.78 28.11 -24.60
C TRP A 117 -20.63 28.88 -23.29
N LYS A 118 -21.47 29.89 -23.11
CA LYS A 118 -21.45 30.72 -21.91
C LYS A 118 -21.60 29.85 -20.66
N ALA A 119 -22.59 28.99 -20.65
CA ALA A 119 -22.83 28.11 -19.52
C ALA A 119 -21.81 26.98 -19.54
N HIS A 120 -21.22 26.75 -20.70
CA HIS A 120 -20.23 25.71 -20.87
C HIS A 120 -18.94 26.14 -20.19
N LYS A 121 -18.61 27.43 -20.34
CA LYS A 121 -17.42 28.00 -19.75
C LYS A 121 -17.52 28.01 -18.22
N LYS A 122 -18.65 28.49 -17.73
CA LYS A 122 -18.91 28.58 -16.29
C LYS A 122 -18.79 27.24 -15.56
N LEU A 123 -19.07 26.16 -16.27
CA LEU A 123 -19.01 24.83 -15.67
C LEU A 123 -17.58 24.31 -15.61
N THR A 124 -16.88 24.32 -16.74
CA THR A 124 -15.51 23.83 -16.80
C THR A 124 -14.54 24.75 -16.09
N ARG A 125 -14.99 25.96 -15.77
CA ARG A 125 -14.16 26.93 -15.07
C ARG A 125 -14.28 26.77 -13.56
N SER A 126 -15.50 26.49 -13.09
CA SER A 126 -15.74 26.31 -11.67
C SER A 126 -14.98 25.08 -11.18
N ALA A 127 -14.67 24.17 -12.09
CA ALA A 127 -13.94 22.96 -11.76
C ALA A 127 -12.53 23.32 -11.34
N LEU A 128 -11.92 24.22 -12.09
CA LEU A 128 -10.57 24.69 -11.83
C LEU A 128 -10.58 25.50 -10.53
N LEU A 129 -11.77 25.91 -10.13
CA LEU A 129 -11.93 26.72 -8.92
C LEU A 129 -12.44 25.86 -7.76
N LEU A 130 -12.90 24.65 -8.08
CA LEU A 130 -13.44 23.71 -7.10
C LEU A 130 -14.13 24.42 -5.95
N ARG A 133 -13.93 21.17 -1.05
CA ARG A 133 -13.55 20.07 -0.17
C ARG A 133 -12.25 19.42 -0.67
N SER A 134 -11.81 19.87 -1.85
CA SER A 134 -10.59 19.36 -2.46
C SER A 134 -9.81 20.54 -3.04
N SER A 135 -9.04 21.21 -2.19
CA SER A 135 -8.23 22.35 -2.60
C SER A 135 -7.02 21.87 -3.39
N MET A 136 -6.90 22.35 -4.62
CA MET A 136 -5.77 21.97 -5.49
C MET A 136 -4.48 22.68 -5.08
N GLU A 137 -4.60 23.65 -4.17
CA GLU A 137 -3.44 24.39 -3.71
C GLU A 137 -2.30 23.49 -3.20
N PRO A 138 -2.60 22.63 -2.21
CA PRO A 138 -1.58 21.74 -1.66
C PRO A 138 -0.85 20.86 -2.65
N TRP A 139 -1.59 20.10 -3.45
CA TRP A 139 -0.99 19.20 -4.42
C TRP A 139 0.05 19.87 -5.31
N VAL A 140 -0.24 21.08 -5.77
CA VAL A 140 0.69 21.79 -6.63
C VAL A 140 2.02 22.00 -5.92
N ASP A 141 1.96 22.52 -4.70
CA ASP A 141 3.17 22.80 -3.92
C ASP A 141 3.94 21.52 -3.59
N GLN A 142 3.27 20.38 -3.69
CA GLN A 142 3.91 19.10 -3.40
C GLN A 142 4.47 18.46 -4.67
N LEU A 143 3.65 18.43 -5.72
CA LEU A 143 4.06 17.86 -6.99
C LEU A 143 5.37 18.44 -7.46
N THR A 144 5.53 19.75 -7.29
CA THR A 144 6.76 20.42 -7.70
C THR A 144 7.96 19.97 -6.87
N GLN A 145 7.73 19.69 -5.59
CA GLN A 145 8.81 19.26 -4.72
C GLN A 145 9.46 17.98 -5.26
N GLU A 146 8.62 17.02 -5.64
CA GLU A 146 9.10 15.76 -6.17
C GLU A 146 10.01 16.06 -7.35
N PHE A 147 9.67 17.11 -8.09
CA PHE A 147 10.45 17.52 -9.26
C PHE A 147 11.80 18.06 -8.85
N CYS A 148 11.80 18.88 -7.81
CA CYS A 148 13.04 19.46 -7.31
C CYS A 148 14.03 18.35 -6.97
N GLU A 149 13.55 17.33 -6.26
CA GLU A 149 14.39 16.20 -5.89
C GLU A 149 14.89 15.48 -7.15
N ARG A 150 13.96 15.21 -8.06
CA ARG A 150 14.25 14.53 -9.30
C ARG A 150 15.36 15.24 -10.05
N MET A 151 15.37 16.57 -9.96
CA MET A 151 16.37 17.37 -10.63
C MET A 151 17.60 17.51 -9.76
N ARG A 152 17.36 17.56 -8.45
CA ARG A 152 18.43 17.71 -7.46
C ARG A 152 19.41 16.52 -7.52
N VAL A 153 18.91 15.38 -8.02
CA VAL A 153 19.74 14.18 -8.13
C VAL A 153 20.51 14.21 -9.43
N GLN A 154 20.11 15.11 -10.33
CA GLN A 154 20.76 15.26 -11.62
C GLN A 154 22.09 16.01 -11.49
N ALA A 155 22.01 17.26 -11.05
CA ALA A 155 23.19 18.11 -10.88
C ALA A 155 23.92 18.29 -12.20
N GLY A 156 23.35 17.72 -13.26
CA GLY A 156 23.95 17.84 -14.57
C GLY A 156 23.34 18.93 -15.41
N ALA A 157 23.07 18.64 -16.67
CA ALA A 157 22.52 19.63 -17.56
C ALA A 157 21.29 19.09 -18.24
N PRO A 158 20.20 18.99 -17.50
CA PRO A 158 18.91 18.50 -18.00
C PRO A 158 18.29 19.57 -18.85
N VAL A 159 17.58 19.19 -19.91
CA VAL A 159 16.90 20.19 -20.73
C VAL A 159 15.76 20.65 -19.86
N THR A 160 15.63 21.93 -19.62
CA THR A 160 14.55 22.37 -18.78
C THR A 160 13.20 22.18 -19.39
N ILE A 161 13.11 22.37 -20.70
CA ILE A 161 11.82 22.37 -21.33
C ILE A 161 11.00 21.15 -21.05
N GLN A 162 11.59 19.98 -21.19
CA GLN A 162 10.83 18.79 -20.91
C GLN A 162 10.52 18.67 -19.42
N LYS A 163 11.53 18.93 -18.59
CA LYS A 163 11.37 18.70 -17.19
C LYS A 163 10.22 19.48 -16.64
N GLU A 164 10.11 20.73 -17.04
CA GLU A 164 9.00 21.53 -16.59
C GLU A 164 7.79 21.27 -17.47
N PHE A 165 8.06 20.99 -18.74
CA PHE A 165 6.98 20.72 -19.71
C PHE A 165 6.26 19.45 -19.25
N SER A 166 6.89 18.75 -18.30
CA SER A 166 6.33 17.52 -17.76
C SER A 166 5.94 17.72 -16.31
N LEU A 167 6.38 18.85 -15.75
CA LEU A 167 6.07 19.16 -14.36
C LEU A 167 4.61 19.49 -14.23
N LEU A 168 4.11 20.35 -15.10
CA LEU A 168 2.71 20.75 -15.08
C LEU A 168 1.81 19.61 -15.48
N THR A 169 2.26 18.79 -16.42
CA THR A 169 1.47 17.66 -16.88
C THR A 169 1.25 16.73 -15.69
N CYS A 170 2.32 16.45 -14.95
CA CYS A 170 2.22 15.57 -13.80
C CYS A 170 1.19 16.15 -12.79
N SER A 171 0.92 17.45 -12.94
CA SER A 171 -0.01 18.20 -12.08
C SER A 171 -1.47 18.42 -12.45
N ILE A 172 -1.73 18.63 -13.73
CA ILE A 172 -3.06 18.89 -14.23
C ILE A 172 -3.70 17.52 -14.35
N ILE A 173 -2.85 16.53 -14.58
CA ILE A 173 -3.31 15.15 -14.74
C ILE A 173 -3.75 14.53 -13.41
N CYS A 174 -3.27 15.06 -12.29
CA CYS A 174 -3.61 14.52 -10.98
C CYS A 174 -4.98 14.99 -10.49
N TYR A 175 -5.27 16.29 -10.64
CA TYR A 175 -6.55 16.83 -10.18
C TYR A 175 -7.52 17.27 -11.28
N LEU A 176 -7.61 16.50 -12.36
CA LEU A 176 -8.51 16.87 -13.45
C LEU A 176 -9.08 15.68 -14.22
N THR A 177 -8.31 14.59 -14.32
CA THR A 177 -8.78 13.39 -15.01
C THR A 177 -8.32 12.13 -14.29
N PHE A 178 -9.26 11.50 -13.59
CA PHE A 178 -9.02 10.25 -12.85
C PHE A 178 -7.91 10.36 -11.85
N GLY A 179 -7.35 11.55 -11.70
CA GLY A 179 -6.25 11.72 -10.78
C GLY A 179 -5.28 10.56 -10.73
N ASN A 180 -4.67 10.25 -11.87
CA ASN A 180 -3.72 9.15 -11.94
C ASN A 180 -2.34 9.60 -11.50
N LYS A 181 -1.85 10.70 -12.08
CA LYS A 181 -0.54 11.24 -11.75
C LYS A 181 0.60 10.27 -12.10
N GLU A 182 0.30 8.99 -12.15
CA GLU A 182 1.30 7.98 -12.46
C GLU A 182 2.02 8.35 -13.75
N ASP A 183 3.35 8.27 -13.71
CA ASP A 183 4.18 8.58 -14.87
C ASP A 183 3.88 7.66 -16.07
N THR A 184 2.95 6.72 -15.86
CA THR A 184 2.57 5.78 -16.92
C THR A 184 1.43 6.38 -17.70
N LEU A 185 0.54 7.10 -17.03
CA LEU A 185 -0.61 7.75 -17.67
C LEU A 185 -0.33 9.23 -17.94
N VAL A 186 0.72 9.75 -17.32
CA VAL A 186 1.12 11.14 -17.52
C VAL A 186 1.99 11.27 -18.76
N HIS A 187 3.07 10.50 -18.81
CA HIS A 187 3.97 10.53 -19.96
C HIS A 187 3.24 10.15 -21.23
N ALA A 188 2.04 9.59 -21.07
CA ALA A 188 1.21 9.19 -22.19
C ALA A 188 0.34 10.38 -22.63
N PHE A 189 -0.18 11.09 -21.64
CA PHE A 189 -1.01 12.26 -21.92
C PHE A 189 -0.12 13.42 -22.33
N HIS A 190 1.00 13.56 -21.65
CA HIS A 190 1.95 14.63 -21.95
C HIS A 190 2.42 14.52 -23.38
N ASP A 191 2.69 13.29 -23.82
CA ASP A 191 3.13 13.05 -25.19
C ASP A 191 2.04 13.36 -26.19
N CYS A 192 0.79 13.15 -25.80
CA CYS A 192 -0.34 13.44 -26.67
C CYS A 192 -0.46 14.94 -26.90
N VAL A 193 0.04 15.72 -25.94
CA VAL A 193 -0.02 17.16 -26.04
C VAL A 193 0.90 17.70 -27.14
N GLN A 194 2.21 17.47 -26.97
CA GLN A 194 3.20 17.93 -27.94
C GLN A 194 2.90 17.45 -29.37
N ASP A 195 2.49 16.19 -29.51
CA ASP A 195 2.19 15.64 -30.82
C ASP A 195 0.86 16.13 -31.38
N LEU A 196 0.06 16.78 -30.53
CA LEU A 196 -1.24 17.30 -30.95
C LEU A 196 -1.11 18.77 -31.31
N MET A 197 0.11 19.29 -31.22
CA MET A 197 0.39 20.70 -31.51
C MET A 197 1.03 20.97 -32.86
N LYS A 198 2.08 20.22 -33.18
CA LYS A 198 2.81 20.40 -34.43
C LYS A 198 1.99 19.85 -35.56
N THR A 199 0.83 19.31 -35.22
CA THR A 199 -0.07 18.75 -36.22
C THR A 199 -1.24 19.68 -36.51
N TRP A 200 -1.44 20.65 -35.62
CA TRP A 200 -2.52 21.60 -35.80
C TRP A 200 -1.96 22.93 -36.28
N ASP A 201 -0.71 23.19 -35.90
CA ASP A 201 -0.04 24.42 -36.31
C ASP A 201 1.05 24.13 -37.35
N HIS A 202 0.60 23.74 -38.53
CA HIS A 202 1.52 23.44 -39.64
C HIS A 202 0.84 23.86 -40.93
N TRP A 203 1.51 24.68 -41.71
CA TRP A 203 0.96 25.16 -42.97
C TRP A 203 0.07 24.15 -43.67
N SER A 204 0.51 22.90 -43.68
CA SER A 204 -0.25 21.83 -44.32
C SER A 204 -1.71 21.83 -43.91
N ILE A 205 -1.95 22.00 -42.61
CA ILE A 205 -3.32 21.99 -42.09
C ILE A 205 -3.89 23.41 -42.07
N GLN A 206 -3.02 24.40 -42.08
CA GLN A 206 -3.45 25.78 -42.05
C GLN A 206 -3.97 26.26 -43.39
N ILE A 207 -3.26 25.91 -44.45
CA ILE A 207 -3.65 26.33 -45.80
C ILE A 207 -5.10 25.93 -46.09
N LEU A 208 -5.52 24.80 -45.53
CA LEU A 208 -6.87 24.29 -45.72
C LEU A 208 -7.93 25.36 -45.40
N ASP A 209 -7.54 26.33 -44.58
CA ASP A 209 -8.43 27.40 -44.16
C ASP A 209 -8.33 28.59 -45.10
N MET A 210 -7.13 28.86 -45.59
CA MET A 210 -6.92 29.98 -46.50
C MET A 210 -7.53 29.65 -47.85
N VAL A 211 -7.30 28.41 -48.31
CA VAL A 211 -7.83 27.96 -49.60
C VAL A 211 -8.81 26.79 -49.34
N PRO A 212 -10.06 27.11 -48.93
CA PRO A 212 -11.09 26.11 -48.65
C PRO A 212 -11.59 25.38 -49.88
N PHE A 213 -11.64 26.12 -50.99
CA PHE A 213 -12.13 25.66 -52.29
C PHE A 213 -11.14 24.65 -52.78
N LEU A 214 -10.16 24.38 -51.92
CA LEU A 214 -9.06 23.52 -52.26
C LEU A 214 -9.52 22.20 -52.78
N ARG A 215 -10.60 21.70 -52.22
CA ARG A 215 -11.11 20.38 -52.61
C ARG A 215 -10.40 19.38 -51.71
N PHE A 216 -9.57 19.89 -50.83
CA PHE A 216 -8.90 19.07 -49.84
C PHE A 216 -8.24 17.88 -50.47
N PHE A 217 -7.50 18.15 -51.53
CA PHE A 217 -6.80 17.09 -52.21
C PHE A 217 -6.07 16.52 -51.03
N PRO A 218 -5.80 15.21 -51.06
CA PRO A 218 -5.11 14.62 -49.92
C PRO A 218 -3.81 15.34 -49.68
N ASN A 219 -3.58 15.76 -48.44
CA ASN A 219 -2.34 16.43 -48.07
C ASN A 219 -1.82 15.57 -46.94
N PRO A 220 -0.50 15.47 -46.82
CA PRO A 220 0.08 14.66 -45.75
C PRO A 220 -0.24 15.15 -44.37
N GLY A 221 -0.23 16.45 -44.14
CA GLY A 221 -0.44 16.91 -42.78
C GLY A 221 -1.76 16.51 -42.17
N LEU A 222 -2.83 16.67 -42.94
CA LEU A 222 -4.16 16.32 -42.46
C LEU A 222 -4.20 14.91 -41.90
N TRP A 223 -3.47 14.01 -42.53
CA TRP A 223 -3.40 12.62 -42.10
C TRP A 223 -2.74 12.49 -40.73
N ARG A 224 -1.63 13.20 -40.55
CA ARG A 224 -0.89 13.16 -39.29
C ARG A 224 -1.71 13.74 -38.14
N LEU A 225 -2.61 14.67 -38.46
CA LEU A 225 -3.45 15.30 -37.46
C LEU A 225 -4.61 14.40 -37.07
N LYS A 226 -5.42 14.04 -38.06
CA LYS A 226 -6.58 13.17 -37.83
C LYS A 226 -6.15 11.92 -37.02
N GLN A 227 -4.93 11.44 -37.26
CA GLN A 227 -4.42 10.26 -36.58
C GLN A 227 -4.05 10.55 -35.13
N ALA A 228 -3.46 11.72 -34.90
CA ALA A 228 -3.05 12.10 -33.56
C ALA A 228 -4.22 12.69 -32.75
N ILE A 229 -5.25 13.17 -33.46
CA ILE A 229 -6.40 13.76 -32.81
C ILE A 229 -7.26 12.69 -32.17
N GLU A 230 -7.07 11.45 -32.62
CA GLU A 230 -7.82 10.32 -32.09
C GLU A 230 -7.37 10.02 -30.67
N ASN A 231 -6.07 9.94 -30.45
CA ASN A 231 -5.53 9.67 -29.12
C ASN A 231 -6.12 10.65 -28.11
N ARG A 232 -6.41 11.86 -28.58
CA ARG A 232 -6.97 12.89 -27.73
C ARG A 232 -8.45 12.60 -27.45
N ASP A 233 -9.11 11.93 -28.39
CA ASP A 233 -10.51 11.56 -28.24
C ASP A 233 -10.66 10.26 -27.50
N HIS A 234 -9.71 9.35 -27.72
CA HIS A 234 -9.69 8.03 -27.08
C HIS A 234 -9.27 8.09 -25.61
N MET A 235 -8.14 8.74 -25.32
CA MET A 235 -7.63 8.85 -23.96
C MET A 235 -8.64 9.47 -23.01
N VAL A 236 -9.59 10.22 -23.56
CA VAL A 236 -10.64 10.85 -22.74
C VAL A 236 -11.88 9.95 -22.67
N GLU A 237 -12.06 9.10 -23.69
CA GLU A 237 -13.20 8.18 -23.72
C GLU A 237 -12.96 6.98 -22.83
N LYS A 238 -11.72 6.48 -22.82
CA LYS A 238 -11.36 5.33 -22.00
C LYS A 238 -11.29 5.73 -20.52
N GLN A 239 -11.06 7.02 -20.28
CA GLN A 239 -10.96 7.53 -18.93
C GLN A 239 -12.33 7.92 -18.39
N LEU A 240 -13.01 8.81 -19.12
CA LEU A 240 -14.34 9.29 -18.72
C LEU A 240 -15.27 8.16 -18.26
N ARG A 241 -15.00 6.93 -18.70
CA ARG A 241 -15.83 5.81 -18.33
C ARG A 241 -15.56 5.36 -16.91
N ARG A 242 -14.27 5.30 -16.57
CA ARG A 242 -13.86 4.87 -15.23
C ARG A 242 -14.43 5.88 -14.27
N HIS A 243 -14.41 7.13 -14.69
CA HIS A 243 -14.98 8.16 -13.86
C HIS A 243 -16.47 7.94 -13.75
N LYS A 244 -17.12 7.56 -14.85
CA LYS A 244 -18.56 7.41 -14.76
C LYS A 244 -18.98 6.38 -13.73
N GLU A 245 -18.35 5.22 -13.76
CA GLU A 245 -18.72 4.21 -12.79
C GLU A 245 -18.23 4.46 -11.34
N SER A 246 -17.00 4.93 -11.14
CA SER A 246 -16.50 5.14 -9.78
C SER A 246 -16.96 6.49 -9.29
N MET A 247 -18.25 6.65 -9.08
CA MET A 247 -18.79 7.94 -8.72
C MET A 247 -19.58 7.91 -7.45
N VAL A 248 -19.46 9.00 -6.70
CA VAL A 248 -20.17 9.16 -5.44
C VAL A 248 -20.89 10.50 -5.44
N ALA A 249 -21.45 10.82 -4.29
CA ALA A 249 -22.27 12.02 -4.05
C ALA A 249 -21.79 13.38 -4.53
N GLY A 250 -20.49 13.59 -4.52
CA GLY A 250 -19.94 14.86 -4.96
C GLY A 250 -18.87 14.69 -6.01
N GLN A 251 -17.69 15.17 -5.66
CA GLN A 251 -16.54 15.15 -6.53
C GLN A 251 -15.61 14.04 -6.13
N TRP A 252 -15.14 13.32 -7.16
CA TRP A 252 -14.22 12.23 -6.99
C TRP A 252 -12.91 12.95 -6.80
N ARG A 253 -11.81 12.23 -6.92
CA ARG A 253 -10.52 12.87 -6.72
C ARG A 253 -10.28 13.99 -7.69
N ASP A 254 -10.68 13.78 -8.93
CA ASP A 254 -10.42 14.70 -10.02
C ASP A 254 -11.55 15.67 -10.36
N MET A 255 -11.31 16.55 -11.33
CA MET A 255 -12.32 17.52 -11.78
C MET A 255 -13.36 16.84 -12.67
N THR A 256 -12.96 15.82 -13.40
CA THR A 256 -13.86 15.11 -14.30
C THR A 256 -15.14 14.70 -13.58
N ASP A 257 -14.99 14.16 -12.38
CA ASP A 257 -16.15 13.74 -11.59
C ASP A 257 -17.11 14.90 -11.34
N TYR A 258 -16.58 16.13 -11.36
CA TYR A 258 -17.40 17.31 -11.13
C TYR A 258 -18.17 17.68 -12.39
N MET A 259 -17.45 17.82 -13.49
CA MET A 259 -18.06 18.18 -14.76
C MET A 259 -18.96 17.04 -15.28
N LEU A 260 -18.43 15.82 -15.30
CA LEU A 260 -19.17 14.67 -15.79
C LEU A 260 -20.45 14.47 -15.01
N GLN A 261 -20.57 15.17 -13.88
CA GLN A 261 -21.75 15.08 -13.04
C GLN A 261 -22.59 16.37 -13.10
N GLY A 262 -21.92 17.51 -13.08
CA GLY A 262 -22.61 18.78 -13.12
C GLY A 262 -23.29 19.05 -14.44
N VAL A 263 -23.34 18.04 -15.31
CA VAL A 263 -23.96 18.18 -16.63
C VAL A 263 -25.28 17.43 -16.70
N GLY A 264 -25.28 16.19 -16.23
CA GLY A 264 -26.49 15.39 -16.25
C GLY A 264 -27.45 15.77 -15.15
N ARG A 265 -27.33 17.01 -14.66
CA ARG A 265 -28.20 17.50 -13.59
C ARG A 265 -28.59 18.96 -13.83
N GLN A 266 -28.28 19.46 -15.01
CA GLN A 266 -28.60 20.85 -15.36
C GLN A 266 -30.07 21.12 -15.05
N ARG A 267 -30.36 22.32 -14.57
CA ARG A 267 -31.72 22.66 -14.24
C ARG A 267 -32.52 23.29 -15.40
N VAL A 268 -31.94 23.22 -16.60
CA VAL A 268 -32.55 23.75 -17.82
C VAL A 268 -32.23 25.24 -17.87
N GLN A 274 -29.20 23.63 -22.50
CA GLN A 274 -28.68 22.43 -23.13
C GLN A 274 -27.57 21.82 -22.29
N LEU A 275 -26.33 22.08 -22.68
CA LEU A 275 -25.19 21.52 -21.95
C LEU A 275 -25.12 19.98 -22.04
N LEU A 276 -25.05 19.47 -23.26
CA LEU A 276 -25.00 18.03 -23.51
C LEU A 276 -23.75 17.33 -23.00
N GLU A 277 -23.94 16.04 -22.70
CA GLU A 277 -22.92 15.15 -22.16
C GLU A 277 -21.55 15.29 -22.85
N GLY A 278 -21.56 15.35 -24.17
CA GLY A 278 -20.33 15.46 -24.93
C GLY A 278 -19.44 16.61 -24.52
N HIS A 279 -20.05 17.70 -24.09
CA HIS A 279 -19.31 18.89 -23.68
C HIS A 279 -18.22 18.57 -22.66
N VAL A 280 -18.49 17.62 -21.77
CA VAL A 280 -17.52 17.24 -20.75
C VAL A 280 -16.25 16.67 -21.37
N HIS A 281 -16.44 15.90 -22.44
CA HIS A 281 -15.34 15.28 -23.15
C HIS A 281 -14.37 16.31 -23.67
N MET A 282 -14.89 17.47 -24.08
CA MET A 282 -14.05 18.55 -24.60
C MET A 282 -13.47 19.42 -23.48
N SER A 283 -14.29 19.74 -22.50
CA SER A 283 -13.87 20.56 -21.37
C SER A 283 -12.62 19.96 -20.74
N VAL A 284 -12.55 18.65 -20.70
CA VAL A 284 -11.40 18.02 -20.11
C VAL A 284 -10.18 18.30 -20.95
N VAL A 285 -10.37 18.27 -22.25
CA VAL A 285 -9.27 18.43 -23.16
C VAL A 285 -8.50 19.69 -22.97
N ASP A 286 -9.17 20.82 -22.88
CA ASP A 286 -8.41 22.03 -22.80
C ASP A 286 -7.56 21.97 -21.56
N LEU A 287 -8.15 21.67 -20.43
CA LEU A 287 -7.33 21.60 -19.24
C LEU A 287 -6.46 20.36 -19.21
N PHE A 288 -7.07 19.21 -19.49
CA PHE A 288 -6.41 17.91 -19.32
C PHE A 288 -5.17 17.83 -20.16
N ILE A 289 -5.29 18.29 -21.38
CA ILE A 289 -4.17 18.28 -22.26
C ILE A 289 -3.90 19.68 -22.80
N GLY A 290 -4.48 20.69 -22.18
CA GLY A 290 -4.20 22.05 -22.63
C GLY A 290 -3.42 22.80 -21.59
N GLY A 291 -3.55 22.38 -20.35
CA GLY A 291 -2.87 23.08 -19.29
C GLY A 291 -1.38 22.98 -19.37
N THR A 292 -0.93 21.84 -19.84
CA THR A 292 0.46 21.50 -19.89
C THR A 292 1.44 22.33 -20.70
N GLU A 293 1.00 22.81 -21.85
CA GLU A 293 1.93 23.48 -22.77
C GLU A 293 2.17 24.95 -22.50
N THR A 294 1.08 25.69 -22.38
CA THR A 294 1.13 27.13 -22.12
C THR A 294 1.94 27.53 -20.90
N THR A 295 1.53 27.04 -19.74
CA THR A 295 2.26 27.35 -18.51
C THR A 295 3.72 26.94 -18.56
N ALA A 296 4.00 25.80 -19.19
CA ALA A 296 5.37 25.29 -19.30
C ALA A 296 6.24 26.30 -20.02
N SER A 297 5.75 26.79 -21.16
CA SER A 297 6.47 27.78 -21.94
C SER A 297 6.83 29.00 -21.07
N THR A 298 5.86 29.51 -20.30
CA THR A 298 6.09 30.67 -19.45
C THR A 298 7.23 30.38 -18.50
N LEU A 299 7.20 29.22 -17.87
CA LEU A 299 8.24 28.82 -16.94
C LEU A 299 9.58 28.74 -17.62
N SER A 300 9.62 28.08 -18.78
CA SER A 300 10.86 27.93 -19.53
C SER A 300 11.43 29.29 -19.91
N TRP A 301 10.55 30.20 -20.36
CA TRP A 301 10.98 31.53 -20.76
C TRP A 301 11.63 32.27 -19.60
N ALA A 302 11.01 32.17 -18.43
CA ALA A 302 11.52 32.83 -17.24
C ALA A 302 12.95 32.37 -16.96
N VAL A 303 13.18 31.06 -17.04
CA VAL A 303 14.50 30.49 -16.79
C VAL A 303 15.52 31.06 -17.78
N ALA A 304 15.13 31.14 -19.05
CA ALA A 304 16.00 31.67 -20.10
C ALA A 304 16.41 33.10 -19.80
N PHE A 305 15.55 33.85 -19.14
CA PHE A 305 15.85 35.24 -18.80
C PHE A 305 16.83 35.36 -17.62
N LEU A 306 16.63 34.56 -16.58
CA LEU A 306 17.51 34.61 -15.41
C LEU A 306 18.93 34.21 -15.80
N LEU A 307 19.07 33.45 -16.88
CA LEU A 307 20.38 33.03 -17.35
C LEU A 307 21.18 34.23 -17.81
N HIS A 308 20.50 35.21 -18.40
CA HIS A 308 21.15 36.44 -18.88
C HIS A 308 21.26 37.47 -17.75
N HIS A 309 20.40 37.35 -16.75
CA HIS A 309 20.39 38.28 -15.63
C HIS A 309 20.62 37.60 -14.28
N PRO A 310 21.88 37.45 -13.85
CA PRO A 310 22.17 36.80 -12.56
C PRO A 310 21.70 37.72 -11.44
N GLU A 311 21.66 39.01 -11.75
CA GLU A 311 21.22 40.05 -10.81
C GLU A 311 19.88 39.70 -10.19
N ILE A 312 18.90 39.44 -11.06
CA ILE A 312 17.56 39.11 -10.62
C ILE A 312 17.47 37.75 -9.94
N GLN A 313 18.36 36.84 -10.30
CA GLN A 313 18.35 35.51 -9.71
C GLN A 313 18.69 35.50 -8.23
N ARG A 314 19.83 36.04 -7.86
CA ARG A 314 20.24 36.05 -6.46
C ARG A 314 19.49 37.07 -5.62
N ARG A 315 19.01 38.13 -6.26
CA ARG A 315 18.25 39.15 -5.51
C ARG A 315 16.95 38.47 -5.10
N LEU A 316 16.55 37.48 -5.89
CA LEU A 316 15.34 36.70 -5.65
C LEU A 316 15.60 35.66 -4.57
N GLN A 317 16.78 35.06 -4.59
CA GLN A 317 17.13 34.04 -3.60
C GLN A 317 17.15 34.64 -2.20
N GLU A 318 17.61 35.88 -2.11
CA GLU A 318 17.68 36.56 -0.83
C GLU A 318 16.29 37.05 -0.42
N GLU A 319 15.60 37.71 -1.34
CA GLU A 319 14.28 38.23 -1.03
C GLU A 319 13.32 37.10 -0.69
N LEU A 320 13.67 35.88 -1.08
CA LEU A 320 12.83 34.71 -0.81
C LEU A 320 12.84 34.13 0.63
N ASP A 321 14.02 33.88 1.18
CA ASP A 321 14.13 33.32 2.52
C ASP A 321 14.17 34.40 3.59
N ARG A 322 14.79 35.52 3.27
CA ARG A 322 14.89 36.65 4.20
C ARG A 322 13.63 37.52 4.18
N GLU A 323 12.56 36.97 3.60
CA GLU A 323 11.30 37.72 3.51
C GLU A 323 10.16 37.06 4.26
N LEU A 324 10.10 35.73 4.20
CA LEU A 324 9.04 34.99 4.87
C LEU A 324 9.41 33.52 4.98
N GLY A 325 10.64 33.20 4.62
CA GLY A 325 11.10 31.82 4.69
C GLY A 325 12.44 31.70 5.38
N PRO A 326 12.56 32.10 6.65
CA PRO A 326 13.82 32.03 7.40
C PRO A 326 14.46 30.66 7.29
N GLY A 327 13.66 29.66 6.92
CA GLY A 327 14.17 28.30 6.77
C GLY A 327 14.59 28.01 5.34
N ALA A 328 14.82 26.73 5.06
CA ALA A 328 15.20 26.32 3.72
C ALA A 328 14.07 25.55 3.05
N SER A 329 13.05 25.14 3.81
CA SER A 329 11.95 24.45 3.18
C SER A 329 10.62 24.41 3.91
N CYS A 330 9.58 24.11 3.15
CA CYS A 330 8.26 23.87 3.70
C CYS A 330 7.84 24.92 4.67
N SER A 331 8.15 26.15 4.34
CA SER A 331 7.77 27.23 5.19
C SER A 331 7.06 28.29 4.37
N ARG A 332 5.82 28.57 4.74
CA ARG A 332 5.06 29.61 4.06
C ARG A 332 5.06 29.41 2.57
N VAL A 333 5.38 30.44 1.80
CA VAL A 333 5.43 30.26 0.36
C VAL A 333 4.07 30.17 -0.29
N THR A 334 3.03 30.77 0.29
CA THR A 334 1.72 30.67 -0.34
C THR A 334 0.77 31.86 -0.34
N TYR A 335 -0.20 31.75 -1.25
CA TYR A 335 -1.27 32.70 -1.39
C TYR A 335 -1.17 33.96 -0.58
N LYS A 336 -1.72 33.88 0.64
CA LYS A 336 -1.85 35.06 1.47
C LYS A 336 -0.52 35.71 1.60
N ASP A 337 0.47 34.86 1.73
CA ASP A 337 1.84 35.28 1.84
C ASP A 337 2.27 35.95 0.53
N ARG A 338 1.80 35.35 -0.57
CA ARG A 338 2.22 35.74 -1.92
C ARG A 338 2.77 37.13 -2.08
N ALA A 339 2.40 38.01 -1.17
CA ALA A 339 2.83 39.38 -1.20
C ALA A 339 4.17 39.43 -0.48
N ARG A 340 4.39 38.46 0.40
CA ARG A 340 5.63 38.38 1.18
C ARG A 340 6.81 38.20 0.24
N LEU A 341 6.53 38.02 -1.05
CA LEU A 341 7.55 37.84 -2.06
C LEU A 341 7.34 38.86 -3.18
N PRO A 342 7.98 40.03 -3.09
CA PRO A 342 7.86 41.10 -4.08
C PRO A 342 8.55 40.83 -5.41
N LEU A 343 9.85 40.52 -5.34
CA LEU A 343 10.62 40.27 -6.55
C LEU A 343 9.97 39.22 -7.44
N LEU A 344 9.25 38.27 -6.83
CA LEU A 344 8.59 37.22 -7.60
C LEU A 344 7.38 37.75 -8.33
N ASN A 345 6.43 38.31 -7.58
CA ASN A 345 5.21 38.85 -8.16
C ASN A 345 5.55 39.85 -9.25
N ALA A 346 6.82 40.27 -9.27
CA ALA A 346 7.31 41.22 -10.26
C ALA A 346 7.96 40.50 -11.44
N THR A 347 8.89 39.61 -11.14
CA THR A 347 9.59 38.86 -12.18
C THR A 347 8.61 38.15 -13.10
N ILE A 348 7.60 37.52 -12.51
CA ILE A 348 6.59 36.81 -13.28
C ILE A 348 5.79 37.77 -14.16
N ALA A 349 5.56 38.98 -13.64
CA ALA A 349 4.80 39.99 -14.38
C ALA A 349 5.53 40.38 -15.63
N GLU A 350 6.87 40.48 -15.53
CA GLU A 350 7.70 40.83 -16.69
C GLU A 350 7.77 39.73 -17.74
N VAL A 351 8.05 38.51 -17.30
CA VAL A 351 8.15 37.38 -18.22
C VAL A 351 6.84 37.21 -18.99
N LEU A 352 5.71 37.45 -18.30
CA LEU A 352 4.40 37.33 -18.91
C LEU A 352 4.06 38.54 -19.76
N ARG A 353 4.95 39.52 -19.79
CA ARG A 353 4.71 40.72 -20.57
C ARG A 353 5.66 40.82 -21.75
N LEU A 354 6.89 40.35 -21.58
CA LEU A 354 7.88 40.39 -22.63
C LEU A 354 7.66 39.22 -23.59
N ARG A 355 7.37 38.05 -23.03
CA ARG A 355 7.15 36.89 -23.84
C ARG A 355 5.89 36.19 -23.40
N PRO A 356 4.72 36.79 -23.66
CA PRO A 356 3.45 36.14 -23.27
C PRO A 356 3.36 34.84 -24.03
N VAL A 357 3.03 33.75 -23.37
CA VAL A 357 3.06 32.48 -24.06
C VAL A 357 2.17 32.49 -25.27
N VAL A 358 0.99 33.06 -25.14
CA VAL A 358 0.11 33.16 -26.30
C VAL A 358 0.15 34.63 -26.60
N PRO A 359 0.62 34.96 -27.78
CA PRO A 359 0.77 36.33 -28.25
C PRO A 359 -0.36 37.03 -28.92
N LEU A 360 -0.88 36.41 -29.96
CA LEU A 360 -1.96 37.03 -30.68
C LEU A 360 -3.20 36.37 -30.12
N ALA A 361 -3.01 35.69 -29.01
CA ALA A 361 -4.11 35.00 -28.39
C ALA A 361 -4.86 34.21 -29.42
N LEU A 362 -6.17 34.35 -29.41
CA LEU A 362 -7.02 33.66 -30.37
C LEU A 362 -7.85 34.69 -31.18
N PRO A 363 -8.23 34.35 -32.42
CA PRO A 363 -9.01 35.24 -33.28
C PRO A 363 -10.45 35.44 -32.81
N HIS A 364 -10.83 36.70 -32.59
CA HIS A 364 -12.19 37.03 -32.17
C HIS A 364 -13.01 37.44 -33.38
N ARG A 365 -14.32 37.22 -33.33
CA ARG A 365 -15.20 37.58 -34.43
C ARG A 365 -16.31 38.50 -33.90
N THR A 366 -16.71 39.46 -34.73
CA THR A 366 -17.75 40.41 -34.36
C THR A 366 -19.14 39.82 -34.63
N THR A 367 -20.10 40.09 -33.74
CA THR A 367 -21.46 39.58 -33.92
C THR A 367 -22.41 40.72 -34.25
N ARG A 368 -22.10 41.89 -33.72
CA ARG A 368 -22.93 43.07 -33.94
C ARG A 368 -22.07 44.18 -34.49
N PRO A 369 -22.61 44.96 -35.42
CA PRO A 369 -21.80 46.05 -35.96
C PRO A 369 -21.54 46.94 -34.76
N SER A 370 -20.29 47.33 -34.55
CA SER A 370 -19.93 48.16 -33.42
C SER A 370 -18.61 48.83 -33.75
N SER A 371 -18.25 49.85 -33.00
CA SER A 371 -17.01 50.53 -33.29
C SER A 371 -15.94 50.02 -32.36
N ILE A 372 -14.82 49.57 -32.92
CA ILE A 372 -13.71 49.03 -32.16
C ILE A 372 -12.71 50.13 -31.92
N PHE A 373 -13.21 51.35 -32.04
CA PHE A 373 -12.43 52.56 -31.82
C PHE A 373 -12.05 53.14 -33.15
N GLY A 374 -11.97 54.45 -33.18
CA GLY A 374 -11.55 55.13 -34.38
C GLY A 374 -12.46 54.92 -35.54
N TYR A 375 -12.69 53.66 -35.91
CA TYR A 375 -13.48 53.38 -37.10
C TYR A 375 -14.52 52.30 -36.96
N ASP A 376 -15.62 52.46 -37.69
CA ASP A 376 -16.69 51.50 -37.63
C ASP A 376 -16.12 50.19 -38.10
N ILE A 377 -16.64 49.11 -37.53
CA ILE A 377 -16.20 47.74 -37.83
C ILE A 377 -17.38 46.83 -38.20
N PRO A 378 -17.34 46.25 -39.40
CA PRO A 378 -18.41 45.38 -39.87
C PRO A 378 -18.49 44.10 -39.05
N GLU A 379 -19.71 43.62 -38.84
CA GLU A 379 -19.94 42.40 -38.07
C GLU A 379 -19.36 41.20 -38.81
N GLY A 380 -18.86 40.23 -38.05
CA GLY A 380 -18.28 39.04 -38.65
C GLY A 380 -16.80 39.26 -38.85
N MET A 381 -16.38 40.51 -38.79
CA MET A 381 -14.98 40.89 -38.98
C MET A 381 -14.11 40.23 -37.94
N VAL A 382 -13.09 39.51 -38.40
CA VAL A 382 -12.18 38.80 -37.49
C VAL A 382 -11.25 39.80 -36.83
N VAL A 383 -11.24 39.81 -35.50
CA VAL A 383 -10.39 40.73 -34.74
C VAL A 383 -9.24 39.97 -34.12
N ILE A 384 -8.04 40.53 -34.25
CA ILE A 384 -6.85 39.91 -33.70
C ILE A 384 -6.17 40.80 -32.66
N PRO A 385 -6.39 40.49 -31.38
CA PRO A 385 -5.80 41.26 -30.28
C PRO A 385 -4.31 40.96 -30.12
N ASN A 386 -3.47 41.88 -30.58
CA ASN A 386 -2.02 41.71 -30.48
C ASN A 386 -1.61 42.02 -29.05
N LEU A 387 -1.52 40.99 -28.23
CA LEU A 387 -1.11 41.14 -26.83
C LEU A 387 0.35 41.51 -26.77
N GLN A 388 1.18 40.67 -27.39
CA GLN A 388 2.62 40.88 -27.43
C GLN A 388 2.94 42.35 -27.75
N GLY A 389 2.35 42.87 -28.82
CA GLY A 389 2.60 44.25 -29.20
C GLY A 389 2.20 45.26 -28.15
N ALA A 390 0.97 45.16 -27.65
CA ALA A 390 0.47 46.08 -26.64
C ALA A 390 1.38 46.12 -25.43
N HIS A 391 2.17 45.06 -25.24
CA HIS A 391 3.10 44.97 -24.12
C HIS A 391 4.38 45.76 -24.36
N LEU A 392 4.62 46.13 -25.61
CA LEU A 392 5.80 46.93 -25.96
C LEU A 392 5.42 48.39 -26.18
N ASP A 393 4.17 48.72 -25.85
CA ASP A 393 3.69 50.09 -25.99
C ASP A 393 4.65 50.86 -25.07
N GLU A 394 5.43 51.76 -25.67
CA GLU A 394 6.39 52.54 -24.90
C GLU A 394 5.65 53.76 -24.35
N THR A 395 4.37 53.87 -24.68
CA THR A 395 3.55 54.98 -24.21
C THR A 395 2.98 54.70 -22.82
N VAL A 396 3.26 53.51 -22.30
CA VAL A 396 2.78 53.08 -20.98
C VAL A 396 3.82 52.22 -20.27
N TRP A 397 4.66 51.54 -21.02
CA TRP A 397 5.72 50.74 -20.41
C TRP A 397 7.05 51.29 -20.86
N GLU A 398 7.87 51.69 -19.91
CA GLU A 398 9.18 52.21 -20.25
C GLU A 398 10.18 51.11 -20.53
N GLN A 399 11.12 51.38 -21.43
CA GLN A 399 12.17 50.41 -21.70
C GLN A 399 11.49 49.08 -21.85
N PRO A 400 10.53 49.04 -22.76
CA PRO A 400 9.75 47.85 -23.05
C PRO A 400 10.55 46.65 -23.46
N HIS A 401 11.59 46.88 -24.25
CA HIS A 401 12.42 45.77 -24.72
C HIS A 401 13.34 45.21 -23.67
N GLU A 402 13.48 45.93 -22.56
CA GLU A 402 14.42 45.53 -21.52
C GLU A 402 13.78 44.83 -20.34
N PHE A 403 14.33 43.66 -20.00
CA PHE A 403 13.76 42.90 -18.92
C PHE A 403 13.93 43.86 -17.77
N ARG A 404 12.80 44.19 -17.16
CA ARG A 404 12.81 45.06 -16.01
C ARG A 404 11.81 44.46 -15.08
N PRO A 405 12.29 43.84 -14.02
CA PRO A 405 11.43 43.25 -13.01
C PRO A 405 10.72 44.35 -12.22
N ASP A 406 11.45 45.40 -11.93
CA ASP A 406 10.87 46.40 -11.08
C ASP A 406 9.68 47.06 -11.69
N ARG A 407 8.65 47.20 -10.87
CA ARG A 407 7.43 47.82 -11.31
C ARG A 407 6.54 48.11 -10.11
N PHE A 408 6.68 47.31 -9.07
CA PHE A 408 5.88 47.47 -7.87
C PHE A 408 6.26 48.76 -7.18
N LEU A 409 5.27 49.40 -6.56
CA LEU A 409 5.46 50.67 -5.89
C LEU A 409 4.30 50.98 -4.96
N ALA A 413 3.13 52.42 -8.90
CA ALA A 413 3.25 51.10 -9.52
C ALA A 413 3.11 51.22 -11.03
N ASN A 414 3.62 50.22 -11.74
CA ASN A 414 3.57 50.20 -13.19
C ASN A 414 2.26 49.59 -13.68
N PRO A 415 1.74 50.05 -14.82
CA PRO A 415 0.49 49.56 -15.41
C PRO A 415 0.40 48.04 -15.53
N SER A 416 -0.82 47.54 -15.74
CA SER A 416 -1.04 46.11 -15.86
C SER A 416 -0.95 45.64 -17.31
N ALA A 417 -0.39 44.45 -17.52
CA ALA A 417 -0.23 43.88 -18.85
C ALA A 417 -1.12 42.67 -19.01
N LEU A 418 -1.95 42.71 -20.03
CA LEU A 418 -2.86 41.61 -20.31
C LEU A 418 -2.18 40.47 -21.05
N ALA A 419 -1.86 39.41 -20.32
CA ALA A 419 -1.19 38.25 -20.90
C ALA A 419 -2.19 37.13 -21.08
N PHE A 420 -3.33 37.29 -20.42
CA PHE A 420 -4.37 36.30 -20.49
C PHE A 420 -5.59 36.90 -21.17
N GLY A 421 -5.40 38.06 -21.78
CA GLY A 421 -6.50 38.71 -22.47
C GLY A 421 -7.38 39.27 -21.42
N CYS A 422 -8.41 39.98 -21.81
CA CYS A 422 -9.34 40.54 -20.86
C CYS A 422 -10.48 40.34 -21.78
N GLY A 423 -11.27 39.33 -21.51
CA GLY A 423 -12.32 38.99 -22.43
C GLY A 423 -13.35 38.07 -21.84
N ALA A 424 -14.53 38.13 -22.44
CA ALA A 424 -15.62 37.29 -21.98
C ALA A 424 -15.05 35.91 -22.12
N ARG A 425 -13.98 35.83 -22.91
CA ARG A 425 -13.26 34.58 -23.05
C ARG A 425 -12.06 34.61 -22.11
N VAL A 426 -11.64 35.82 -21.73
CA VAL A 426 -10.51 36.03 -20.81
C VAL A 426 -9.54 34.87 -20.87
N CYS A 427 -9.71 33.93 -19.96
CA CYS A 427 -8.89 32.76 -19.93
C CYS A 427 -9.71 31.88 -18.99
N LEU A 428 -9.57 30.57 -19.13
CA LEU A 428 -10.32 29.62 -18.30
C LEU A 428 -9.23 28.82 -17.64
N GLY A 429 -8.60 29.44 -16.65
CA GLY A 429 -7.52 28.78 -15.94
C GLY A 429 -6.42 29.76 -15.62
N GLU A 430 -6.76 31.04 -15.70
CA GLU A 430 -5.80 32.09 -15.40
C GLU A 430 -5.30 31.89 -13.97
N SER A 431 -6.16 31.33 -13.14
CA SER A 431 -5.85 31.07 -11.76
C SER A 431 -4.85 29.95 -11.65
N LEU A 432 -5.16 28.82 -12.26
CA LEU A 432 -4.27 27.64 -12.22
C LEU A 432 -2.88 28.04 -12.74
N ALA A 433 -2.89 28.80 -13.82
CA ALA A 433 -1.65 29.26 -14.42
C ALA A 433 -0.86 30.13 -13.45
N ARG A 434 -1.44 31.28 -13.09
CA ARG A 434 -0.81 32.21 -12.16
C ARG A 434 -0.22 31.49 -10.95
N LEU A 435 -0.90 30.44 -10.49
CA LEU A 435 -0.47 29.67 -9.32
C LEU A 435 0.79 28.88 -9.60
N GLU A 436 0.76 28.06 -10.65
CA GLU A 436 1.91 27.23 -10.99
C GLU A 436 3.19 28.07 -11.13
N LEU A 437 3.06 29.24 -11.73
CA LEU A 437 4.21 30.12 -11.94
C LEU A 437 4.77 30.62 -10.62
N PHE A 438 3.94 30.60 -9.57
CA PHE A 438 4.37 31.04 -8.24
C PHE A 438 4.97 29.89 -7.44
N VAL A 439 4.28 28.76 -7.45
CA VAL A 439 4.72 27.60 -6.71
C VAL A 439 5.97 26.96 -7.30
N VAL A 440 6.03 26.87 -8.62
CA VAL A 440 7.18 26.27 -9.30
C VAL A 440 8.43 27.12 -9.20
N LEU A 441 8.33 28.39 -9.56
CA LEU A 441 9.47 29.29 -9.52
C LEU A 441 10.02 29.49 -8.10
N ALA A 442 9.11 29.63 -7.14
CA ALA A 442 9.48 29.84 -5.75
C ALA A 442 10.50 28.82 -5.27
N ARG A 443 10.13 27.55 -5.28
CA ARG A 443 11.02 26.48 -4.84
C ARG A 443 12.11 26.14 -5.84
N LEU A 444 11.99 26.67 -7.06
CA LEU A 444 12.97 26.39 -8.11
C LEU A 444 14.24 27.15 -7.77
N LEU A 445 14.08 28.38 -7.30
CA LEU A 445 15.22 29.14 -6.91
C LEU A 445 15.80 28.64 -5.60
N GLN A 446 14.95 28.40 -4.62
CA GLN A 446 15.46 28.06 -3.31
C GLN A 446 16.31 26.84 -3.31
N ALA A 447 15.83 25.78 -3.94
CA ALA A 447 16.61 24.57 -4.03
C ALA A 447 17.86 24.71 -4.89
N PHE A 448 17.75 25.37 -6.04
CA PHE A 448 18.87 25.39 -6.99
C PHE A 448 19.40 26.74 -7.45
N THR A 449 20.66 26.74 -7.83
CA THR A 449 21.36 27.89 -8.31
C THR A 449 20.91 28.43 -9.67
N LEU A 450 20.67 27.55 -10.64
CA LEU A 450 20.24 28.01 -11.97
C LEU A 450 21.43 28.51 -12.78
N LEU A 451 22.18 27.58 -13.37
CA LEU A 451 23.41 27.94 -14.09
C LEU A 451 23.50 27.45 -15.53
N PRO A 452 24.23 28.21 -16.36
CA PRO A 452 24.43 27.92 -17.78
C PRO A 452 25.15 26.67 -18.18
N PRO A 453 24.82 26.12 -19.36
CA PRO A 453 25.46 24.90 -19.82
C PRO A 453 26.96 25.05 -20.02
N PRO A 454 27.69 23.94 -19.97
CA PRO A 454 29.15 23.95 -20.14
C PRO A 454 29.56 24.16 -21.59
N VAL A 455 30.48 25.09 -21.82
CA VAL A 455 30.96 25.39 -23.16
C VAL A 455 29.78 25.56 -24.12
N GLY A 456 28.79 26.34 -23.67
CA GLY A 456 27.63 26.57 -24.51
C GLY A 456 27.12 27.99 -24.40
N ALA A 457 26.30 28.40 -25.37
CA ALA A 457 25.73 29.75 -25.39
C ALA A 457 24.29 29.76 -24.86
N LEU A 458 23.96 30.81 -24.10
CA LEU A 458 22.63 30.95 -23.53
C LEU A 458 21.63 31.21 -24.65
N PRO A 459 20.45 30.63 -24.52
CA PRO A 459 19.37 30.75 -25.49
C PRO A 459 18.69 32.06 -25.39
N SER A 460 17.91 32.39 -26.43
CA SER A 460 16.98 33.51 -26.36
C SER A 460 16.77 34.31 -27.58
N LEU A 461 15.81 35.22 -27.51
CA LEU A 461 15.50 36.10 -28.62
C LEU A 461 14.26 35.71 -29.39
N GLN A 462 13.77 34.49 -29.26
CA GLN A 462 12.50 34.15 -29.87
C GLN A 462 12.57 33.57 -31.24
N PRO A 463 11.96 32.41 -31.43
CA PRO A 463 11.96 31.71 -32.71
C PRO A 463 11.09 32.37 -33.73
N ASP A 464 11.45 32.28 -35.00
CA ASP A 464 10.62 32.77 -36.09
C ASP A 464 9.45 31.84 -36.43
N PRO A 465 9.49 30.57 -36.01
CA PRO A 465 8.38 29.69 -36.35
C PRO A 465 7.29 29.93 -35.35
N TYR A 466 6.88 31.19 -35.23
CA TYR A 466 5.86 31.50 -34.26
C TYR A 466 4.57 30.82 -34.67
N CYS A 467 3.99 30.07 -33.73
CA CYS A 467 2.76 29.35 -33.99
C CYS A 467 1.64 29.80 -33.04
N GLY A 468 0.76 28.89 -32.65
CA GLY A 468 -0.33 29.27 -31.78
C GLY A 468 0.17 29.83 -30.48
N VAL A 469 1.18 29.18 -29.91
CA VAL A 469 1.76 29.63 -28.66
C VAL A 469 3.24 29.95 -28.88
N ASN A 470 3.69 31.07 -28.35
CA ASN A 470 5.07 31.45 -28.58
C ASN A 470 6.05 30.44 -28.04
N LEU A 471 7.04 30.09 -28.85
CA LEU A 471 8.01 29.07 -28.48
C LEU A 471 9.21 29.62 -27.74
N LYS A 472 10.20 28.75 -27.59
CA LYS A 472 11.47 29.14 -27.04
C LYS A 472 12.58 28.19 -27.59
N VAL A 473 13.82 28.67 -27.68
CA VAL A 473 15.00 27.90 -28.06
C VAL A 473 15.23 26.84 -26.97
N GLN A 474 16.08 25.88 -27.27
CA GLN A 474 16.37 24.80 -26.33
C GLN A 474 17.62 24.89 -25.43
N PRO A 475 17.50 25.49 -24.23
CA PRO A 475 18.61 25.62 -23.31
C PRO A 475 18.89 24.32 -22.50
N PHE A 476 19.98 24.31 -21.75
CA PHE A 476 20.30 23.15 -20.89
C PHE A 476 20.74 23.68 -19.52
N GLN A 477 19.80 24.19 -18.72
CA GLN A 477 20.17 24.79 -17.46
C GLN A 477 20.72 23.80 -16.45
N VAL A 478 21.72 24.22 -15.68
CA VAL A 478 22.38 23.35 -14.71
C VAL A 478 21.67 22.89 -13.41
N ARG A 479 20.85 23.71 -12.77
CA ARG A 479 20.13 23.26 -11.57
C ARG A 479 20.83 22.87 -10.23
N LEU A 480 21.75 23.66 -9.66
CA LEU A 480 22.33 23.30 -8.33
C LEU A 480 22.52 24.39 -7.25
N GLN A 481 22.36 24.02 -5.97
CA GLN A 481 22.56 24.91 -4.80
C GLN A 481 22.71 24.13 -3.48
N PRO A 482 23.60 24.59 -2.59
CA PRO A 482 23.83 23.93 -1.30
C PRO A 482 23.64 24.87 -0.09
N ARG A 483 22.45 25.43 0.09
CA ARG A 483 22.22 26.33 1.23
C ARG A 483 22.51 25.61 2.54
N HIS B 29 15.85 -31.43 -58.98
CA HIS B 29 14.55 -30.82 -59.43
C HIS B 29 13.92 -30.02 -58.32
N LEU B 30 13.30 -28.91 -58.67
CA LEU B 30 12.67 -28.04 -57.68
C LEU B 30 11.18 -28.40 -57.56
N PRO B 31 10.54 -28.04 -56.44
CA PRO B 31 9.11 -28.34 -56.26
C PRO B 31 8.22 -27.69 -57.32
N PRO B 32 7.01 -28.24 -57.51
CA PRO B 32 6.06 -27.72 -58.49
C PRO B 32 5.61 -26.31 -58.13
N LEU B 33 5.35 -25.49 -59.14
CA LEU B 33 4.90 -24.11 -58.91
C LEU B 33 3.47 -23.91 -59.34
N VAL B 34 2.69 -23.24 -58.50
CA VAL B 34 1.30 -22.98 -58.83
C VAL B 34 1.31 -21.82 -59.83
N PRO B 35 0.30 -21.77 -60.72
CA PRO B 35 0.21 -20.71 -61.72
C PRO B 35 -0.48 -19.51 -61.13
N GLY B 36 0.29 -18.63 -60.50
CA GLY B 36 -0.26 -17.45 -59.89
C GLY B 36 0.75 -16.36 -59.67
N PHE B 37 0.27 -15.21 -59.20
CA PHE B 37 1.15 -14.13 -58.84
C PHE B 37 0.77 -13.43 -57.54
N LEU B 38 -0.49 -13.46 -57.15
CA LEU B 38 -0.81 -12.84 -55.88
C LEU B 38 -1.73 -13.71 -55.07
N HIS B 39 -1.19 -14.82 -54.59
CA HIS B 39 -2.00 -15.75 -53.85
C HIS B 39 -2.34 -15.18 -52.51
N LEU B 40 -1.68 -14.09 -52.17
CA LEU B 40 -1.89 -13.48 -50.89
C LEU B 40 -3.35 -13.13 -50.68
N LEU B 41 -4.00 -12.65 -51.74
CA LEU B 41 -5.38 -12.27 -51.62
C LEU B 41 -6.08 -13.58 -51.49
N GLN B 42 -7.39 -13.53 -51.36
CA GLN B 42 -8.14 -14.74 -51.25
C GLN B 42 -8.56 -14.88 -49.82
N PRO B 43 -9.64 -15.62 -49.59
CA PRO B 43 -10.18 -15.85 -48.26
C PRO B 43 -9.77 -17.19 -47.70
N ASN B 44 -9.27 -17.21 -46.48
CA ASN B 44 -8.80 -18.46 -45.88
C ASN B 44 -7.49 -19.00 -46.46
N LEU B 45 -6.45 -18.19 -46.45
CA LEU B 45 -5.14 -18.58 -46.96
C LEU B 45 -4.66 -20.00 -46.59
N PRO B 46 -4.75 -20.39 -45.30
CA PRO B 46 -4.30 -21.71 -44.88
C PRO B 46 -5.05 -22.87 -45.50
N ILE B 47 -6.35 -22.72 -45.72
CA ILE B 47 -7.13 -23.80 -46.31
C ILE B 47 -6.88 -23.89 -47.81
N HIS B 48 -6.42 -22.80 -48.38
CA HIS B 48 -6.15 -22.76 -49.82
C HIS B 48 -4.80 -23.41 -50.11
N LEU B 49 -3.80 -23.09 -49.30
CA LEU B 49 -2.46 -23.65 -49.49
C LEU B 49 -2.58 -25.15 -49.39
N LEU B 50 -3.64 -25.60 -48.72
CA LEU B 50 -3.91 -27.03 -48.52
C LEU B 50 -4.61 -27.60 -49.75
N SER B 51 -5.53 -26.82 -50.31
CA SER B 51 -6.27 -27.23 -51.48
C SER B 51 -5.37 -27.51 -52.67
N LEU B 52 -4.26 -26.77 -52.78
CA LEU B 52 -3.33 -26.94 -53.89
C LEU B 52 -2.52 -28.23 -53.74
N THR B 53 -2.50 -28.80 -52.54
CA THR B 53 -1.77 -30.03 -52.28
C THR B 53 -2.53 -31.21 -52.89
N GLN B 54 -3.82 -31.02 -53.12
CA GLN B 54 -4.67 -32.05 -53.70
C GLN B 54 -4.16 -32.47 -55.08
N LYS B 55 -3.62 -31.53 -55.84
CA LYS B 55 -3.11 -31.83 -57.16
C LYS B 55 -1.58 -31.73 -57.25
N LEU B 56 -0.93 -31.37 -56.15
CA LEU B 56 0.52 -31.26 -56.14
C LEU B 56 1.14 -32.08 -55.01
N GLY B 57 0.62 -31.88 -53.79
CA GLY B 57 1.14 -32.60 -52.64
C GLY B 57 1.49 -31.67 -51.50
N PRO B 58 2.28 -32.15 -50.53
CA PRO B 58 2.69 -31.34 -49.38
C PRO B 58 3.62 -30.23 -49.76
N VAL B 59 4.63 -30.55 -50.55
CA VAL B 59 5.61 -29.55 -50.98
C VAL B 59 5.36 -29.03 -52.38
N TYR B 60 5.28 -27.72 -52.51
CA TYR B 60 5.08 -27.09 -53.79
C TYR B 60 5.54 -25.64 -53.65
N ARG B 61 5.79 -24.98 -54.78
CA ARG B 61 6.22 -23.59 -54.77
C ARG B 61 5.00 -22.73 -55.02
N LEU B 62 4.97 -21.57 -54.40
CA LEU B 62 3.88 -20.67 -54.68
C LEU B 62 4.37 -19.24 -54.54
N ARG B 63 3.78 -18.34 -55.32
CA ARG B 63 4.07 -16.92 -55.21
C ARG B 63 3.06 -16.25 -54.28
N LEU B 64 3.32 -16.22 -52.98
CA LEU B 64 2.40 -15.59 -52.06
C LEU B 64 2.36 -14.11 -52.33
N GLY B 65 3.54 -13.53 -52.55
CA GLY B 65 3.61 -12.13 -52.83
C GLY B 65 3.91 -12.08 -54.32
N LEU B 66 5.19 -12.20 -54.65
CA LEU B 66 5.60 -12.12 -56.03
C LEU B 66 6.73 -13.06 -56.35
N GLN B 67 7.51 -13.39 -55.32
CA GLN B 67 8.64 -14.27 -55.50
C GLN B 67 8.18 -15.67 -55.19
N GLU B 68 8.96 -16.64 -55.66
CA GLU B 68 8.65 -18.02 -55.43
C GLU B 68 8.83 -18.36 -53.96
N VAL B 69 7.87 -19.08 -53.42
CA VAL B 69 7.91 -19.48 -52.03
C VAL B 69 7.54 -20.94 -51.94
N VAL B 70 8.24 -21.69 -51.09
CA VAL B 70 7.98 -23.10 -50.90
C VAL B 70 7.11 -23.33 -49.66
N VAL B 71 5.96 -23.95 -49.84
CA VAL B 71 5.03 -24.20 -48.75
C VAL B 71 4.92 -25.68 -48.39
N LEU B 72 4.88 -26.00 -47.10
CA LEU B 72 4.76 -27.39 -46.67
C LEU B 72 3.45 -27.63 -45.94
N ASN B 73 2.72 -28.66 -46.36
CA ASN B 73 1.40 -28.97 -45.79
C ASN B 73 1.17 -30.38 -45.22
N SER B 74 2.23 -31.01 -44.75
CA SER B 74 2.12 -32.36 -44.20
C SER B 74 2.78 -32.33 -42.85
N LYS B 75 2.22 -33.01 -41.87
CA LYS B 75 2.82 -33.02 -40.56
C LYS B 75 4.23 -33.53 -40.74
N ARG B 76 4.39 -34.49 -41.64
CA ARG B 76 5.68 -35.11 -41.93
C ARG B 76 6.71 -34.16 -42.54
N THR B 77 6.35 -33.52 -43.65
CA THR B 77 7.26 -32.59 -44.32
C THR B 77 7.59 -31.38 -43.42
N ILE B 78 6.56 -30.73 -42.89
CA ILE B 78 6.73 -29.56 -42.03
C ILE B 78 7.56 -29.91 -40.81
N GLU B 79 7.86 -31.20 -40.66
CA GLU B 79 8.65 -31.68 -39.53
C GLU B 79 10.02 -32.14 -39.99
N GLU B 80 10.11 -32.52 -41.25
CA GLU B 80 11.36 -32.98 -41.82
C GLU B 80 12.31 -31.79 -41.97
N ALA B 81 11.78 -30.70 -42.51
CA ALA B 81 12.58 -29.50 -42.75
C ALA B 81 12.74 -28.69 -41.47
N MET B 82 12.07 -29.13 -40.41
CA MET B 82 12.15 -28.42 -39.14
C MET B 82 12.96 -29.14 -38.08
N ILE B 83 12.74 -30.45 -37.95
CA ILE B 83 13.46 -31.24 -36.96
C ILE B 83 14.60 -32.03 -37.57
N ARG B 84 14.31 -32.85 -38.57
CA ARG B 84 15.38 -33.68 -39.10
C ARG B 84 16.56 -32.86 -39.53
N LYS B 85 16.35 -31.86 -40.37
CA LYS B 85 17.47 -31.04 -40.78
C LYS B 85 17.93 -30.11 -39.65
N TRP B 86 16.96 -29.50 -39.01
CA TRP B 86 17.17 -28.55 -37.94
C TRP B 86 17.96 -27.40 -38.49
N VAL B 87 19.19 -27.67 -38.89
CA VAL B 87 20.07 -26.64 -39.37
C VAL B 87 19.69 -25.97 -40.66
N ASP B 88 19.23 -26.77 -41.61
CA ASP B 88 18.95 -26.25 -42.92
C ASP B 88 17.95 -25.11 -42.96
N PHE B 89 16.87 -25.20 -42.19
CA PHE B 89 15.89 -24.13 -42.24
C PHE B 89 15.57 -23.53 -40.92
N ALA B 90 16.55 -22.86 -40.34
CA ALA B 90 16.34 -22.13 -39.09
C ALA B 90 16.36 -20.65 -39.43
N GLY B 91 16.68 -20.34 -40.68
CA GLY B 91 16.80 -18.97 -41.13
C GLY B 91 15.54 -18.17 -41.32
N ARG B 92 15.66 -16.86 -41.14
CA ARG B 92 14.55 -15.96 -41.34
C ARG B 92 14.90 -14.90 -42.38
N PRO B 93 14.01 -14.70 -43.37
CA PRO B 93 14.18 -13.72 -44.44
C PRO B 93 14.09 -12.30 -43.93
N GLN B 94 15.20 -11.58 -43.99
CA GLN B 94 15.21 -10.21 -43.53
C GLN B 94 14.50 -9.50 -44.66
N ILE B 95 13.22 -9.20 -44.45
CA ILE B 95 12.43 -8.49 -45.45
C ILE B 95 12.46 -7.09 -44.91
N PRO B 96 12.14 -6.09 -45.73
CA PRO B 96 12.14 -4.70 -45.29
C PRO B 96 11.13 -4.35 -44.20
N SER B 97 10.37 -5.35 -43.74
CA SER B 97 9.38 -5.11 -42.71
C SER B 97 9.87 -5.48 -41.31
N TYR B 98 10.86 -6.36 -41.24
CA TYR B 98 11.40 -6.78 -39.95
C TYR B 98 12.37 -5.76 -39.39
N LYS B 99 13.33 -5.33 -40.20
CA LYS B 99 14.32 -4.36 -39.78
C LYS B 99 13.65 -3.01 -39.45
N LEU B 100 12.35 -2.93 -39.70
CA LEU B 100 11.59 -1.71 -39.43
C LEU B 100 11.10 -1.65 -37.98
N VAL B 101 11.35 -2.73 -37.24
CA VAL B 101 10.95 -2.82 -35.83
C VAL B 101 12.03 -3.44 -34.91
N SER B 102 13.27 -3.48 -35.39
CA SER B 102 14.37 -4.04 -34.59
C SER B 102 14.95 -2.98 -33.67
N GLN B 103 15.23 -1.81 -34.21
CA GLN B 103 15.78 -0.68 -33.46
C GLN B 103 17.22 -0.95 -33.04
N ARG B 104 17.43 -2.01 -32.26
CA ARG B 104 18.78 -2.40 -31.85
C ARG B 104 19.28 -3.49 -32.79
N CYS B 105 18.38 -3.99 -33.65
CA CYS B 105 18.71 -5.07 -34.60
C CYS B 105 18.65 -6.41 -33.86
N GLN B 106 18.96 -7.48 -34.58
CA GLN B 106 18.99 -8.82 -33.99
C GLN B 106 17.70 -9.23 -33.30
N ASP B 107 17.81 -9.70 -32.07
CA ASP B 107 16.66 -10.17 -31.30
C ASP B 107 16.06 -11.45 -31.90
N ILE B 108 15.08 -12.02 -31.21
CA ILE B 108 14.43 -13.25 -31.65
C ILE B 108 13.13 -13.00 -32.42
N SER B 109 12.50 -14.09 -32.83
CA SER B 109 11.23 -14.07 -33.58
C SER B 109 11.43 -13.66 -35.05
N LEU B 110 12.03 -12.50 -35.27
CA LEU B 110 12.29 -12.02 -36.62
C LEU B 110 13.78 -12.09 -36.99
N GLY B 111 14.62 -12.48 -36.05
CA GLY B 111 16.05 -12.53 -36.32
C GLY B 111 16.47 -13.67 -37.22
N ASP B 112 17.61 -13.48 -37.89
CA ASP B 112 18.15 -14.51 -38.77
C ASP B 112 18.79 -15.52 -37.84
N TYR B 113 19.24 -16.63 -38.41
CA TYR B 113 19.88 -17.65 -37.61
C TYR B 113 21.17 -16.99 -37.38
N SER B 114 22.08 -17.68 -36.74
CA SER B 114 23.37 -17.10 -36.54
C SER B 114 23.70 -17.75 -35.24
N LEU B 115 24.97 -17.74 -34.87
CA LEU B 115 25.38 -18.29 -33.59
C LEU B 115 24.87 -17.53 -32.38
N LEU B 116 24.94 -16.20 -32.46
CA LEU B 116 24.56 -15.40 -31.31
C LEU B 116 23.13 -15.53 -30.88
N TRP B 117 22.23 -15.51 -31.86
CA TRP B 117 20.81 -15.55 -31.60
C TRP B 117 20.55 -16.79 -30.80
N LYS B 118 21.15 -17.87 -31.27
CA LYS B 118 21.09 -19.16 -30.60
C LYS B 118 21.28 -19.01 -29.07
N ALA B 119 22.23 -18.15 -28.68
CA ALA B 119 22.49 -17.93 -27.26
C ALA B 119 21.49 -16.90 -26.76
N HIS B 120 20.92 -16.16 -27.70
CA HIS B 120 19.93 -15.13 -27.38
C HIS B 120 18.64 -15.80 -26.94
N LYS B 121 18.28 -16.87 -27.66
CA LYS B 121 17.08 -17.65 -27.38
C LYS B 121 17.19 -18.34 -26.04
N LYS B 122 18.32 -19.00 -25.80
CA LYS B 122 18.57 -19.74 -24.57
C LYS B 122 18.48 -18.87 -23.33
N LEU B 123 18.78 -17.58 -23.48
CA LEU B 123 18.75 -16.67 -22.35
C LEU B 123 17.32 -16.20 -22.03
N THR B 124 16.63 -15.68 -23.04
CA THR B 124 15.26 -15.20 -22.86
C THR B 124 14.26 -16.34 -22.64
N ARG B 125 14.69 -17.58 -22.90
CA ARG B 125 13.84 -18.74 -22.71
C ARG B 125 13.96 -19.29 -21.29
N SER B 126 15.18 -19.27 -20.76
CA SER B 126 15.42 -19.75 -19.41
C SER B 126 14.70 -18.87 -18.42
N ALA B 127 14.35 -17.65 -18.85
CA ALA B 127 13.65 -16.69 -18.00
C ALA B 127 12.21 -17.15 -17.79
N LEU B 128 11.58 -17.56 -18.88
CA LEU B 128 10.21 -18.03 -18.85
C LEU B 128 10.16 -19.43 -18.27
N LEU B 129 11.33 -20.02 -18.08
CA LEU B 129 11.42 -21.38 -17.54
C LEU B 129 11.86 -21.33 -16.07
N LEU B 130 12.36 -20.18 -15.64
CA LEU B 130 12.82 -19.99 -14.27
C LEU B 130 12.24 -18.69 -13.68
N SER B 135 8.27 -19.65 -7.97
CA SER B 135 8.11 -20.00 -9.38
C SER B 135 7.01 -19.17 -10.02
N MET B 136 6.77 -19.40 -11.31
CA MET B 136 5.77 -18.67 -12.07
C MET B 136 4.41 -19.38 -12.00
N GLU B 137 4.41 -20.60 -11.47
CA GLU B 137 3.21 -21.41 -11.35
C GLU B 137 2.09 -20.82 -10.48
N PRO B 138 2.38 -20.52 -9.22
CA PRO B 138 1.37 -19.97 -8.31
C PRO B 138 0.65 -18.72 -8.79
N TRP B 139 1.41 -17.69 -9.16
CA TRP B 139 0.81 -16.45 -9.61
C TRP B 139 -0.25 -16.64 -10.69
N VAL B 140 0.03 -17.50 -11.64
CA VAL B 140 -0.93 -17.74 -12.72
C VAL B 140 -2.27 -18.22 -12.18
N ASP B 141 -2.21 -19.25 -11.34
CA ASP B 141 -3.42 -19.83 -10.76
C ASP B 141 -4.17 -18.83 -9.88
N GLN B 142 -3.47 -17.77 -9.47
CA GLN B 142 -4.09 -16.76 -8.62
C GLN B 142 -4.64 -15.63 -9.47
N LEU B 143 -3.82 -15.13 -10.40
CA LEU B 143 -4.22 -14.03 -11.28
C LEU B 143 -5.55 -14.31 -11.96
N THR B 144 -5.73 -15.56 -12.38
CA THR B 144 -6.95 -15.95 -13.05
C THR B 144 -8.14 -15.91 -12.09
N GLN B 145 -7.92 -16.24 -10.83
CA GLN B 145 -8.99 -16.24 -9.85
C GLN B 145 -9.61 -14.86 -9.74
N GLU B 146 -8.76 -13.85 -9.66
CA GLU B 146 -9.23 -12.47 -9.57
C GLU B 146 -10.14 -12.17 -10.76
N PHE B 147 -9.82 -12.79 -11.89
CA PHE B 147 -10.60 -12.61 -13.11
C PHE B 147 -11.96 -13.26 -12.97
N CYS B 148 -11.98 -14.46 -12.39
CA CYS B 148 -13.24 -15.17 -12.19
C CYS B 148 -14.21 -14.32 -11.39
N GLU B 149 -13.71 -13.75 -10.30
CA GLU B 149 -14.54 -12.90 -9.45
C GLU B 149 -15.01 -11.69 -10.25
N ARG B 150 -14.07 -11.05 -10.93
CA ARG B 150 -14.35 -9.87 -11.74
C ARG B 150 -15.48 -10.17 -12.73
N MET B 151 -15.56 -11.42 -13.17
CA MET B 151 -16.57 -11.85 -14.12
C MET B 151 -17.75 -12.48 -13.39
N ARG B 152 -17.50 -12.91 -12.15
CA ARG B 152 -18.54 -13.55 -11.33
C ARG B 152 -19.61 -12.57 -10.90
N VAL B 153 -19.25 -11.28 -10.88
CA VAL B 153 -20.19 -10.24 -10.51
C VAL B 153 -20.89 -9.71 -11.76
N GLN B 154 -20.23 -9.86 -12.90
CA GLN B 154 -20.78 -9.42 -14.18
C GLN B 154 -22.15 -10.02 -14.41
N ALA B 155 -22.18 -11.33 -14.64
CA ALA B 155 -23.42 -12.04 -14.90
C ALA B 155 -24.13 -11.51 -16.14
N GLY B 156 -23.53 -10.50 -16.75
CA GLY B 156 -24.12 -9.91 -17.94
C GLY B 156 -23.51 -10.47 -19.21
N ALA B 157 -23.50 -9.66 -20.27
CA ALA B 157 -22.94 -10.10 -21.52
C ALA B 157 -21.70 -9.21 -21.70
N PRO B 158 -20.52 -9.74 -21.33
CA PRO B 158 -19.26 -8.99 -21.48
C PRO B 158 -18.52 -9.57 -22.67
N VAL B 159 -17.72 -8.74 -23.33
CA VAL B 159 -16.95 -9.19 -24.48
C VAL B 159 -15.84 -10.06 -23.91
N THR B 160 -16.04 -11.37 -24.01
CA THR B 160 -15.10 -12.37 -23.49
C THR B 160 -13.70 -12.15 -24.05
N ILE B 161 -13.62 -11.79 -25.33
CA ILE B 161 -12.34 -11.56 -25.98
C ILE B 161 -11.53 -10.56 -25.17
N GLN B 162 -12.08 -9.37 -24.97
CA GLN B 162 -11.42 -8.31 -24.20
C GLN B 162 -11.07 -8.73 -22.77
N LYS B 163 -12.06 -9.24 -22.03
CA LYS B 163 -11.85 -9.65 -20.65
C LYS B 163 -10.65 -10.58 -20.52
N GLU B 164 -10.46 -11.46 -21.49
CA GLU B 164 -9.32 -12.38 -21.46
C GLU B 164 -8.10 -11.75 -22.12
N PHE B 165 -8.33 -10.91 -23.12
CA PHE B 165 -7.24 -10.24 -23.82
C PHE B 165 -6.50 -9.33 -22.85
N SER B 166 -7.00 -9.26 -21.62
CA SER B 166 -6.41 -8.45 -20.58
C SER B 166 -6.08 -9.31 -19.37
N LEU B 167 -6.46 -10.58 -19.43
CA LEU B 167 -6.21 -11.49 -18.33
C LEU B 167 -4.77 -11.94 -18.39
N LEU B 168 -4.36 -12.48 -19.53
CA LEU B 168 -2.98 -12.95 -19.71
C LEU B 168 -1.98 -11.83 -19.59
N THR B 169 -2.33 -10.67 -20.13
CA THR B 169 -1.45 -9.53 -20.09
C THR B 169 -1.19 -9.21 -18.62
N CYS B 170 -2.20 -9.40 -17.80
CA CYS B 170 -2.07 -9.13 -16.36
C CYS B 170 -1.15 -10.18 -15.73
N SER B 171 -0.66 -11.12 -16.54
CA SER B 171 0.21 -12.18 -16.07
C SER B 171 1.62 -12.08 -16.61
N ILE B 172 1.75 -11.77 -17.89
CA ILE B 172 3.09 -11.77 -18.43
C ILE B 172 3.78 -10.61 -17.80
N ILE B 173 3.06 -9.51 -17.67
CA ILE B 173 3.70 -8.35 -17.10
C ILE B 173 4.18 -8.48 -15.68
N CYS B 174 3.33 -9.00 -14.81
CA CYS B 174 3.67 -8.98 -13.39
C CYS B 174 4.94 -9.65 -13.07
N TYR B 175 5.11 -10.82 -13.63
CA TYR B 175 6.29 -11.56 -13.33
C TYR B 175 7.28 -11.68 -14.46
N LEU B 176 7.09 -10.86 -15.49
CA LEU B 176 8.09 -10.80 -16.52
C LEU B 176 8.64 -9.38 -16.62
N THR B 177 7.92 -8.40 -16.07
CA THR B 177 8.40 -7.03 -16.12
C THR B 177 8.30 -6.22 -14.84
N PHE B 178 9.16 -6.52 -13.88
CA PHE B 178 9.25 -5.70 -12.67
C PHE B 178 8.10 -5.88 -11.72
N GLY B 179 7.29 -6.87 -12.00
CA GLY B 179 6.20 -7.16 -11.12
C GLY B 179 5.28 -6.02 -10.77
N ASN B 180 5.03 -5.13 -11.71
CA ASN B 180 4.08 -4.04 -11.46
C ASN B 180 2.66 -4.62 -11.30
N LYS B 181 2.09 -5.11 -12.40
CA LYS B 181 0.75 -5.70 -12.37
C LYS B 181 -0.36 -4.67 -12.16
N GLU B 182 0.00 -3.43 -11.86
CA GLU B 182 -0.99 -2.37 -11.64
C GLU B 182 -1.91 -2.21 -12.85
N ASP B 183 -3.21 -2.11 -12.59
CA ASP B 183 -4.20 -1.96 -13.65
C ASP B 183 -3.92 -0.69 -14.46
N THR B 184 -3.00 0.13 -13.97
CA THR B 184 -2.64 1.37 -14.66
C THR B 184 -1.50 1.12 -15.63
N LEU B 185 -0.56 0.27 -15.23
CA LEU B 185 0.59 -0.06 -16.06
C LEU B 185 0.28 -1.26 -16.96
N VAL B 186 -0.77 -2.00 -16.64
CA VAL B 186 -1.17 -3.15 -17.43
C VAL B 186 -2.05 -2.70 -18.59
N HIS B 187 -3.11 -1.94 -18.29
CA HIS B 187 -4.01 -1.45 -19.34
C HIS B 187 -3.26 -0.53 -20.28
N ALA B 188 -2.06 -0.12 -19.89
CA ALA B 188 -1.23 0.75 -20.72
C ALA B 188 -0.39 -0.13 -21.65
N PHE B 189 0.14 -1.22 -21.12
CA PHE B 189 0.94 -2.15 -21.90
C PHE B 189 0.05 -2.99 -22.81
N HIS B 190 -1.09 -3.42 -22.26
CA HIS B 190 -2.06 -4.22 -22.99
C HIS B 190 -2.51 -3.44 -24.23
N ASP B 191 -2.77 -2.14 -24.04
CA ASP B 191 -3.21 -1.29 -25.14
C ASP B 191 -2.11 -1.13 -26.19
N CYS B 192 -0.87 -1.15 -25.74
CA CYS B 192 0.26 -1.03 -26.65
C CYS B 192 0.36 -2.26 -27.54
N VAL B 193 -0.15 -3.38 -27.05
CA VAL B 193 -0.13 -4.63 -27.79
C VAL B 193 -1.06 -4.59 -29.01
N GLN B 194 -2.35 -4.44 -28.74
CA GLN B 194 -3.34 -4.38 -29.80
C GLN B 194 -3.03 -3.33 -30.84
N ASP B 195 -2.59 -2.15 -30.40
CA ASP B 195 -2.29 -1.06 -31.32
C ASP B 195 -0.96 -1.27 -32.05
N LEU B 196 -0.18 -2.25 -31.61
CA LEU B 196 1.11 -2.53 -32.22
C LEU B 196 0.96 -3.68 -33.20
N MET B 197 -0.26 -4.16 -33.36
CA MET B 197 -0.57 -5.28 -34.25
C MET B 197 -1.25 -4.93 -35.57
N LYS B 198 -2.25 -4.05 -35.52
CA LYS B 198 -2.99 -3.65 -36.71
C LYS B 198 -2.14 -2.65 -37.47
N THR B 199 -0.98 -2.34 -36.93
CA THR B 199 -0.06 -1.40 -37.57
C THR B 199 1.08 -2.12 -38.25
N TRP B 200 1.29 -3.38 -37.89
CA TRP B 200 2.34 -4.18 -38.49
C TRP B 200 1.76 -5.13 -39.52
N ASP B 201 0.51 -5.52 -39.32
CA ASP B 201 -0.18 -6.41 -40.24
C ASP B 201 -1.26 -5.67 -41.03
N HIS B 202 -0.82 -4.79 -41.91
CA HIS B 202 -1.72 -4.00 -42.74
C HIS B 202 -1.04 -3.79 -44.08
N TRP B 203 -1.74 -4.13 -45.15
CA TRP B 203 -1.22 -3.98 -46.51
C TRP B 203 -0.34 -2.76 -46.72
N SER B 204 -0.68 -1.67 -46.05
CA SER B 204 0.06 -0.42 -46.18
C SER B 204 1.52 -0.62 -45.82
N ILE B 205 1.77 -1.37 -44.74
CA ILE B 205 3.13 -1.63 -44.28
C ILE B 205 3.68 -2.90 -44.90
N GLN B 206 2.78 -3.79 -45.35
CA GLN B 206 3.19 -5.04 -45.98
C GLN B 206 3.70 -4.87 -47.42
N ILE B 207 3.00 -4.09 -48.22
CA ILE B 207 3.41 -3.85 -49.60
C ILE B 207 4.85 -3.37 -49.67
N LEU B 208 5.29 -2.63 -48.65
CA LEU B 208 6.65 -2.10 -48.58
C LEU B 208 7.67 -3.21 -48.79
N ASP B 209 7.26 -4.44 -48.50
CA ASP B 209 8.15 -5.60 -48.63
C ASP B 209 8.04 -6.21 -50.01
N MET B 210 6.86 -6.17 -50.59
CA MET B 210 6.69 -6.66 -51.94
C MET B 210 7.36 -5.69 -52.92
N VAL B 211 7.26 -4.40 -52.61
CA VAL B 211 7.75 -3.34 -53.50
C VAL B 211 8.72 -2.41 -52.83
N PRO B 212 9.96 -2.85 -52.75
CA PRO B 212 11.06 -2.11 -52.15
C PRO B 212 11.35 -0.78 -52.83
N PHE B 213 11.20 -0.78 -54.15
CA PHE B 213 11.56 0.35 -54.99
C PHE B 213 10.47 1.38 -54.97
N LEU B 214 9.57 1.20 -54.03
CA LEU B 214 8.43 2.06 -53.86
C LEU B 214 8.88 3.49 -53.62
N ARG B 215 9.93 3.65 -52.84
CA ARG B 215 10.44 4.98 -52.50
C ARG B 215 9.76 5.52 -51.25
N PHE B 216 8.92 4.71 -50.65
CA PHE B 216 8.25 5.12 -49.45
C PHE B 216 7.61 6.50 -49.46
N PHE B 217 6.87 6.79 -50.51
CA PHE B 217 6.12 8.03 -50.52
C PHE B 217 5.39 7.71 -49.24
N PRO B 218 5.11 8.73 -48.45
CA PRO B 218 4.47 8.45 -47.18
C PRO B 218 3.26 7.62 -47.34
N ASN B 219 3.16 6.53 -46.61
CA ASN B 219 1.96 5.71 -46.64
C ASN B 219 1.41 5.93 -45.26
N PRO B 220 0.13 6.30 -45.18
CA PRO B 220 -0.43 6.53 -43.85
C PRO B 220 -0.22 5.34 -42.99
N GLY B 221 -0.39 4.16 -43.53
CA GLY B 221 -0.25 3.00 -42.68
C GLY B 221 1.12 2.85 -42.07
N LEU B 222 2.15 3.08 -42.87
CA LEU B 222 3.52 2.95 -42.39
C LEU B 222 3.80 3.91 -41.22
N TRP B 223 3.17 5.08 -41.28
CA TRP B 223 3.33 6.10 -40.24
C TRP B 223 2.83 5.61 -38.89
N ARG B 224 1.67 4.97 -38.88
CA ARG B 224 1.07 4.46 -37.66
C ARG B 224 2.00 3.51 -36.94
N LEU B 225 2.79 2.75 -37.71
CA LEU B 225 3.73 1.77 -37.13
C LEU B 225 4.88 2.48 -36.44
N LYS B 226 5.52 3.41 -37.14
CA LYS B 226 6.64 4.15 -36.57
C LYS B 226 6.21 4.94 -35.33
N GLN B 227 4.95 5.39 -35.30
CA GLN B 227 4.42 6.15 -34.17
C GLN B 227 4.15 5.27 -32.96
N ALA B 228 3.40 4.20 -33.18
CA ALA B 228 3.07 3.26 -32.10
C ALA B 228 4.28 2.46 -31.63
N ILE B 229 5.23 2.25 -32.54
CA ILE B 229 6.43 1.49 -32.22
C ILE B 229 7.22 2.21 -31.14
N GLU B 230 7.17 3.53 -31.15
CA GLU B 230 7.89 4.34 -30.18
C GLU B 230 7.30 4.08 -28.79
N ASN B 231 5.99 3.86 -28.75
CA ASN B 231 5.31 3.58 -27.49
C ASN B 231 5.90 2.34 -26.87
N ARG B 232 6.47 1.47 -27.70
CA ARG B 232 7.08 0.25 -27.25
C ARG B 232 8.51 0.51 -26.76
N ASP B 233 9.11 1.58 -27.28
CA ASP B 233 10.47 1.95 -26.93
C ASP B 233 10.62 2.80 -25.69
N HIS B 234 9.83 3.88 -25.62
CA HIS B 234 9.89 4.78 -24.48
C HIS B 234 9.29 4.13 -23.25
N MET B 235 8.58 3.02 -23.47
CA MET B 235 7.94 2.28 -22.38
C MET B 235 8.73 1.13 -21.77
N VAL B 236 9.34 0.32 -22.64
CA VAL B 236 10.10 -0.82 -22.17
C VAL B 236 11.35 -0.22 -21.55
N GLU B 237 11.75 0.94 -22.06
CA GLU B 237 12.91 1.64 -21.56
C GLU B 237 12.66 2.17 -20.16
N LYS B 238 11.59 2.95 -20.00
CA LYS B 238 11.23 3.52 -18.71
C LYS B 238 11.15 2.44 -17.64
N GLN B 239 10.67 1.27 -18.05
CA GLN B 239 10.52 0.14 -17.14
C GLN B 239 11.84 -0.63 -16.99
N LEU B 240 12.71 -0.52 -17.98
CA LEU B 240 14.01 -1.20 -17.96
C LEU B 240 15.00 -0.57 -16.99
N ARG B 241 14.84 0.72 -16.70
CA ARG B 241 15.74 1.41 -15.78
C ARG B 241 15.36 1.17 -14.34
N ARG B 242 14.17 0.64 -14.12
CA ARG B 242 13.70 0.34 -12.77
C ARG B 242 14.17 -1.04 -12.28
N HIS B 243 15.09 -1.65 -13.03
CA HIS B 243 15.65 -2.95 -12.69
C HIS B 243 17.15 -2.79 -12.45
N LYS B 244 17.74 -1.83 -13.13
CA LYS B 244 19.15 -1.54 -12.99
C LYS B 244 19.44 -0.94 -11.60
N GLU B 245 18.40 -0.39 -10.98
CA GLU B 245 18.50 0.24 -9.65
C GLU B 245 17.88 -0.58 -8.53
N SER B 246 16.81 -1.28 -8.86
CA SER B 246 16.11 -2.11 -7.92
C SER B 246 16.61 -3.51 -8.16
N MET B 247 17.86 -3.62 -8.54
CA MET B 247 18.48 -4.91 -8.82
C MET B 247 19.12 -5.47 -7.56
N VAL B 248 19.62 -6.69 -7.68
CA VAL B 248 20.33 -7.36 -6.59
C VAL B 248 21.26 -8.38 -7.23
N ALA B 249 22.07 -9.05 -6.43
CA ALA B 249 22.97 -10.09 -6.93
C ALA B 249 22.07 -11.20 -7.48
N GLY B 250 20.95 -11.40 -6.80
CA GLY B 250 19.96 -12.38 -7.22
C GLY B 250 19.00 -11.76 -8.24
N GLN B 251 17.91 -12.47 -8.54
CA GLN B 251 16.93 -12.00 -9.52
C GLN B 251 15.72 -11.38 -8.83
N TRP B 252 15.39 -10.16 -9.25
CA TRP B 252 14.30 -9.40 -8.63
C TRP B 252 12.94 -9.96 -8.91
N ARG B 253 11.94 -9.55 -8.14
CA ARG B 253 10.64 -10.16 -8.28
C ARG B 253 10.15 -10.43 -9.72
N ASP B 254 10.91 -9.95 -10.69
CA ASP B 254 10.59 -10.08 -12.10
C ASP B 254 11.63 -10.80 -13.01
N MET B 255 11.25 -11.03 -14.26
CA MET B 255 12.14 -11.68 -15.23
C MET B 255 13.18 -10.70 -15.76
N THR B 256 12.80 -9.44 -15.96
CA THR B 256 13.71 -8.41 -16.46
C THR B 256 14.99 -8.40 -15.65
N ASP B 257 14.85 -8.46 -14.34
CA ASP B 257 16.01 -8.45 -13.45
C ASP B 257 16.95 -9.62 -13.76
N TYR B 258 16.41 -10.69 -14.33
CA TYR B 258 17.20 -11.85 -14.67
C TYR B 258 17.97 -11.61 -15.98
N MET B 259 17.24 -11.22 -17.02
CA MET B 259 17.84 -10.96 -18.32
C MET B 259 18.75 -9.75 -18.28
N LEU B 260 18.24 -8.65 -17.73
CA LEU B 260 19.02 -7.42 -17.64
C LEU B 260 20.29 -7.61 -16.83
N GLN B 261 20.38 -8.73 -16.12
CA GLN B 261 21.55 -9.03 -15.29
C GLN B 261 22.31 -10.25 -15.80
N GLY B 262 21.62 -11.08 -16.59
CA GLY B 262 22.24 -12.27 -17.12
C GLY B 262 23.18 -11.98 -18.29
N VAL B 263 23.14 -10.75 -18.79
CA VAL B 263 23.97 -10.35 -19.91
C VAL B 263 25.32 -9.86 -19.42
N GLN B 274 28.93 -12.40 -28.04
CA GLN B 274 28.58 -10.99 -27.81
C GLN B 274 27.39 -10.86 -26.87
N LEU B 275 26.18 -10.96 -27.42
CA LEU B 275 24.93 -10.85 -26.64
C LEU B 275 24.87 -9.52 -25.89
N LEU B 276 24.99 -8.44 -26.64
CA LEU B 276 24.95 -7.07 -26.12
C LEU B 276 23.72 -6.67 -25.31
N GLU B 277 23.88 -5.54 -24.62
CA GLU B 277 22.85 -4.95 -23.79
C GLU B 277 21.49 -4.75 -24.45
N GLY B 278 21.49 -4.22 -25.67
CA GLY B 278 20.25 -3.95 -26.38
C GLY B 278 19.34 -5.15 -26.54
N HIS B 279 19.94 -6.34 -26.66
CA HIS B 279 19.18 -7.57 -26.82
C HIS B 279 18.10 -7.75 -25.76
N VAL B 280 18.39 -7.32 -24.54
CA VAL B 280 17.42 -7.44 -23.43
C VAL B 280 16.16 -6.62 -23.71
N HIS B 281 16.35 -5.46 -24.33
CA HIS B 281 15.26 -4.55 -24.67
C HIS B 281 14.25 -5.22 -25.59
N MET B 282 14.76 -6.06 -26.49
CA MET B 282 13.89 -6.76 -27.43
C MET B 282 13.31 -8.05 -26.83
N SER B 283 14.14 -8.78 -26.10
CA SER B 283 13.70 -10.03 -25.45
C SER B 283 12.44 -9.77 -24.62
N VAL B 284 12.36 -8.57 -24.04
CA VAL B 284 11.22 -8.19 -23.23
C VAL B 284 10.00 -8.04 -24.09
N VAL B 285 10.13 -7.43 -25.26
CA VAL B 285 9.02 -7.22 -26.18
C VAL B 285 8.24 -8.49 -26.53
N ASP B 286 8.89 -9.48 -27.14
CA ASP B 286 8.13 -10.66 -27.54
C ASP B 286 7.52 -11.30 -26.32
N LEU B 287 8.31 -11.52 -25.30
CA LEU B 287 7.76 -12.05 -24.07
C LEU B 287 6.85 -10.94 -23.63
N PHE B 288 7.39 -9.73 -23.84
CA PHE B 288 6.79 -8.49 -23.37
C PHE B 288 5.40 -8.31 -23.83
N ILE B 289 5.16 -8.51 -25.11
CA ILE B 289 3.80 -8.40 -25.59
C ILE B 289 3.42 -9.59 -26.44
N GLY B 290 4.37 -10.47 -26.71
CA GLY B 290 4.00 -11.62 -27.51
C GLY B 290 3.01 -12.44 -26.74
N GLY B 291 3.27 -12.57 -25.44
CA GLY B 291 2.45 -13.40 -24.60
C GLY B 291 1.01 -13.04 -24.50
N THR B 292 0.72 -11.75 -24.52
CA THR B 292 -0.63 -11.31 -24.35
C THR B 292 -1.64 -11.60 -25.47
N GLU B 293 -1.20 -11.64 -26.72
CA GLU B 293 -2.14 -11.80 -27.83
C GLU B 293 -2.41 -13.22 -28.26
N THR B 294 -1.34 -13.95 -28.51
CA THR B 294 -1.43 -15.33 -28.94
C THR B 294 -2.22 -16.23 -28.02
N THR B 295 -1.79 -16.34 -26.77
CA THR B 295 -2.51 -17.18 -25.81
C THR B 295 -3.97 -16.77 -25.64
N ALA B 296 -4.24 -15.47 -25.67
CA ALA B 296 -5.60 -14.95 -25.53
C ALA B 296 -6.49 -15.52 -26.63
N SER B 297 -6.02 -15.43 -27.85
CA SER B 297 -6.75 -15.93 -28.99
C SER B 297 -7.12 -17.42 -28.80
N THR B 298 -6.16 -18.23 -28.36
CA THR B 298 -6.42 -19.64 -28.15
C THR B 298 -7.55 -19.80 -27.13
N LEU B 299 -7.49 -19.05 -26.04
CA LEU B 299 -8.51 -19.12 -25.01
C LEU B 299 -9.86 -18.73 -25.56
N SER B 300 -9.89 -17.62 -26.26
CA SER B 300 -11.15 -17.13 -26.84
C SER B 300 -11.73 -18.17 -27.81
N TRP B 301 -10.88 -18.76 -28.64
CA TRP B 301 -11.32 -19.76 -29.60
C TRP B 301 -11.98 -20.92 -28.90
N ALA B 302 -11.35 -21.41 -27.82
CA ALA B 302 -11.86 -22.53 -27.07
C ALA B 302 -13.28 -22.23 -26.60
N VAL B 303 -13.49 -21.03 -26.08
CA VAL B 303 -14.79 -20.62 -25.57
C VAL B 303 -15.82 -20.69 -26.69
N ALA B 304 -15.46 -20.15 -27.86
CA ALA B 304 -16.35 -20.12 -29.01
C ALA B 304 -16.78 -21.53 -29.39
N PHE B 305 -15.92 -22.51 -29.15
CA PHE B 305 -16.24 -23.91 -29.48
C PHE B 305 -17.22 -24.54 -28.49
N LEU B 306 -16.99 -24.31 -27.19
CA LEU B 306 -17.86 -24.86 -26.17
C LEU B 306 -19.29 -24.33 -26.30
N LEU B 307 -19.42 -23.15 -26.90
CA LEU B 307 -20.72 -22.54 -27.10
C LEU B 307 -21.56 -23.40 -28.06
N HIS B 308 -20.90 -24.02 -29.05
CA HIS B 308 -21.57 -24.87 -30.02
C HIS B 308 -21.72 -26.30 -29.50
N HIS B 309 -20.82 -26.68 -28.59
CA HIS B 309 -20.85 -28.02 -28.03
C HIS B 309 -21.00 -28.02 -26.51
N PRO B 310 -22.25 -28.05 -26.01
CA PRO B 310 -22.48 -28.05 -24.56
C PRO B 310 -22.01 -29.40 -24.00
N GLU B 311 -22.08 -30.43 -24.85
CA GLU B 311 -21.64 -31.77 -24.50
C GLU B 311 -20.28 -31.78 -23.81
N ILE B 312 -19.30 -31.16 -24.47
CA ILE B 312 -17.94 -31.08 -23.96
C ILE B 312 -17.83 -30.20 -22.73
N GLN B 313 -18.71 -29.21 -22.61
CA GLN B 313 -18.68 -28.29 -21.49
C GLN B 313 -18.99 -28.93 -20.16
N ARG B 314 -20.16 -29.57 -20.07
CA ARG B 314 -20.55 -30.22 -18.83
C ARG B 314 -19.82 -31.53 -18.56
N ARG B 315 -19.35 -32.20 -19.62
CA ARG B 315 -18.62 -33.43 -19.43
C ARG B 315 -17.29 -33.04 -18.77
N LEU B 316 -16.89 -31.80 -19.03
CA LEU B 316 -15.66 -31.23 -18.47
C LEU B 316 -15.89 -30.78 -17.03
N GLN B 317 -17.08 -30.24 -16.75
CA GLN B 317 -17.40 -29.78 -15.41
C GLN B 317 -17.43 -30.95 -14.44
N GLU B 318 -17.89 -32.11 -14.93
CA GLU B 318 -17.97 -33.31 -14.10
C GLU B 318 -16.58 -33.95 -13.96
N GLU B 319 -15.90 -34.11 -15.09
CA GLU B 319 -14.59 -34.72 -15.05
C GLU B 319 -13.56 -33.86 -14.33
N LEU B 320 -13.97 -32.66 -13.96
CA LEU B 320 -13.10 -31.72 -13.26
C LEU B 320 -13.08 -31.79 -11.73
N ASP B 321 -14.25 -31.94 -11.12
CA ASP B 321 -14.35 -32.01 -9.66
C ASP B 321 -14.38 -33.46 -9.21
N ARG B 322 -15.03 -34.31 -10.00
CA ARG B 322 -15.14 -35.73 -9.68
C ARG B 322 -13.91 -36.49 -10.13
N GLU B 323 -12.84 -35.75 -10.42
CA GLU B 323 -11.59 -36.36 -10.86
C GLU B 323 -10.47 -36.17 -9.86
N LEU B 324 -10.39 -34.96 -9.29
CA LEU B 324 -9.35 -34.65 -8.32
C LEU B 324 -9.52 -33.22 -7.80
N GLY B 325 -10.70 -32.65 -8.04
CA GLY B 325 -10.97 -31.29 -7.58
C GLY B 325 -12.35 -31.15 -6.95
N PRO B 326 -12.67 -31.94 -5.90
CA PRO B 326 -13.97 -31.87 -5.23
C PRO B 326 -14.35 -30.45 -4.83
N ARG B 332 -6.51 -28.82 -6.95
CA ARG B 332 -5.13 -28.46 -7.20
C ARG B 332 -5.01 -27.69 -8.52
N VAL B 333 -5.08 -28.43 -9.62
CA VAL B 333 -4.99 -27.85 -10.96
C VAL B 333 -3.61 -27.24 -11.21
N THR B 334 -2.55 -28.03 -11.04
CA THR B 334 -1.19 -27.53 -11.26
C THR B 334 -0.11 -28.62 -11.36
N TYR B 335 0.80 -28.44 -12.31
CA TYR B 335 1.96 -29.32 -12.54
C TYR B 335 2.08 -30.84 -12.40
N LYS B 336 1.80 -31.34 -11.20
CA LYS B 336 1.91 -32.77 -10.94
C LYS B 336 0.50 -33.31 -11.02
N ASP B 337 -0.45 -32.39 -11.12
CA ASP B 337 -1.85 -32.76 -11.22
C ASP B 337 -2.38 -32.18 -12.52
N ARG B 338 -2.07 -32.83 -13.63
CA ARG B 338 -2.55 -32.39 -14.95
C ARG B 338 -3.37 -33.55 -15.50
N ALA B 339 -2.90 -34.77 -15.25
CA ALA B 339 -3.58 -35.97 -15.72
C ALA B 339 -4.91 -36.16 -15.01
N ARG B 340 -5.05 -35.54 -13.85
CA ARG B 340 -6.28 -35.64 -13.08
C ARG B 340 -7.44 -35.05 -13.88
N LEU B 341 -7.12 -34.49 -15.04
CA LEU B 341 -8.13 -33.88 -15.92
C LEU B 341 -7.86 -34.31 -17.36
N PRO B 342 -8.45 -35.44 -17.77
CA PRO B 342 -8.29 -35.98 -19.13
C PRO B 342 -8.96 -35.16 -20.21
N LEU B 343 -10.23 -34.81 -20.00
CA LEU B 343 -11.00 -34.05 -20.98
C LEU B 343 -10.37 -32.69 -21.27
N LEU B 344 -9.60 -32.15 -20.34
CA LEU B 344 -8.94 -30.88 -20.54
C LEU B 344 -7.73 -31.02 -21.44
N ASN B 345 -6.80 -31.88 -21.05
CA ASN B 345 -5.58 -32.11 -21.83
C ASN B 345 -5.94 -32.47 -23.26
N ALA B 346 -7.21 -32.84 -23.45
CA ALA B 346 -7.71 -33.22 -24.76
C ALA B 346 -8.36 -32.04 -25.48
N THR B 347 -9.30 -31.39 -24.79
CA THR B 347 -10.00 -30.24 -25.35
C THR B 347 -9.01 -29.19 -25.86
N ILE B 348 -7.98 -28.91 -25.05
CA ILE B 348 -6.96 -27.93 -25.42
C ILE B 348 -6.20 -28.40 -26.65
N ALA B 349 -5.98 -29.72 -26.76
CA ALA B 349 -5.27 -30.28 -27.89
C ALA B 349 -6.03 -30.04 -29.19
N GLU B 350 -7.36 -30.13 -29.13
CA GLU B 350 -8.19 -29.92 -30.30
C GLU B 350 -8.28 -28.47 -30.72
N VAL B 351 -8.50 -27.59 -29.75
CA VAL B 351 -8.58 -26.17 -30.04
C VAL B 351 -7.29 -25.67 -30.66
N LEU B 352 -6.16 -26.19 -30.18
CA LEU B 352 -4.85 -25.82 -30.69
C LEU B 352 -4.53 -26.52 -32.03
N ARG B 353 -5.44 -27.37 -32.49
CA ARG B 353 -5.22 -28.09 -33.74
C ARG B 353 -6.18 -27.62 -34.81
N LEU B 354 -7.40 -27.30 -34.42
CA LEU B 354 -8.41 -26.82 -35.37
C LEU B 354 -8.19 -25.35 -35.68
N ARG B 355 -7.90 -24.57 -34.65
CA ARG B 355 -7.70 -23.16 -34.84
C ARG B 355 -6.44 -22.73 -34.15
N PRO B 356 -5.28 -23.19 -34.66
CA PRO B 356 -4.02 -22.80 -34.02
C PRO B 356 -3.90 -21.31 -34.22
N VAL B 357 -3.60 -20.59 -33.16
CA VAL B 357 -3.58 -19.15 -33.27
C VAL B 357 -2.64 -18.66 -34.32
N VAL B 358 -1.44 -19.23 -34.36
CA VAL B 358 -0.49 -18.84 -35.38
C VAL B 358 -0.52 -20.03 -36.27
N PRO B 359 -0.96 -19.86 -37.50
CA PRO B 359 -1.09 -20.91 -38.51
C PRO B 359 -0.05 -21.15 -39.53
N LEU B 360 0.36 -20.08 -40.15
CA LEU B 360 1.35 -20.26 -41.15
C LEU B 360 2.60 -20.24 -40.32
N ALA B 361 2.60 -19.43 -39.28
CA ALA B 361 3.78 -19.33 -38.44
C ALA B 361 4.68 -18.29 -39.08
N LEU B 362 5.95 -18.29 -38.69
CA LEU B 362 6.89 -17.33 -39.24
C LEU B 362 7.82 -17.98 -40.23
N PRO B 363 7.91 -17.39 -41.42
CA PRO B 363 8.75 -17.90 -42.51
C PRO B 363 10.17 -18.28 -42.16
N HIS B 364 10.60 -19.44 -42.64
CA HIS B 364 11.95 -19.94 -42.40
C HIS B 364 12.82 -19.70 -43.64
N ARG B 365 14.10 -19.40 -43.41
CA ARG B 365 15.03 -19.17 -44.50
C ARG B 365 15.99 -20.35 -44.64
N THR B 366 16.16 -20.82 -45.87
CA THR B 366 17.04 -21.95 -46.12
C THR B 366 18.48 -21.46 -46.23
N THR B 367 19.24 -21.59 -45.14
CA THR B 367 20.64 -21.17 -45.13
C THR B 367 21.44 -21.87 -46.22
N ARG B 368 21.49 -23.20 -46.16
CA ARG B 368 22.21 -24.00 -47.14
C ARG B 368 21.24 -24.77 -48.01
N PRO B 369 21.62 -25.03 -49.27
CA PRO B 369 20.76 -25.76 -50.20
C PRO B 369 20.58 -27.24 -49.81
N SER B 370 19.41 -27.58 -49.30
CA SER B 370 19.08 -28.94 -48.87
C SER B 370 17.73 -29.30 -49.45
N SER B 371 17.21 -30.43 -49.04
CA SER B 371 15.94 -30.92 -49.54
C SER B 371 14.83 -31.13 -48.51
N ILE B 372 13.59 -30.79 -48.88
CA ILE B 372 12.44 -30.96 -48.00
C ILE B 372 11.56 -32.08 -48.56
N PHE B 373 12.20 -33.14 -49.04
CA PHE B 373 11.51 -34.28 -49.62
C PHE B 373 10.92 -33.96 -50.99
N GLY B 374 10.79 -34.98 -51.83
CA GLY B 374 10.24 -34.80 -53.16
C GLY B 374 11.17 -34.12 -54.14
N TYR B 375 11.77 -33.01 -53.70
CA TYR B 375 12.68 -32.26 -54.56
C TYR B 375 13.69 -31.51 -53.71
N ASP B 376 14.55 -30.75 -54.37
CA ASP B 376 15.58 -29.96 -53.70
C ASP B 376 15.06 -28.55 -53.44
N ILE B 377 15.75 -27.82 -52.55
CA ILE B 377 15.35 -26.46 -52.23
C ILE B 377 16.59 -25.58 -52.13
N PRO B 378 16.64 -24.50 -52.93
CA PRO B 378 17.78 -23.58 -52.92
C PRO B 378 17.89 -22.82 -51.61
N GLU B 379 18.99 -22.08 -51.47
CA GLU B 379 19.24 -21.30 -50.25
C GLU B 379 18.57 -19.94 -50.37
N GLY B 380 18.30 -19.33 -49.23
CA GLY B 380 17.65 -18.02 -49.22
C GLY B 380 16.15 -18.20 -49.42
N MET B 381 15.78 -19.31 -50.03
CA MET B 381 14.39 -19.66 -50.30
C MET B 381 13.54 -19.49 -49.06
N VAL B 382 12.36 -18.92 -49.25
CA VAL B 382 11.44 -18.71 -48.15
C VAL B 382 10.53 -19.91 -48.01
N VAL B 383 10.59 -20.57 -46.86
CA VAL B 383 9.77 -21.75 -46.61
C VAL B 383 8.63 -21.43 -45.65
N ILE B 384 7.41 -21.68 -46.09
CA ILE B 384 6.24 -21.39 -45.26
C ILE B 384 5.59 -22.68 -44.76
N PRO B 385 5.84 -23.04 -43.49
CA PRO B 385 5.27 -24.25 -42.89
C PRO B 385 3.79 -24.06 -42.55
N ASN B 386 2.92 -24.73 -43.31
CA ASN B 386 1.47 -24.62 -43.09
C ASN B 386 1.01 -25.51 -41.93
N LEU B 387 0.78 -24.88 -40.78
CA LEU B 387 0.34 -25.61 -39.60
C LEU B 387 -1.17 -25.83 -39.63
N GLN B 388 -1.92 -24.75 -39.85
CA GLN B 388 -3.39 -24.81 -39.91
C GLN B 388 -3.85 -25.82 -40.95
N GLY B 389 -3.00 -26.05 -41.96
CA GLY B 389 -3.35 -26.98 -43.02
C GLY B 389 -2.95 -28.41 -42.71
N ALA B 390 -1.79 -28.57 -42.08
CA ALA B 390 -1.28 -29.90 -41.73
C ALA B 390 -2.14 -30.56 -40.67
N HIS B 391 -2.80 -29.73 -39.85
CA HIS B 391 -3.65 -30.24 -38.78
C HIS B 391 -4.97 -30.78 -39.30
N LEU B 392 -5.22 -30.61 -40.59
CA LEU B 392 -6.44 -31.11 -41.21
C LEU B 392 -6.14 -32.32 -42.09
N ASP B 393 -4.86 -32.65 -42.21
CA ASP B 393 -4.44 -33.80 -43.01
C ASP B 393 -5.20 -34.94 -42.37
N GLU B 394 -6.12 -35.51 -43.17
CA GLU B 394 -7.00 -36.53 -42.69
C GLU B 394 -6.25 -37.77 -42.40
N THR B 395 -5.25 -38.05 -43.23
CA THR B 395 -4.50 -39.28 -43.06
C THR B 395 -4.06 -39.37 -41.64
N VAL B 396 -3.50 -38.28 -41.15
CA VAL B 396 -3.10 -38.24 -39.75
C VAL B 396 -4.29 -38.14 -38.79
N TRP B 397 -5.27 -37.31 -39.11
CA TRP B 397 -6.41 -37.09 -38.23
C TRP B 397 -7.67 -37.48 -38.95
N GLU B 398 -8.53 -38.18 -38.24
CA GLU B 398 -9.73 -38.67 -38.87
C GLU B 398 -10.73 -37.58 -38.63
N GLN B 399 -11.60 -37.41 -39.61
CA GLN B 399 -12.70 -36.47 -39.49
C GLN B 399 -12.09 -35.27 -38.84
N PRO B 400 -11.10 -34.72 -39.52
CA PRO B 400 -10.37 -33.57 -39.06
C PRO B 400 -11.22 -32.37 -38.85
N HIS B 401 -12.12 -32.10 -39.78
CA HIS B 401 -12.89 -30.89 -39.67
C HIS B 401 -13.78 -30.76 -38.49
N GLU B 402 -14.39 -31.85 -38.06
CA GLU B 402 -15.25 -31.76 -36.90
C GLU B 402 -14.43 -31.61 -35.64
N PHE B 403 -14.99 -30.94 -34.66
CA PHE B 403 -14.30 -30.69 -33.41
C PHE B 403 -14.44 -31.89 -32.53
N ARG B 404 -13.43 -32.73 -32.51
CA ARG B 404 -13.49 -33.92 -31.68
C ARG B 404 -12.44 -33.74 -30.62
N PRO B 405 -12.85 -33.74 -29.35
CA PRO B 405 -11.93 -33.58 -28.23
C PRO B 405 -11.49 -34.88 -27.67
N ASP B 406 -11.92 -35.96 -28.29
CA ASP B 406 -11.64 -37.28 -27.76
C ASP B 406 -10.41 -37.89 -28.37
N ARG B 407 -9.68 -37.08 -29.11
CA ARG B 407 -8.57 -37.61 -29.84
C ARG B 407 -7.59 -38.27 -28.93
N PHE B 408 -7.88 -38.17 -27.66
CA PHE B 408 -6.97 -38.70 -26.67
C PHE B 408 -7.36 -39.98 -25.94
N LEU B 409 -6.50 -40.99 -26.05
CA LEU B 409 -6.62 -42.17 -25.22
C LEU B 409 -5.49 -41.85 -24.22
N GLU B 410 -4.89 -40.67 -24.42
CA GLU B 410 -3.84 -40.13 -23.56
C GLU B 410 -2.42 -40.43 -23.96
N PRO B 411 -2.24 -41.50 -24.72
CA PRO B 411 -0.91 -41.90 -25.16
C PRO B 411 -0.90 -42.37 -26.60
N GLY B 412 -1.47 -43.55 -26.81
CA GLY B 412 -1.61 -44.11 -28.15
C GLY B 412 -2.96 -43.56 -28.55
N ALA B 413 -2.91 -42.53 -29.38
CA ALA B 413 -4.09 -41.77 -29.74
C ALA B 413 -3.77 -41.01 -31.00
N ASN B 414 -4.68 -40.16 -31.42
CA ASN B 414 -4.41 -39.39 -32.62
C ASN B 414 -3.09 -38.71 -32.35
N PRO B 415 -2.27 -38.65 -33.37
CA PRO B 415 -0.92 -38.08 -33.36
C PRO B 415 -0.81 -36.66 -32.89
N SER B 416 0.37 -36.29 -32.41
CA SER B 416 0.58 -34.96 -31.86
C SER B 416 0.85 -33.89 -32.88
N ALA B 417 -0.09 -32.96 -32.97
CA ALA B 417 -0.04 -31.84 -33.87
C ALA B 417 1.04 -30.95 -33.34
N LEU B 418 1.47 -30.00 -34.14
CA LEU B 418 2.49 -29.07 -33.68
C LEU B 418 2.09 -27.64 -33.98
N ALA B 419 1.06 -27.17 -33.29
CA ALA B 419 0.61 -25.81 -33.46
C ALA B 419 1.79 -24.97 -33.09
N PHE B 420 2.55 -25.43 -32.11
CA PHE B 420 3.72 -24.71 -31.66
C PHE B 420 4.92 -24.75 -32.58
N GLY B 421 5.07 -25.82 -33.35
CA GLY B 421 6.19 -25.89 -34.26
C GLY B 421 7.32 -26.59 -33.57
N CYS B 422 8.15 -27.28 -34.34
CA CYS B 422 9.23 -28.07 -33.78
C CYS B 422 10.55 -27.50 -34.16
N GLY B 423 10.49 -26.32 -34.75
CA GLY B 423 11.68 -25.72 -35.30
C GLY B 423 12.73 -25.40 -34.30
N ALA B 424 13.95 -25.24 -34.79
CA ALA B 424 15.02 -24.89 -33.89
C ALA B 424 14.43 -23.65 -33.28
N ARG B 425 13.63 -22.96 -34.07
CA ARG B 425 12.93 -21.81 -33.55
C ARG B 425 11.62 -22.57 -33.29
N VAL B 426 11.43 -23.01 -32.05
CA VAL B 426 10.23 -23.78 -31.65
C VAL B 426 9.23 -22.87 -31.00
N CYS B 427 9.70 -22.11 -30.03
CA CYS B 427 8.91 -21.12 -29.33
C CYS B 427 9.66 -21.03 -27.99
N LEU B 428 9.45 -19.96 -27.24
CA LEU B 428 10.11 -19.78 -25.95
C LEU B 428 8.93 -19.27 -25.17
N GLY B 429 7.87 -20.07 -25.22
CA GLY B 429 6.67 -19.70 -24.52
C GLY B 429 5.70 -20.85 -24.46
N GLU B 430 6.00 -21.91 -25.20
CA GLU B 430 5.13 -23.08 -25.24
C GLU B 430 4.76 -23.53 -23.84
N SER B 431 5.64 -23.28 -22.87
CA SER B 431 5.39 -23.64 -21.49
C SER B 431 4.40 -22.69 -20.83
N LEU B 432 4.73 -21.39 -20.84
CA LEU B 432 3.87 -20.38 -20.26
C LEU B 432 2.49 -20.46 -20.89
N ALA B 433 2.47 -20.66 -22.21
CA ALA B 433 1.22 -20.76 -22.96
C ALA B 433 0.41 -21.98 -22.50
N ARG B 434 0.99 -23.17 -22.68
CA ARG B 434 0.35 -24.43 -22.28
C ARG B 434 -0.22 -24.36 -20.88
N LEU B 435 0.47 -23.63 -20.01
CA LEU B 435 0.03 -23.47 -18.62
C LEU B 435 -1.24 -22.62 -18.48
N GLU B 436 -1.20 -21.40 -19.03
CA GLU B 436 -2.33 -20.50 -18.95
C GLU B 436 -3.60 -21.15 -19.47
N LEU B 437 -3.48 -21.92 -20.55
CA LEU B 437 -4.65 -22.59 -21.13
C LEU B 437 -5.21 -23.64 -20.18
N PHE B 438 -4.39 -24.11 -19.26
CA PHE B 438 -4.82 -25.13 -18.31
C PHE B 438 -5.39 -24.48 -17.05
N VAL B 439 -4.69 -23.50 -16.53
CA VAL B 439 -5.13 -22.80 -15.33
C VAL B 439 -6.38 -21.94 -15.55
N VAL B 440 -6.43 -21.24 -16.68
CA VAL B 440 -7.56 -20.37 -17.00
C VAL B 440 -8.82 -21.16 -17.29
N LEU B 441 -8.74 -22.10 -18.22
CA LEU B 441 -9.90 -22.92 -18.58
C LEU B 441 -10.45 -23.73 -17.41
N ALA B 442 -9.55 -24.34 -16.65
CA ALA B 442 -9.94 -25.16 -15.50
C ALA B 442 -10.95 -24.46 -14.60
N ARG B 443 -10.55 -23.31 -14.04
CA ARG B 443 -11.43 -22.57 -13.14
C ARG B 443 -12.51 -21.79 -13.87
N LEU B 444 -12.39 -21.68 -15.18
CA LEU B 444 -13.37 -20.96 -15.98
C LEU B 444 -14.65 -21.76 -16.08
N LEU B 445 -14.51 -23.03 -16.43
CA LEU B 445 -15.66 -23.89 -16.55
C LEU B 445 -15.99 -24.44 -15.17
N GLN B 446 -15.27 -23.95 -14.16
CA GLN B 446 -15.45 -24.39 -12.78
C GLN B 446 -16.42 -23.49 -12.03
N ALA B 447 -16.20 -22.18 -12.12
CA ALA B 447 -17.05 -21.22 -11.45
C ALA B 447 -18.06 -20.59 -12.40
N PHE B 448 -18.10 -21.09 -13.63
CA PHE B 448 -19.01 -20.57 -14.63
C PHE B 448 -19.59 -21.70 -15.49
N THR B 449 -20.56 -21.35 -16.33
CA THR B 449 -21.19 -22.33 -17.21
C THR B 449 -20.93 -21.98 -18.67
N LEU B 450 -20.86 -20.69 -18.97
CA LEU B 450 -20.61 -20.19 -20.34
C LEU B 450 -21.83 -20.19 -21.27
N LEU B 451 -22.84 -19.40 -20.94
CA LEU B 451 -24.04 -19.33 -21.77
C LEU B 451 -23.96 -18.18 -22.77
N PRO B 452 -24.58 -18.36 -23.94
CA PRO B 452 -24.59 -17.34 -25.01
C PRO B 452 -25.51 -16.15 -24.69
N PRO B 453 -25.41 -15.06 -25.49
CA PRO B 453 -26.21 -13.85 -25.30
C PRO B 453 -27.65 -14.01 -25.77
N PRO B 454 -28.52 -13.09 -25.37
CA PRO B 454 -29.93 -13.12 -25.74
C PRO B 454 -30.16 -12.67 -27.17
N VAL B 455 -30.95 -13.43 -27.91
CA VAL B 455 -31.26 -13.13 -29.30
C VAL B 455 -29.97 -13.01 -30.10
N GLY B 456 -28.87 -13.45 -29.50
CA GLY B 456 -27.59 -13.38 -30.18
C GLY B 456 -27.17 -14.72 -30.75
N ALA B 457 -26.17 -14.69 -31.64
CA ALA B 457 -25.67 -15.90 -32.28
C ALA B 457 -24.30 -16.31 -31.72
N LEU B 458 -23.61 -17.22 -32.41
CA LEU B 458 -22.30 -17.70 -31.99
C LEU B 458 -21.35 -17.67 -33.19
N PRO B 459 -20.10 -17.25 -32.98
CA PRO B 459 -19.10 -17.18 -34.05
C PRO B 459 -18.49 -18.53 -34.42
N SER B 460 -17.16 -18.57 -34.53
CA SER B 460 -16.41 -19.79 -34.85
C SER B 460 -16.50 -20.13 -36.32
N LEU B 461 -16.55 -19.10 -37.15
CA LEU B 461 -16.64 -19.29 -38.59
C LEU B 461 -15.30 -19.00 -39.24
N GLN B 462 -14.39 -18.38 -38.50
CA GLN B 462 -13.06 -18.03 -38.99
C GLN B 462 -13.08 -16.80 -39.91
N PRO B 463 -12.23 -15.81 -39.61
CA PRO B 463 -12.13 -14.58 -40.40
C PRO B 463 -11.48 -14.76 -41.77
N ASP B 464 -11.58 -13.74 -42.61
CA ASP B 464 -11.00 -13.77 -43.95
C ASP B 464 -9.66 -13.03 -44.01
N PRO B 465 -9.61 -11.81 -43.48
CA PRO B 465 -8.35 -11.08 -43.57
C PRO B 465 -7.35 -11.94 -42.85
N TYR B 466 -6.13 -12.06 -43.36
CA TYR B 466 -5.18 -12.88 -42.65
C TYR B 466 -3.99 -12.10 -42.14
N CYS B 467 -3.73 -12.27 -40.85
CA CYS B 467 -2.71 -11.54 -40.14
C CYS B 467 -1.82 -12.51 -39.41
N GLY B 468 -0.68 -12.05 -38.93
CA GLY B 468 0.26 -12.99 -38.37
C GLY B 468 -0.45 -13.94 -37.45
N VAL B 469 -1.15 -13.38 -36.48
CA VAL B 469 -1.90 -14.23 -35.56
C VAL B 469 -3.24 -14.50 -36.24
N ASN B 470 -3.95 -15.51 -35.76
CA ASN B 470 -5.21 -15.89 -36.39
C ASN B 470 -6.43 -15.45 -35.55
N LEU B 471 -7.21 -14.56 -36.13
CA LEU B 471 -8.34 -13.92 -35.45
C LEU B 471 -9.59 -14.72 -35.22
N LYS B 472 -10.44 -14.25 -34.31
CA LYS B 472 -11.73 -14.88 -34.07
C LYS B 472 -12.78 -13.77 -33.91
N VAL B 473 -14.05 -14.12 -34.11
CA VAL B 473 -15.13 -13.14 -34.03
C VAL B 473 -15.41 -12.64 -32.62
N GLN B 474 -16.16 -11.55 -32.51
CA GLN B 474 -16.44 -10.91 -31.22
C GLN B 474 -17.66 -11.44 -30.48
N PRO B 475 -17.53 -12.62 -29.84
CA PRO B 475 -18.63 -13.23 -29.09
C PRO B 475 -18.84 -12.59 -27.73
N PHE B 476 -20.03 -12.78 -27.17
CA PHE B 476 -20.35 -12.22 -25.86
C PHE B 476 -21.04 -13.28 -25.00
N GLN B 477 -20.24 -14.00 -24.21
CA GLN B 477 -20.77 -15.05 -23.34
C GLN B 477 -21.25 -14.48 -22.00
N VAL B 478 -22.36 -15.03 -21.50
CA VAL B 478 -22.93 -14.59 -20.23
C VAL B 478 -22.06 -15.08 -19.06
N ARG B 479 -21.94 -16.41 -18.92
CA ARG B 479 -21.06 -17.05 -17.91
C ARG B 479 -21.27 -17.31 -16.41
N LEU B 480 -22.49 -17.59 -15.98
CA LEU B 480 -22.84 -17.80 -14.60
C LEU B 480 -23.16 -19.22 -14.07
N GLN B 481 -22.69 -19.57 -12.87
CA GLN B 481 -22.95 -20.89 -12.27
C GLN B 481 -23.40 -20.78 -10.80
N PRO B 482 -23.99 -21.86 -10.25
CA PRO B 482 -24.44 -21.83 -8.86
C PRO B 482 -23.89 -22.99 -8.01
N ARG B 483 -22.57 -23.07 -7.87
CA ARG B 483 -21.97 -24.14 -7.07
C ARG B 483 -21.90 -23.72 -5.59
N HIS C 29 -20.92 -52.72 43.83
CA HIS C 29 -19.97 -53.10 42.74
C HIS C 29 -19.24 -51.87 42.21
N LEU C 30 -18.06 -51.61 42.77
CA LEU C 30 -17.25 -50.46 42.37
C LEU C 30 -15.82 -50.93 42.13
N PRO C 31 -15.04 -50.16 41.36
CA PRO C 31 -13.65 -50.54 41.09
C PRO C 31 -12.77 -50.42 42.32
N PRO C 32 -11.58 -51.06 42.31
CA PRO C 32 -10.65 -51.03 43.44
C PRO C 32 -10.14 -49.63 43.76
N LEU C 33 -9.59 -49.45 44.96
CA LEU C 33 -9.06 -48.15 45.39
C LEU C 33 -7.66 -48.29 45.98
N VAL C 34 -6.72 -47.50 45.47
CA VAL C 34 -5.35 -47.53 45.96
C VAL C 34 -5.23 -46.66 47.21
N PRO C 35 -4.59 -47.20 48.25
CA PRO C 35 -4.49 -46.38 49.44
C PRO C 35 -3.43 -45.34 49.25
N GLY C 36 -3.84 -44.10 49.11
CA GLY C 36 -2.87 -43.05 48.95
C GLY C 36 -3.54 -41.72 49.19
N PHE C 37 -2.77 -40.67 49.42
CA PHE C 37 -3.42 -39.38 49.53
C PHE C 37 -2.94 -38.31 48.57
N LEU C 38 -1.74 -38.39 48.05
CA LEU C 38 -1.37 -37.41 47.04
C LEU C 38 -0.66 -38.07 45.91
N HIS C 39 -1.41 -38.86 45.15
CA HIS C 39 -0.80 -39.54 44.04
C HIS C 39 -0.39 -38.55 43.00
N LEU C 40 -1.04 -37.39 43.04
CA LEU C 40 -0.75 -36.36 42.07
C LEU C 40 0.73 -36.00 42.14
N LEU C 41 1.33 -36.13 43.30
CA LEU C 41 2.74 -35.84 43.43
C LEU C 41 3.46 -36.98 42.71
N GLN C 42 4.77 -36.82 42.53
CA GLN C 42 5.55 -37.88 41.92
C GLN C 42 5.79 -37.62 40.47
N PRO C 43 6.98 -37.99 40.00
CA PRO C 43 7.28 -37.74 38.59
C PRO C 43 6.64 -38.69 37.58
N ASN C 44 6.09 -38.12 36.53
CA ASN C 44 5.45 -38.90 35.47
C ASN C 44 4.13 -39.55 35.86
N LEU C 45 3.21 -38.74 36.37
CA LEU C 45 1.89 -39.20 36.78
C LEU C 45 1.30 -40.26 35.84
N PRO C 46 1.40 -40.04 34.51
CA PRO C 46 0.86 -41.00 33.54
C PRO C 46 1.50 -42.38 33.57
N ILE C 47 2.80 -42.45 33.83
CA ILE C 47 3.48 -43.73 33.89
C ILE C 47 3.17 -44.45 35.18
N HIS C 48 2.76 -43.70 36.20
CA HIS C 48 2.42 -44.28 37.49
C HIS C 48 1.02 -44.86 37.50
N LEU C 49 0.08 -44.14 36.90
CA LEU C 49 -1.29 -44.62 36.82
C LEU C 49 -1.30 -45.93 36.05
N LEU C 50 -0.26 -46.13 35.24
CA LEU C 50 -0.11 -47.34 34.43
C LEU C 50 0.50 -48.45 35.27
N SER C 51 1.47 -48.09 36.11
CA SER C 51 2.14 -49.06 36.99
C SER C 51 1.17 -49.73 37.93
N LEU C 52 0.14 -49.01 38.35
CA LEU C 52 -0.84 -49.57 39.27
C LEU C 52 -1.75 -50.55 38.58
N THR C 53 -1.78 -50.43 37.26
CA THR C 53 -2.60 -51.24 36.39
C THR C 53 -2.21 -52.67 36.48
N GLN C 54 -0.91 -52.90 36.58
CA GLN C 54 -0.44 -54.26 36.56
C GLN C 54 -1.08 -55.05 37.66
N LYS C 55 -1.04 -54.54 38.88
CA LYS C 55 -1.68 -55.27 39.94
C LYS C 55 -3.19 -55.18 39.82
N LEU C 56 -3.69 -53.95 39.69
CA LEU C 56 -5.12 -53.71 39.63
C LEU C 56 -5.82 -54.04 38.34
N GLY C 57 -5.19 -53.73 37.21
CA GLY C 57 -5.87 -53.91 35.95
C GLY C 57 -6.17 -52.55 35.34
N PRO C 58 -6.91 -52.55 34.24
CA PRO C 58 -7.28 -51.34 33.52
C PRO C 58 -8.01 -50.27 34.24
N VAL C 59 -9.03 -50.62 34.98
CA VAL C 59 -9.78 -49.60 35.67
C VAL C 59 -9.63 -49.71 37.15
N TYR C 60 -9.18 -48.65 37.79
CA TYR C 60 -9.05 -48.67 39.23
C TYR C 60 -9.24 -47.27 39.73
N ARG C 61 -9.73 -47.15 40.97
CA ARG C 61 -9.91 -45.84 41.59
C ARG C 61 -8.63 -45.43 42.30
N LEU C 62 -8.31 -44.15 42.24
CA LEU C 62 -7.15 -43.61 42.91
C LEU C 62 -7.46 -42.26 43.51
N ARG C 63 -6.82 -41.94 44.64
CA ARG C 63 -6.97 -40.63 45.27
C ARG C 63 -5.85 -39.68 44.80
N LEU C 64 -5.97 -39.11 43.60
CA LEU C 64 -4.91 -38.23 43.12
C LEU C 64 -4.76 -37.02 43.98
N GLY C 65 -5.87 -36.37 44.32
CA GLY C 65 -5.79 -35.18 45.14
C GLY C 65 -6.12 -35.56 46.55
N LEU C 66 -7.26 -35.09 47.03
CA LEU C 66 -7.71 -35.50 48.35
C LEU C 66 -8.93 -36.36 48.16
N GLN C 67 -9.27 -36.62 46.89
CA GLN C 67 -10.49 -37.32 46.57
C GLN C 67 -10.33 -38.53 45.72
N GLU C 68 -11.30 -39.43 45.79
CA GLU C 68 -11.27 -40.65 44.98
C GLU C 68 -11.77 -40.39 43.56
N VAL C 69 -10.92 -40.72 42.59
CA VAL C 69 -11.25 -40.54 41.20
C VAL C 69 -10.96 -41.81 40.44
N VAL C 70 -11.67 -42.04 39.34
CA VAL C 70 -11.48 -43.24 38.51
C VAL C 70 -10.47 -42.96 37.38
N VAL C 71 -9.68 -43.97 37.02
CA VAL C 71 -8.68 -43.82 35.99
C VAL C 71 -8.69 -45.02 35.04
N LEU C 72 -8.78 -44.74 33.75
CA LEU C 72 -8.80 -45.78 32.73
C LEU C 72 -7.44 -45.79 32.04
N ASN C 73 -6.76 -46.94 32.05
CA ASN C 73 -5.44 -47.05 31.43
C ASN C 73 -5.33 -48.00 30.23
N SER C 74 -6.47 -48.50 29.72
CA SER C 74 -6.47 -49.41 28.58
C SER C 74 -7.18 -48.76 27.41
N LYS C 75 -6.67 -48.99 26.22
CA LYS C 75 -7.28 -48.40 25.04
C LYS C 75 -8.73 -48.80 24.86
N ARG C 76 -9.13 -49.86 25.56
CA ARG C 76 -10.52 -50.36 25.46
C ARG C 76 -11.52 -49.71 26.41
N THR C 77 -11.18 -49.67 27.69
CA THR C 77 -12.06 -49.11 28.71
C THR C 77 -12.22 -47.62 28.45
N ILE C 78 -11.10 -46.96 28.23
CA ILE C 78 -11.10 -45.52 27.98
C ILE C 78 -11.93 -45.20 26.74
N GLU C 79 -12.40 -46.23 26.05
CA GLU C 79 -13.18 -46.04 24.84
C GLU C 79 -14.62 -46.50 25.07
N GLU C 80 -14.82 -47.37 26.05
CA GLU C 80 -16.14 -47.88 26.36
C GLU C 80 -16.93 -46.77 27.05
N ALA C 81 -16.30 -46.10 27.99
CA ALA C 81 -16.95 -45.03 28.75
C ALA C 81 -16.98 -43.74 27.98
N MET C 82 -16.34 -43.75 26.82
CA MET C 82 -16.30 -42.57 25.98
C MET C 82 -17.17 -42.68 24.74
N ILE C 83 -17.04 -43.79 24.02
CA ILE C 83 -17.81 -44.00 22.80
C ILE C 83 -19.07 -44.83 23.06
N ARG C 84 -18.91 -46.06 23.56
CA ARG C 84 -20.06 -46.90 23.82
C ARG C 84 -21.10 -46.19 24.70
N LYS C 85 -20.65 -45.67 25.84
CA LYS C 85 -21.53 -44.96 26.75
C LYS C 85 -21.98 -43.64 26.15
N TRP C 86 -21.06 -42.70 26.06
CA TRP C 86 -21.32 -41.39 25.50
C TRP C 86 -21.86 -40.46 26.54
N VAL C 87 -23.18 -40.39 26.67
CA VAL C 87 -23.77 -39.49 27.63
C VAL C 87 -23.37 -39.76 29.05
N ASP C 88 -23.09 -41.02 29.37
CA ASP C 88 -22.81 -41.36 30.76
C ASP C 88 -21.65 -40.54 31.30
N PHE C 89 -20.60 -40.39 30.51
CA PHE C 89 -19.44 -39.66 30.98
C PHE C 89 -19.11 -38.57 29.99
N ALA C 90 -19.92 -37.52 30.01
CA ALA C 90 -19.78 -36.39 29.09
C ALA C 90 -19.71 -35.06 29.80
N GLY C 91 -20.22 -35.01 31.00
CA GLY C 91 -20.24 -33.77 31.74
C GLY C 91 -18.89 -33.58 32.37
N ARG C 92 -18.57 -32.35 32.73
CA ARG C 92 -17.29 -32.02 33.36
C ARG C 92 -17.52 -31.59 34.81
N PRO C 93 -16.56 -31.90 35.70
CA PRO C 93 -16.68 -31.54 37.11
C PRO C 93 -16.46 -30.05 37.29
N GLN C 94 -17.44 -29.37 37.87
CA GLN C 94 -17.36 -27.94 38.09
C GLN C 94 -16.54 -27.58 39.33
N ILE C 95 -15.24 -27.87 39.27
CA ILE C 95 -14.35 -27.53 40.39
C ILE C 95 -14.20 -26.02 40.50
N PRO C 96 -13.79 -25.52 41.68
CA PRO C 96 -13.63 -24.08 41.90
C PRO C 96 -12.53 -23.44 41.05
N SER C 97 -11.89 -24.22 40.19
CA SER C 97 -10.83 -23.70 39.34
C SER C 97 -11.30 -23.35 37.94
N TYR C 98 -12.39 -23.98 37.50
CA TYR C 98 -12.92 -23.73 36.18
C TYR C 98 -13.74 -22.43 36.12
N LYS C 99 -14.67 -22.30 37.04
CA LYS C 99 -15.52 -21.11 37.11
C LYS C 99 -14.70 -19.86 37.36
N LEU C 100 -13.40 -20.04 37.58
CA LEU C 100 -12.52 -18.90 37.77
C LEU C 100 -12.41 -18.13 36.46
N VAL C 101 -12.33 -18.85 35.34
CA VAL C 101 -12.15 -18.20 34.05
C VAL C 101 -13.38 -17.98 33.20
N SER C 102 -14.54 -18.40 33.67
CA SER C 102 -15.75 -18.25 32.87
C SER C 102 -16.24 -16.83 32.60
N GLN C 103 -16.17 -15.98 33.63
CA GLN C 103 -16.72 -14.64 33.56
C GLN C 103 -18.25 -14.73 33.40
N ARG C 104 -18.80 -14.14 32.34
CA ARG C 104 -20.26 -14.13 32.11
C ARG C 104 -20.70 -15.55 32.14
N CYS C 105 -19.73 -16.42 31.91
CA CYS C 105 -19.93 -17.82 32.14
C CYS C 105 -20.25 -18.76 31.04
N GLN C 106 -19.91 -20.02 31.30
CA GLN C 106 -20.18 -21.08 30.36
C GLN C 106 -19.12 -21.02 29.31
N ASP C 107 -18.99 -22.08 28.55
CA ASP C 107 -18.07 -22.11 27.44
C ASP C 107 -17.70 -23.55 27.39
N ILE C 108 -16.70 -23.84 26.61
CA ILE C 108 -16.23 -25.18 26.36
C ILE C 108 -15.02 -25.73 27.18
N SER C 109 -14.79 -27.04 27.07
CA SER C 109 -13.68 -27.74 27.72
C SER C 109 -13.76 -27.70 29.24
N LEU C 110 -14.71 -26.94 29.77
CA LEU C 110 -14.88 -26.84 31.22
C LEU C 110 -16.34 -26.76 31.62
N GLY C 111 -17.20 -26.53 30.65
CA GLY C 111 -18.63 -26.42 30.93
C GLY C 111 -19.27 -27.78 30.89
N ASP C 112 -20.27 -27.97 31.75
CA ASP C 112 -20.97 -29.24 31.86
C ASP C 112 -21.71 -29.45 30.56
N TYR C 113 -22.28 -30.62 30.40
CA TYR C 113 -23.01 -30.97 29.19
C TYR C 113 -24.21 -30.13 29.35
N SER C 114 -25.15 -30.29 28.45
CA SER C 114 -26.38 -29.54 28.55
C SER C 114 -26.55 -29.46 27.07
N LEU C 115 -27.69 -29.00 26.60
CA LEU C 115 -27.89 -28.92 25.16
C LEU C 115 -27.12 -27.74 24.62
N LEU C 116 -27.15 -26.64 25.37
CA LEU C 116 -26.53 -25.44 24.89
C LEU C 116 -25.09 -25.67 24.55
N TRP C 117 -24.40 -26.35 25.44
CA TRP C 117 -23.00 -26.64 25.21
C TRP C 117 -22.98 -27.46 23.96
N LYS C 118 -23.91 -28.41 23.88
CA LYS C 118 -24.01 -29.25 22.71
C LYS C 118 -24.11 -28.36 21.45
N ALA C 119 -25.02 -27.39 21.48
CA ALA C 119 -25.21 -26.48 20.35
C ALA C 119 -24.08 -25.46 20.32
N HIS C 120 -23.41 -25.30 21.45
CA HIS C 120 -22.30 -24.37 21.59
C HIS C 120 -21.08 -24.94 20.86
N LYS C 121 -20.88 -26.25 20.99
CA LYS C 121 -19.78 -26.95 20.36
C LYS C 121 -19.95 -26.95 18.84
N LYS C 122 -21.15 -27.30 18.40
CA LYS C 122 -21.48 -27.37 16.97
C LYS C 122 -21.26 -26.05 16.24
N LEU C 123 -21.42 -24.93 16.95
CA LEU C 123 -21.24 -23.62 16.33
C LEU C 123 -19.76 -23.24 16.20
N THR C 124 -19.01 -23.34 17.30
CA THR C 124 -17.60 -22.99 17.31
C THR C 124 -16.76 -24.02 16.56
N ARG C 125 -17.34 -25.20 16.36
CA ARG C 125 -16.66 -26.23 15.59
C ARG C 125 -16.70 -25.90 14.09
N SER C 126 -17.87 -25.45 13.64
CA SER C 126 -18.09 -25.19 12.23
C SER C 126 -17.19 -24.13 11.66
N ALA C 127 -16.94 -23.10 12.44
CA ALA C 127 -16.11 -22.01 11.97
C ALA C 127 -14.81 -22.63 11.59
N LEU C 128 -14.52 -23.75 12.23
CA LEU C 128 -13.28 -24.41 11.94
C LEU C 128 -13.23 -24.71 10.46
N LEU C 129 -14.39 -25.01 9.86
CA LEU C 129 -14.41 -25.32 8.42
C LEU C 129 -15.15 -24.47 7.41
N LEU C 130 -16.35 -24.03 7.76
CA LEU C 130 -17.17 -23.25 6.85
C LEU C 130 -16.71 -21.83 7.08
N ARG C 133 -16.85 -19.15 2.61
CA ARG C 133 -16.43 -18.61 1.33
C ARG C 133 -14.90 -18.66 1.26
N SER C 134 -14.27 -18.62 2.43
CA SER C 134 -12.82 -18.66 2.53
C SER C 134 -12.37 -20.08 2.85
N SER C 135 -11.16 -20.44 2.40
CA SER C 135 -10.60 -21.77 2.63
C SER C 135 -9.49 -21.74 3.68
N MET C 136 -9.65 -22.56 4.71
CA MET C 136 -8.67 -22.63 5.79
C MET C 136 -7.50 -23.56 5.46
N GLU C 137 -7.37 -23.90 4.19
CA GLU C 137 -6.31 -24.78 3.70
C GLU C 137 -5.11 -24.01 3.15
N PRO C 138 -5.35 -23.13 2.17
CA PRO C 138 -4.26 -22.36 1.56
C PRO C 138 -3.39 -21.54 2.51
N TRP C 139 -4.02 -20.72 3.34
CA TRP C 139 -3.26 -19.89 4.28
C TRP C 139 -2.25 -20.67 5.11
N VAL C 140 -2.64 -21.85 5.59
CA VAL C 140 -1.76 -22.66 6.40
C VAL C 140 -0.48 -23.02 5.63
N ASP C 141 -0.66 -23.54 4.41
CA ASP C 141 0.47 -23.93 3.56
C ASP C 141 1.35 -22.74 3.20
N GLN C 142 0.82 -21.53 3.33
CA GLN C 142 1.58 -20.34 3.01
C GLN C 142 2.26 -19.78 4.25
N LEU C 143 1.49 -19.65 5.33
CA LEU C 143 2.03 -19.13 6.59
C LEU C 143 3.31 -19.85 7.03
N THR C 144 3.32 -21.16 6.83
CA THR C 144 4.46 -21.97 7.19
C THR C 144 5.67 -21.65 6.31
N GLN C 145 5.42 -21.36 5.05
CA GLN C 145 6.50 -21.04 4.13
C GLN C 145 7.29 -19.84 4.65
N GLU C 146 6.58 -18.80 5.04
CA GLU C 146 7.22 -17.59 5.56
C GLU C 146 8.14 -17.97 6.70
N PHE C 147 7.73 -18.99 7.45
CA PHE C 147 8.51 -19.48 8.58
C PHE C 147 9.78 -20.17 8.09
N CYS C 148 9.67 -20.98 7.05
CA CYS C 148 10.82 -21.68 6.48
C CYS C 148 11.91 -20.67 6.11
N GLU C 149 11.50 -19.61 5.44
CA GLU C 149 12.44 -18.57 5.02
C GLU C 149 13.06 -17.93 6.26
N ARG C 150 12.20 -17.55 7.19
CA ARG C 150 12.63 -16.92 8.43
C ARG C 150 13.69 -17.76 9.12
N MET C 151 13.64 -19.05 8.87
CA MET C 151 14.57 -19.99 9.48
C MET C 151 15.74 -20.24 8.54
N ARG C 152 15.44 -20.35 7.26
CA ARG C 152 16.45 -20.60 6.26
C ARG C 152 17.59 -19.59 6.34
N VAL C 153 17.24 -18.36 6.70
CA VAL C 153 18.25 -17.31 6.81
C VAL C 153 19.13 -17.55 8.03
N GLN C 154 18.55 -18.12 9.07
CA GLN C 154 19.27 -18.40 10.30
C GLN C 154 20.50 -19.27 9.99
N ALA C 155 20.24 -20.52 9.62
CA ALA C 155 21.29 -21.47 9.29
C ALA C 155 22.04 -21.91 10.54
N GLY C 156 22.08 -21.05 11.55
CA GLY C 156 22.77 -21.38 12.79
C GLY C 156 21.98 -22.36 13.64
N ALA C 157 22.17 -22.30 14.96
CA ALA C 157 21.46 -23.19 15.86
C ALA C 157 20.40 -22.44 16.66
N PRO C 158 19.20 -22.25 16.09
CA PRO C 158 18.10 -21.54 16.75
C PRO C 158 17.28 -22.45 17.67
N VAL C 159 16.43 -21.89 18.51
CA VAL C 159 15.65 -22.73 19.41
C VAL C 159 14.27 -22.90 18.83
N THR C 160 14.00 -24.11 18.39
CA THR C 160 12.74 -24.41 17.77
C THR C 160 11.54 -24.33 18.67
N ILE C 161 11.71 -24.80 19.90
CA ILE C 161 10.55 -24.95 20.77
C ILE C 161 9.75 -23.72 20.69
N GLN C 162 10.44 -22.60 20.82
CA GLN C 162 9.75 -21.35 20.75
C GLN C 162 9.22 -21.06 19.34
N LYS C 163 10.05 -21.32 18.33
CA LYS C 163 9.65 -20.95 16.98
C LYS C 163 8.41 -21.60 16.47
N GLU C 164 8.34 -22.92 16.58
CA GLU C 164 7.17 -23.59 16.07
C GLU C 164 6.02 -23.05 16.88
N PHE C 165 6.31 -22.78 18.15
CA PHE C 165 5.30 -22.25 19.04
C PHE C 165 4.83 -20.96 18.41
N SER C 166 5.77 -20.18 17.91
CA SER C 166 5.39 -18.92 17.30
C SER C 166 4.61 -19.08 16.01
N LEU C 167 4.99 -20.05 15.20
CA LEU C 167 4.38 -20.19 13.90
C LEU C 167 2.89 -20.45 13.91
N LEU C 168 2.42 -21.41 14.69
CA LEU C 168 0.99 -21.69 14.71
C LEU C 168 0.19 -20.48 15.20
N THR C 169 0.82 -19.68 16.07
CA THR C 169 0.15 -18.51 16.61
C THR C 169 -0.25 -17.63 15.44
N CYS C 170 0.65 -17.47 14.49
CA CYS C 170 0.38 -16.67 13.30
C CYS C 170 -0.72 -17.33 12.46
N SER C 171 -0.87 -18.64 12.61
CA SER C 171 -1.86 -19.41 11.86
C SER C 171 -3.26 -19.29 12.44
N ILE C 172 -3.38 -19.63 13.73
CA ILE C 172 -4.65 -19.59 14.43
C ILE C 172 -5.13 -18.16 14.40
N ILE C 173 -4.28 -17.27 14.91
CA ILE C 173 -4.59 -15.84 14.96
C ILE C 173 -5.11 -15.28 13.63
N CYS C 174 -4.55 -15.75 12.52
CA CYS C 174 -4.92 -15.29 11.17
C CYS C 174 -6.31 -15.55 10.64
N TYR C 175 -6.78 -16.78 10.81
CA TYR C 175 -8.09 -17.15 10.31
C TYR C 175 -9.04 -17.27 11.48
N LEU C 176 -8.93 -16.36 12.44
CA LEU C 176 -9.80 -16.38 13.62
C LEU C 176 -10.10 -15.04 14.27
N THR C 177 -9.19 -14.08 14.11
CA THR C 177 -9.42 -12.74 14.69
C THR C 177 -8.92 -11.68 13.72
N PHE C 178 -9.86 -10.92 13.19
CA PHE C 178 -9.58 -9.83 12.24
C PHE C 178 -8.56 -10.20 11.16
N GLY C 179 -8.17 -11.48 11.09
CA GLY C 179 -7.21 -11.94 10.11
C GLY C 179 -5.92 -11.17 10.24
N ASN C 180 -5.82 -10.37 11.30
CA ASN C 180 -4.64 -9.53 11.58
C ASN C 180 -3.32 -10.18 11.27
N LYS C 181 -3.00 -11.25 11.99
CA LYS C 181 -1.73 -11.96 11.74
C LYS C 181 -0.51 -11.07 11.64
N GLU C 182 -0.55 -9.89 12.25
CA GLU C 182 0.59 -8.99 12.15
C GLU C 182 1.42 -9.35 13.33
N ASP C 183 2.73 -9.32 13.17
CA ASP C 183 3.63 -9.67 14.24
C ASP C 183 3.43 -8.76 15.48
N THR C 184 2.63 -7.70 15.31
CA THR C 184 2.34 -6.76 16.39
C THR C 184 1.20 -7.25 17.31
N LEU C 185 0.19 -7.86 16.69
CA LEU C 185 -0.98 -8.36 17.41
C LEU C 185 -0.83 -9.86 17.69
N VAL C 186 0.14 -10.48 17.03
CA VAL C 186 0.40 -11.89 17.22
C VAL C 186 1.30 -12.11 18.42
N HIS C 187 2.46 -11.45 18.43
CA HIS C 187 3.39 -11.57 19.54
C HIS C 187 2.74 -11.11 20.83
N ALA C 188 1.61 -10.43 20.71
CA ALA C 188 0.87 -9.92 21.87
C ALA C 188 -0.08 -11.01 22.34
N PHE C 189 -0.72 -11.69 21.39
CA PHE C 189 -1.64 -12.77 21.71
C PHE C 189 -0.87 -14.01 22.10
N HIS C 190 0.22 -14.26 21.37
CA HIS C 190 1.07 -15.42 21.65
C HIS C 190 1.61 -15.34 23.08
N ASP C 191 2.02 -14.15 23.50
CA ASP C 191 2.54 -13.92 24.84
C ASP C 191 1.46 -14.12 25.91
N CYS C 192 0.23 -13.79 25.57
CA CYS C 192 -0.90 -13.95 26.48
C CYS C 192 -1.14 -15.44 26.73
N VAL C 193 -0.78 -16.28 25.77
CA VAL C 193 -0.97 -17.72 25.89
C VAL C 193 -0.06 -18.31 26.94
N GLN C 194 1.25 -18.22 26.71
CA GLN C 194 2.22 -18.75 27.66
C GLN C 194 2.04 -18.22 29.08
N ASP C 195 1.74 -16.94 29.20
CA ASP C 195 1.55 -16.33 30.52
C ASP C 195 0.21 -16.68 31.15
N LEU C 196 -0.68 -17.25 30.34
CA LEU C 196 -2.00 -17.64 30.83
C LEU C 196 -2.00 -19.12 31.20
N MET C 197 -0.83 -19.76 31.06
CA MET C 197 -0.67 -21.20 31.36
C MET C 197 0.02 -21.55 32.67
N LYS C 198 1.09 -20.84 32.96
CA LYS C 198 1.85 -21.11 34.16
C LYS C 198 1.13 -20.48 35.32
N THR C 199 0.03 -19.81 35.01
CA THR C 199 -0.77 -19.15 36.05
C THR C 199 -2.00 -19.98 36.39
N TRP C 200 -2.34 -20.92 35.52
CA TRP C 200 -3.50 -21.78 35.75
C TRP C 200 -3.04 -23.15 36.22
N ASP C 201 -1.84 -23.54 35.79
CA ASP C 201 -1.27 -24.82 36.20
C ASP C 201 -0.12 -24.62 37.19
N HIS C 202 -0.47 -24.19 38.40
CA HIS C 202 0.50 -23.97 39.44
C HIS C 202 -0.18 -24.29 40.77
N TRP C 203 0.44 -25.16 41.55
CA TRP C 203 -0.07 -25.57 42.87
C TRP C 203 -0.78 -24.49 43.67
N SER C 204 -0.37 -23.24 43.47
CA SER C 204 -0.93 -22.11 44.19
C SER C 204 -2.41 -21.96 43.84
N ILE C 205 -2.71 -22.11 42.55
CA ILE C 205 -4.09 -21.99 42.09
C ILE C 205 -4.80 -23.34 42.12
N GLN C 206 -4.02 -24.43 42.07
CA GLN C 206 -4.59 -25.78 42.09
C GLN C 206 -5.09 -26.19 43.47
N ILE C 207 -4.31 -25.92 44.51
CA ILE C 207 -4.69 -26.27 45.87
C ILE C 207 -6.07 -25.71 46.21
N LEU C 208 -6.40 -24.56 45.62
CA LEU C 208 -7.69 -23.92 45.86
C LEU C 208 -8.84 -24.87 45.58
N ASP C 209 -8.57 -25.91 44.78
CA ASP C 209 -9.58 -26.90 44.41
C ASP C 209 -9.57 -28.09 45.36
N MET C 210 -8.38 -28.46 45.83
CA MET C 210 -8.25 -29.58 46.76
C MET C 210 -8.77 -29.16 48.13
N VAL C 211 -8.44 -27.93 48.53
CA VAL C 211 -8.87 -27.36 49.81
C VAL C 211 -9.48 -25.98 49.57
N PRO C 212 -10.82 -25.92 49.38
CA PRO C 212 -11.54 -24.68 49.13
C PRO C 212 -11.61 -23.74 50.33
N PHE C 213 -11.71 -24.28 51.53
CA PHE C 213 -11.81 -23.49 52.75
C PHE C 213 -10.46 -23.04 53.28
N LEU C 214 -9.53 -22.71 52.37
CA LEU C 214 -8.21 -22.26 52.76
C LEU C 214 -8.28 -20.76 53.03
N ARG C 215 -9.51 -20.28 53.29
CA ARG C 215 -9.76 -18.86 53.54
C ARG C 215 -9.38 -18.03 52.32
N PHE C 216 -8.99 -18.72 51.25
CA PHE C 216 -8.71 -18.03 50.02
C PHE C 216 -7.85 -16.87 50.42
N PHE C 217 -6.90 -17.19 51.27
CA PHE C 217 -5.99 -16.18 51.75
C PHE C 217 -5.38 -15.70 50.47
N PRO C 218 -4.93 -14.46 50.44
CA PRO C 218 -4.32 -13.95 49.21
C PRO C 218 -3.15 -14.85 48.91
N ASN C 219 -3.01 -15.30 47.67
CA ASN C 219 -1.88 -16.14 47.32
C ASN C 219 -1.22 -15.62 46.07
N PRO C 220 0.05 -15.97 45.88
CA PRO C 220 0.81 -15.53 44.73
C PRO C 220 0.24 -15.96 43.40
N GLY C 221 -0.23 -17.18 43.25
CA GLY C 221 -0.71 -17.55 41.94
C GLY C 221 -2.04 -16.92 41.58
N LEU C 222 -2.98 -16.92 42.53
CA LEU C 222 -4.30 -16.38 42.30
C LEU C 222 -4.20 -14.98 41.72
N TRP C 223 -3.32 -14.17 42.30
CA TRP C 223 -3.12 -12.80 41.85
C TRP C 223 -2.53 -12.73 40.45
N ARG C 224 -1.61 -13.64 40.16
CA ARG C 224 -0.98 -13.66 38.85
C ARG C 224 -1.96 -14.14 37.77
N LEU C 225 -2.79 -15.12 38.09
CA LEU C 225 -3.74 -15.68 37.13
C LEU C 225 -4.79 -14.65 36.75
N LYS C 226 -5.32 -13.96 37.75
CA LYS C 226 -6.33 -12.95 37.50
C LYS C 226 -5.80 -11.80 36.67
N GLN C 227 -4.57 -11.36 36.95
CA GLN C 227 -3.95 -10.27 36.21
C GLN C 227 -3.62 -10.70 34.79
N ALA C 228 -3.05 -11.89 34.66
CA ALA C 228 -2.69 -12.41 33.35
C ALA C 228 -3.93 -12.78 32.56
N ILE C 229 -4.96 -13.26 33.25
CA ILE C 229 -6.19 -13.65 32.59
C ILE C 229 -6.94 -12.42 32.08
N GLU C 230 -6.70 -11.28 32.73
CA GLU C 230 -7.33 -10.02 32.32
C GLU C 230 -7.00 -9.71 30.87
N ASN C 231 -5.74 -9.91 30.49
CA ASN C 231 -5.30 -9.65 29.13
C ASN C 231 -6.15 -10.46 28.16
N ARG C 232 -6.60 -11.62 28.63
CA ARG C 232 -7.44 -12.50 27.81
C ARG C 232 -8.86 -11.95 27.70
N ASP C 233 -9.27 -11.15 28.68
CA ASP C 233 -10.61 -10.58 28.69
C ASP C 233 -10.67 -9.28 27.90
N HIS C 234 -9.51 -8.65 27.70
CA HIS C 234 -9.45 -7.40 26.96
C HIS C 234 -9.09 -7.62 25.51
N MET C 235 -8.02 -8.36 25.28
CA MET C 235 -7.59 -8.64 23.91
C MET C 235 -8.71 -9.20 23.03
N VAL C 236 -9.50 -10.11 23.60
CA VAL C 236 -10.60 -10.70 22.88
C VAL C 236 -11.75 -9.70 22.73
N GLU C 237 -12.11 -9.03 23.82
CA GLU C 237 -13.17 -8.05 23.80
C GLU C 237 -12.82 -6.92 22.87
N LYS C 238 -11.53 -6.68 22.69
CA LYS C 238 -11.06 -5.63 21.79
C LYS C 238 -11.29 -6.04 20.35
N GLN C 239 -10.80 -7.23 19.99
CA GLN C 239 -10.95 -7.74 18.62
C GLN C 239 -12.41 -7.88 18.21
N LEU C 240 -13.27 -8.27 19.15
CA LEU C 240 -14.70 -8.44 18.90
C LEU C 240 -15.35 -7.24 18.23
N ARG C 241 -15.07 -6.05 18.74
CA ARG C 241 -15.64 -4.84 18.17
C ARG C 241 -15.17 -4.59 16.74
N ARG C 242 -13.87 -4.78 16.52
CA ARG C 242 -13.29 -4.58 15.19
C ARG C 242 -13.96 -5.46 14.15
N HIS C 243 -14.71 -6.45 14.62
CA HIS C 243 -15.44 -7.36 13.75
C HIS C 243 -16.92 -6.99 13.85
N LYS C 244 -17.27 -6.30 14.93
CA LYS C 244 -18.64 -5.86 15.16
C LYS C 244 -18.97 -4.68 14.26
N GLU C 245 -17.97 -3.83 14.02
CA GLU C 245 -18.12 -2.66 13.16
C GLU C 245 -17.90 -3.05 11.71
N SER C 246 -17.00 -3.99 11.48
CA SER C 246 -16.68 -4.40 10.13
C SER C 246 -17.55 -5.55 9.66
N MET C 247 -18.54 -5.88 10.48
CA MET C 247 -19.45 -7.00 10.22
C MET C 247 -20.28 -6.88 8.95
N VAL C 248 -20.48 -8.01 8.28
CA VAL C 248 -21.22 -8.07 7.04
C VAL C 248 -21.80 -9.47 6.84
N ALA C 249 -22.73 -9.61 5.92
CA ALA C 249 -23.39 -10.90 5.69
C ALA C 249 -22.40 -11.99 5.33
N GLY C 250 -21.41 -11.65 4.52
CA GLY C 250 -20.40 -12.63 4.17
C GLY C 250 -19.55 -12.89 5.39
N GLN C 251 -18.93 -14.07 5.46
CA GLN C 251 -18.07 -14.40 6.58
C GLN C 251 -16.68 -13.88 6.27
N TRP C 252 -16.22 -13.02 7.17
CA TRP C 252 -14.95 -12.33 7.01
C TRP C 252 -13.90 -13.38 7.11
N ARG C 253 -12.67 -12.99 6.78
CA ARG C 253 -11.58 -13.93 6.81
C ARG C 253 -11.51 -14.52 8.20
N ASP C 254 -11.74 -13.69 9.21
CA ASP C 254 -11.72 -14.17 10.58
C ASP C 254 -12.89 -15.13 10.80
N MET C 255 -12.68 -16.12 11.66
CA MET C 255 -13.75 -17.03 12.07
C MET C 255 -14.70 -16.26 13.02
N THR C 256 -14.18 -15.25 13.69
CA THR C 256 -14.98 -14.45 14.61
C THR C 256 -16.26 -13.94 13.94
N ASP C 257 -16.11 -13.42 12.73
CA ASP C 257 -17.26 -12.88 11.99
C ASP C 257 -18.34 -13.95 11.79
N TYR C 258 -17.93 -15.22 11.80
CA TYR C 258 -18.85 -16.32 11.64
C TYR C 258 -19.60 -16.58 12.94
N MET C 259 -18.84 -16.78 14.02
CA MET C 259 -19.43 -17.05 15.33
C MET C 259 -20.19 -15.85 15.88
N LEU C 260 -19.55 -14.69 15.87
CA LEU C 260 -20.15 -13.47 16.37
C LEU C 260 -21.42 -13.15 15.61
N GLN C 261 -21.61 -13.79 14.46
CA GLN C 261 -22.79 -13.57 13.63
C GLN C 261 -23.90 -14.57 13.97
N GLY C 262 -23.55 -15.85 13.93
CA GLY C 262 -24.54 -16.87 14.23
C GLY C 262 -25.11 -16.75 15.62
N VAL C 263 -24.53 -15.87 16.43
CA VAL C 263 -25.01 -15.66 17.80
C VAL C 263 -25.86 -14.39 17.89
N GLN C 274 -30.47 -20.65 23.60
CA GLN C 274 -29.82 -19.53 24.29
C GLN C 274 -28.62 -19.07 23.47
N LEU C 275 -27.45 -19.63 23.76
CA LEU C 275 -26.28 -19.30 22.97
C LEU C 275 -25.98 -17.81 22.81
N LEU C 276 -25.94 -17.10 23.93
CA LEU C 276 -25.71 -15.65 23.91
C LEU C 276 -24.30 -15.25 23.47
N GLU C 277 -24.13 -13.96 23.21
CA GLU C 277 -22.88 -13.43 22.69
C GLU C 277 -21.58 -13.67 23.42
N GLY C 278 -21.62 -13.61 24.74
CA GLY C 278 -20.42 -13.77 25.52
C GLY C 278 -19.73 -15.06 25.19
N HIS C 279 -20.54 -16.08 24.96
CA HIS C 279 -20.01 -17.39 24.66
C HIS C 279 -19.05 -17.23 23.52
N VAL C 280 -19.36 -16.29 22.64
CA VAL C 280 -18.47 -16.03 21.55
C VAL C 280 -17.15 -15.57 22.15
N HIS C 281 -17.22 -14.68 23.14
CA HIS C 281 -16.00 -14.18 23.78
C HIS C 281 -15.11 -15.33 24.26
N MET C 282 -15.73 -16.41 24.73
CA MET C 282 -14.98 -17.55 25.22
C MET C 282 -14.58 -18.49 24.07
N SER C 283 -15.50 -18.72 23.15
CA SER C 283 -15.24 -19.59 22.01
C SER C 283 -13.95 -19.17 21.33
N VAL C 284 -13.68 -17.87 21.34
CA VAL C 284 -12.49 -17.34 20.71
C VAL C 284 -11.25 -17.74 21.47
N VAL C 285 -11.33 -17.69 22.79
CA VAL C 285 -10.19 -18.05 23.65
C VAL C 285 -9.63 -19.43 23.31
N ASP C 286 -10.50 -20.43 23.35
CA ASP C 286 -10.09 -21.82 23.06
C ASP C 286 -9.32 -21.93 21.77
N LEU C 287 -9.94 -21.51 20.68
CA LEU C 287 -9.32 -21.58 19.37
C LEU C 287 -8.06 -20.71 19.29
N PHE C 288 -8.23 -19.44 19.64
CA PHE C 288 -7.18 -18.41 19.58
C PHE C 288 -5.92 -18.37 20.40
N ILE C 289 -6.10 -18.18 21.70
CA ILE C 289 -4.95 -18.10 22.56
C ILE C 289 -4.65 -19.55 22.96
N GLY C 290 -5.65 -20.42 22.82
CA GLY C 290 -5.45 -21.82 23.16
C GLY C 290 -4.86 -22.81 22.16
N GLY C 291 -5.39 -22.86 20.94
CA GLY C 291 -4.89 -23.81 19.95
C GLY C 291 -3.45 -23.62 19.50
N THR C 292 -2.80 -22.60 20.04
CA THR C 292 -1.41 -22.29 19.69
C THR C 292 -0.32 -22.98 20.54
N GLU C 293 -0.74 -23.64 21.62
CA GLU C 293 0.17 -24.33 22.53
C GLU C 293 0.22 -25.82 22.26
N THR C 294 -0.96 -26.46 22.25
CA THR C 294 -1.08 -27.89 22.01
C THR C 294 -0.41 -28.38 20.74
N THR C 295 -0.83 -27.87 19.59
CA THR C 295 -0.25 -28.27 18.31
C THR C 295 1.27 -28.04 18.27
N ALA C 296 1.71 -26.93 18.86
CA ALA C 296 3.13 -26.60 18.89
C ALA C 296 3.92 -27.72 19.57
N SER C 297 3.45 -28.13 20.75
CA SER C 297 4.10 -29.18 21.50
C SER C 297 4.26 -30.45 20.66
N THR C 298 3.19 -30.83 19.96
CA THR C 298 3.23 -32.02 19.12
C THR C 298 4.36 -31.88 18.09
N LEU C 299 4.40 -30.72 17.42
CA LEU C 299 5.42 -30.45 16.41
C LEU C 299 6.81 -30.53 17.00
N SER C 300 7.00 -29.90 18.15
CA SER C 300 8.28 -29.89 18.82
C SER C 300 8.70 -31.30 19.19
N TRP C 301 7.76 -32.07 19.72
CA TRP C 301 8.05 -33.44 20.11
C TRP C 301 8.56 -34.25 18.92
N ALA C 302 7.87 -34.11 17.80
CA ALA C 302 8.23 -34.83 16.59
C ALA C 302 9.68 -34.57 16.22
N VAL C 303 10.05 -33.29 16.26
CA VAL C 303 11.42 -32.89 15.95
C VAL C 303 12.41 -33.58 16.88
N ALA C 304 12.12 -33.57 18.18
CA ALA C 304 12.99 -34.18 19.17
C ALA C 304 13.18 -35.66 18.87
N PHE C 305 12.19 -36.29 18.25
CA PHE C 305 12.31 -37.71 17.92
C PHE C 305 13.20 -37.97 16.71
N LEU C 306 13.02 -37.17 15.67
CA LEU C 306 13.82 -37.34 14.46
C LEU C 306 15.31 -37.13 14.75
N LEU C 307 15.60 -36.37 15.79
CA LEU C 307 16.98 -36.10 16.16
C LEU C 307 17.66 -37.39 16.59
N HIS C 308 16.89 -38.28 17.22
CA HIS C 308 17.41 -39.56 17.71
C HIS C 308 17.37 -40.62 16.61
N HIS C 309 16.43 -40.46 15.69
CA HIS C 309 16.28 -41.40 14.58
C HIS C 309 16.46 -40.73 13.22
N PRO C 310 17.69 -40.75 12.67
CA PRO C 310 17.96 -40.15 11.37
C PRO C 310 17.30 -40.99 10.30
N GLU C 311 17.20 -42.28 10.60
CA GLU C 311 16.58 -43.26 9.71
C GLU C 311 15.24 -42.77 9.18
N ILE C 312 14.36 -42.36 10.09
CA ILE C 312 13.04 -41.87 9.73
C ILE C 312 13.07 -40.54 9.02
N GLN C 313 14.09 -39.72 9.32
CA GLN C 313 14.22 -38.41 8.72
C GLN C 313 14.46 -38.43 7.22
N ARG C 314 15.52 -39.13 6.79
CA ARG C 314 15.83 -39.21 5.37
C ARG C 314 14.93 -40.17 4.60
N ARG C 315 14.33 -41.13 5.29
CA ARG C 315 13.42 -42.05 4.61
C ARG C 315 12.18 -41.23 4.27
N LEU C 316 11.95 -40.18 5.06
CA LEU C 316 10.81 -39.28 4.87
C LEU C 316 11.11 -38.28 3.75
N GLN C 317 12.36 -37.82 3.68
CA GLN C 317 12.76 -36.87 2.66
C GLN C 317 12.63 -37.49 1.26
N GLU C 318 12.97 -38.76 1.15
CA GLU C 318 12.88 -39.47 -0.12
C GLU C 318 11.43 -39.79 -0.43
N GLU C 319 10.72 -40.34 0.54
CA GLU C 319 9.32 -40.70 0.34
C GLU C 319 8.43 -39.46 0.14
N LEU C 320 9.01 -38.28 0.31
CA LEU C 320 8.27 -37.04 0.15
C LEU C 320 8.26 -36.47 -1.29
N ASP C 321 9.44 -36.39 -1.90
CA ASP C 321 9.54 -35.86 -3.27
C ASP C 321 9.35 -36.95 -4.32
N ARG C 322 9.87 -38.15 -4.04
CA ARG C 322 9.76 -39.27 -4.96
C ARG C 322 8.42 -39.98 -4.81
N GLU C 323 7.48 -39.35 -4.09
CA GLU C 323 6.17 -39.94 -3.89
C GLU C 323 5.16 -39.11 -4.67
N LEU C 324 5.01 -37.84 -4.29
CA LEU C 324 4.06 -36.94 -4.94
C LEU C 324 4.59 -35.52 -5.09
N GLY C 325 5.89 -35.34 -4.88
CA GLY C 325 6.47 -34.02 -4.98
C GLY C 325 7.69 -34.08 -5.86
N PRO C 326 7.56 -34.50 -7.13
CA PRO C 326 8.69 -34.58 -8.08
C PRO C 326 9.50 -33.30 -8.16
N ARG C 332 2.58 -31.62 -4.13
CA ARG C 332 1.21 -31.48 -3.67
C ARG C 332 1.16 -31.15 -2.18
N VAL C 333 0.96 -32.18 -1.37
CA VAL C 333 0.93 -32.09 0.09
C VAL C 333 -0.32 -31.62 0.87
N THR C 334 -1.48 -31.75 0.25
CA THR C 334 -2.72 -31.31 0.84
C THR C 334 -3.94 -32.22 0.59
N TYR C 335 -4.88 -32.27 1.55
CA TYR C 335 -6.12 -33.03 1.45
C TYR C 335 -6.14 -34.23 0.52
N LYS C 336 -6.38 -33.98 -0.78
CA LYS C 336 -6.48 -35.03 -1.78
C LYS C 336 -5.15 -35.75 -2.08
N ASP C 337 -4.07 -35.30 -1.42
CA ASP C 337 -2.77 -35.91 -1.64
C ASP C 337 -2.07 -36.32 -0.34
N ARG C 338 -2.83 -36.37 0.76
CA ARG C 338 -2.27 -36.75 2.05
C ARG C 338 -1.80 -38.20 2.01
N ALA C 339 -2.64 -39.07 1.45
CA ALA C 339 -2.33 -40.50 1.35
C ALA C 339 -1.04 -40.73 0.56
N ARG C 340 -0.72 -39.80 -0.33
CA ARG C 340 0.47 -39.89 -1.16
C ARG C 340 1.72 -39.98 -0.28
N LEU C 341 1.70 -39.24 0.83
CA LEU C 341 2.81 -39.23 1.77
C LEU C 341 2.53 -40.22 2.89
N PRO C 342 3.01 -41.46 2.75
CA PRO C 342 2.82 -42.53 3.74
C PRO C 342 3.58 -42.33 5.04
N LEU C 343 4.91 -42.39 4.94
CA LEU C 343 5.76 -42.24 6.11
C LEU C 343 5.32 -41.07 7.01
N LEU C 344 4.67 -40.07 6.43
CA LEU C 344 4.20 -38.93 7.22
C LEU C 344 2.97 -39.29 8.05
N ASN C 345 1.93 -39.75 7.38
CA ASN C 345 0.70 -40.13 8.05
C ASN C 345 1.00 -41.14 9.16
N ALA C 346 2.19 -41.74 9.08
CA ALA C 346 2.62 -42.73 10.05
C ALA C 346 3.42 -42.08 11.16
N THR C 347 4.43 -41.32 10.79
CA THR C 347 5.29 -40.67 11.77
C THR C 347 4.44 -39.83 12.72
N ILE C 348 3.47 -39.10 12.17
CA ILE C 348 2.61 -38.27 12.98
C ILE C 348 1.77 -39.10 13.93
N ALA C 349 1.35 -40.27 13.46
CA ALA C 349 0.55 -41.15 14.29
C ALA C 349 1.32 -41.62 15.52
N GLU C 350 2.61 -41.88 15.34
CA GLU C 350 3.46 -42.34 16.43
C GLU C 350 3.73 -41.26 17.45
N VAL C 351 4.13 -40.09 16.98
CA VAL C 351 4.40 -38.97 17.87
C VAL C 351 3.17 -38.64 18.70
N LEU C 352 1.99 -38.72 18.07
CA LEU C 352 0.74 -38.44 18.77
C LEU C 352 0.32 -39.60 19.66
N ARG C 353 1.09 -40.68 19.66
CA ARG C 353 0.75 -41.84 20.46
C ARG C 353 1.76 -42.07 21.56
N LEU C 354 3.02 -41.84 21.24
CA LEU C 354 4.09 -41.97 22.20
C LEU C 354 4.03 -40.83 23.18
N ARG C 355 3.77 -39.65 22.66
CA ARG C 355 3.73 -38.48 23.50
C ARG C 355 2.64 -37.53 23.12
N PRO C 356 1.39 -37.95 23.31
CA PRO C 356 0.27 -37.07 22.96
C PRO C 356 0.45 -35.90 23.88
N VAL C 357 0.38 -34.69 23.36
CA VAL C 357 0.62 -33.51 24.20
C VAL C 357 -0.29 -33.48 25.38
N VAL C 358 -1.56 -33.74 25.14
CA VAL C 358 -2.47 -33.75 26.24
C VAL C 358 -2.61 -35.22 26.56
N PRO C 359 -1.91 -35.66 27.61
CA PRO C 359 -1.87 -37.03 28.11
C PRO C 359 -3.05 -37.57 28.89
N LEU C 360 -3.36 -36.94 30.02
CA LEU C 360 -4.47 -37.41 30.83
C LEU C 360 -5.69 -36.66 30.37
N ALA C 361 -5.52 -35.80 29.38
CA ALA C 361 -6.63 -35.02 28.84
C ALA C 361 -7.28 -34.21 29.95
N LEU C 362 -8.61 -34.27 30.04
CA LEU C 362 -9.35 -33.56 31.06
C LEU C 362 -10.27 -34.51 31.82
N PRO C 363 -10.57 -34.21 33.09
CA PRO C 363 -11.44 -35.03 33.91
C PRO C 363 -12.90 -35.08 33.46
N HIS C 364 -13.40 -36.29 33.24
CA HIS C 364 -14.78 -36.49 32.80
C HIS C 364 -15.66 -36.82 33.99
N ARG C 365 -16.73 -36.05 34.16
CA ARG C 365 -17.66 -36.25 35.27
C ARG C 365 -18.87 -37.05 34.80
N THR C 366 -19.21 -38.09 35.56
CA THR C 366 -20.34 -38.95 35.22
C THR C 366 -21.67 -38.23 35.45
N THR C 367 -22.60 -38.35 34.49
CA THR C 367 -23.89 -37.70 34.60
C THR C 367 -24.91 -38.65 35.21
N ARG C 368 -24.71 -39.95 35.02
CA ARG C 368 -25.59 -40.97 35.55
C ARG C 368 -24.81 -42.19 36.03
N PRO C 369 -25.39 -42.97 36.94
CA PRO C 369 -24.70 -44.16 37.45
C PRO C 369 -24.64 -45.24 36.38
N SER C 370 -23.45 -45.44 35.78
CA SER C 370 -23.30 -46.46 34.75
C SER C 370 -22.17 -47.44 35.07
N SER C 371 -21.66 -48.09 34.04
CA SER C 371 -20.58 -49.03 34.28
C SER C 371 -19.48 -48.78 33.27
N ILE C 372 -18.25 -48.65 33.74
CA ILE C 372 -17.16 -48.44 32.81
C ILE C 372 -16.66 -49.78 32.33
N PHE C 373 -16.32 -50.64 33.27
CA PHE C 373 -15.82 -51.93 32.90
C PHE C 373 -16.27 -52.92 33.94
N GLY C 374 -17.53 -53.33 33.86
CA GLY C 374 -18.05 -54.29 34.81
C GLY C 374 -18.11 -53.81 36.24
N TYR C 375 -17.76 -52.55 36.44
CA TYR C 375 -17.76 -51.95 37.77
C TYR C 375 -18.71 -50.79 37.82
N ASP C 376 -19.61 -50.78 38.79
CA ASP C 376 -20.56 -49.70 38.88
C ASP C 376 -19.83 -48.40 39.14
N ILE C 377 -20.32 -47.28 38.60
CA ILE C 377 -19.69 -45.99 38.85
C ILE C 377 -20.74 -44.98 39.32
N PRO C 378 -20.46 -44.29 40.44
CA PRO C 378 -21.39 -43.30 41.00
C PRO C 378 -21.57 -42.12 40.07
N GLU C 379 -22.43 -41.18 40.45
CA GLU C 379 -22.69 -39.99 39.64
C GLU C 379 -21.72 -38.88 40.05
N GLY C 380 -21.40 -38.01 39.12
CA GLY C 380 -20.47 -36.93 39.41
C GLY C 380 -19.10 -37.47 39.66
N MET C 381 -18.93 -38.77 39.44
CA MET C 381 -17.65 -39.45 39.65
C MET C 381 -16.62 -38.98 38.63
N VAL C 382 -15.49 -38.48 39.14
CA VAL C 382 -14.43 -37.97 38.27
C VAL C 382 -13.79 -39.16 37.55
N VAL C 383 -13.55 -39.01 36.25
CA VAL C 383 -12.95 -40.09 35.45
C VAL C 383 -11.77 -39.55 34.65
N ILE C 384 -10.56 -40.00 34.98
CA ILE C 384 -9.37 -39.55 34.29
C ILE C 384 -9.04 -40.42 33.10
N PRO C 385 -9.40 -39.99 31.88
CA PRO C 385 -9.13 -40.75 30.66
C PRO C 385 -7.66 -40.70 30.28
N ASN C 386 -6.86 -41.56 30.89
CA ASN C 386 -5.43 -41.61 30.61
C ASN C 386 -5.16 -42.10 29.20
N LEU C 387 -4.65 -41.19 28.36
CA LEU C 387 -4.32 -41.50 26.98
C LEU C 387 -2.87 -41.98 26.86
N GLN C 388 -1.97 -41.24 27.49
CA GLN C 388 -0.55 -41.58 27.47
C GLN C 388 -0.32 -43.01 27.91
N GLY C 389 -1.09 -43.43 28.90
CA GLY C 389 -0.95 -44.78 29.42
C GLY C 389 -1.50 -45.85 28.51
N ALA C 390 -2.78 -45.72 28.14
CA ALA C 390 -3.43 -46.69 27.29
C ALA C 390 -2.67 -46.88 25.99
N HIS C 391 -1.85 -45.89 25.63
CA HIS C 391 -1.07 -45.97 24.40
C HIS C 391 0.16 -46.86 24.53
N LEU C 392 0.49 -47.23 25.76
CA LEU C 392 1.63 -48.12 26.00
C LEU C 392 1.15 -49.53 26.32
N ASP C 393 -0.09 -49.81 25.96
CA ASP C 393 -0.68 -51.13 26.18
C ASP C 393 0.00 -52.12 25.25
N GLU C 394 0.94 -52.88 25.78
CA GLU C 394 1.67 -53.88 24.98
C GLU C 394 0.73 -54.94 24.40
N THR C 395 -0.54 -54.91 24.81
CA THR C 395 -1.54 -55.87 24.33
C THR C 395 -2.24 -55.35 23.09
N VAL C 396 -2.14 -54.05 22.85
CA VAL C 396 -2.76 -53.42 21.69
C VAL C 396 -1.71 -52.97 20.66
N TRP C 397 -0.61 -52.43 21.14
CA TRP C 397 0.48 -51.97 20.28
C TRP C 397 1.80 -52.70 20.57
N GLU C 398 2.30 -53.40 19.57
CA GLU C 398 3.54 -54.15 19.69
C GLU C 398 4.70 -53.20 20.01
N GLN C 399 5.52 -53.57 20.98
CA GLN C 399 6.69 -52.79 21.41
C GLN C 399 6.44 -51.27 21.51
N PRO C 400 5.39 -50.87 22.23
CA PRO C 400 5.04 -49.46 22.40
C PRO C 400 6.14 -48.49 22.79
N HIS C 401 6.93 -48.86 23.80
CA HIS C 401 8.03 -48.03 24.29
C HIS C 401 9.04 -47.63 23.23
N GLU C 402 8.92 -48.20 22.03
CA GLU C 402 9.86 -47.89 20.95
C GLU C 402 9.23 -47.03 19.87
N PHE C 403 9.85 -45.88 19.58
CA PHE C 403 9.36 -44.97 18.54
C PHE C 403 9.53 -45.70 17.22
N ARG C 404 8.45 -46.32 16.76
CA ARG C 404 8.45 -47.08 15.50
C ARG C 404 7.27 -46.66 14.66
N PRO C 405 7.44 -45.66 13.81
CA PRO C 405 6.35 -45.18 12.95
C PRO C 405 5.90 -46.20 11.94
N ASP C 406 6.52 -47.38 11.89
CA ASP C 406 6.06 -48.31 10.87
C ASP C 406 4.81 -49.10 11.27
N ARG C 407 3.68 -48.41 11.46
CA ARG C 407 2.46 -49.12 11.75
C ARG C 407 1.46 -48.88 10.63
N PHE C 408 1.90 -48.27 9.54
CA PHE C 408 1.03 -47.96 8.40
C PHE C 408 0.78 -49.12 7.46
N LEU C 409 -0.27 -48.98 6.66
CA LEU C 409 -0.63 -49.95 5.63
C LEU C 409 -2.09 -49.75 5.31
N GLU C 410 -2.92 -50.02 6.30
CA GLU C 410 -4.37 -49.84 6.18
C GLU C 410 -4.95 -50.54 7.38
N PRO C 411 -6.06 -51.24 7.21
CA PRO C 411 -6.64 -51.98 8.31
C PRO C 411 -5.58 -53.03 8.66
N GLY C 412 -4.64 -53.23 7.72
CA GLY C 412 -3.53 -54.15 7.90
C GLY C 412 -2.56 -53.69 8.98
N ALA C 413 -2.66 -52.42 9.36
CA ALA C 413 -1.84 -51.84 10.41
C ALA C 413 -2.46 -52.04 11.79
N ASN C 414 -1.86 -51.40 12.79
CA ASN C 414 -2.32 -51.46 14.17
C ASN C 414 -3.53 -50.59 14.49
N PRO C 415 -4.13 -50.83 15.66
CA PRO C 415 -5.30 -50.12 16.18
C PRO C 415 -5.15 -48.61 16.26
N SER C 416 -6.15 -47.89 15.79
CA SER C 416 -6.12 -46.45 15.80
C SER C 416 -6.15 -45.91 17.22
N ALA C 417 -5.08 -45.26 17.64
CA ALA C 417 -5.00 -44.71 18.98
C ALA C 417 -5.87 -43.50 19.09
N LEU C 418 -5.89 -42.89 20.26
CA LEU C 418 -6.65 -41.66 20.42
C LEU C 418 -5.71 -40.73 21.12
N ALA C 419 -5.30 -39.66 20.46
CA ALA C 419 -4.42 -38.73 21.09
C ALA C 419 -5.26 -37.51 21.31
N PHE C 420 -6.33 -37.42 20.55
CA PHE C 420 -7.23 -36.29 20.68
C PHE C 420 -8.41 -36.70 21.52
N GLY C 421 -8.42 -37.97 21.90
CA GLY C 421 -9.53 -38.48 22.68
C GLY C 421 -10.61 -38.83 21.69
N CYS C 422 -11.49 -39.77 22.01
CA CYS C 422 -12.53 -40.15 21.07
C CYS C 422 -13.86 -39.79 21.68
N GLY C 423 -13.79 -39.09 22.81
CA GLY C 423 -14.97 -38.80 23.56
C GLY C 423 -15.97 -37.92 22.89
N ALA C 424 -17.16 -37.87 23.44
CA ALA C 424 -18.21 -37.03 22.90
C ALA C 424 -17.61 -35.65 22.95
N ARG C 425 -16.84 -35.39 24.01
CA ARG C 425 -16.11 -34.15 24.08
C ARG C 425 -14.81 -34.58 23.41
N VAL C 426 -14.89 -34.85 22.10
CA VAL C 426 -13.74 -35.34 21.31
C VAL C 426 -12.54 -34.44 21.14
N CYS C 427 -12.81 -33.24 20.66
CA CYS C 427 -11.80 -32.23 20.48
C CYS C 427 -12.57 -31.29 19.52
N LEU C 428 -12.17 -30.02 19.51
CA LEU C 428 -12.84 -29.03 18.67
C LEU C 428 -11.63 -28.45 18.00
N GLY C 429 -11.00 -29.27 17.17
CA GLY C 429 -9.83 -28.83 16.44
C GLY C 429 -8.95 -29.99 16.00
N GLU C 430 -9.45 -31.21 16.13
CA GLU C 430 -8.68 -32.39 15.74
C GLU C 430 -8.32 -32.30 14.27
N SER C 431 -9.09 -31.51 13.53
CA SER C 431 -8.87 -31.29 12.10
C SER C 431 -7.74 -30.28 11.88
N LEU C 432 -7.90 -29.08 12.46
CA LEU C 432 -6.90 -28.02 12.31
C LEU C 432 -5.53 -28.55 12.76
N ALA C 433 -5.53 -29.31 13.86
CA ALA C 433 -4.31 -29.89 14.41
C ALA C 433 -3.70 -30.86 13.43
N ARG C 434 -4.43 -31.92 13.11
CA ARG C 434 -3.97 -32.94 12.17
C ARG C 434 -3.39 -32.32 10.90
N LEU C 435 -3.99 -31.21 10.47
CA LEU C 435 -3.55 -30.51 9.26
C LEU C 435 -2.18 -29.86 9.43
N GLU C 436 -2.04 -29.00 10.44
CA GLU C 436 -0.78 -28.31 10.69
C GLU C 436 0.39 -29.27 10.79
N LEU C 437 0.17 -30.43 11.42
CA LEU C 437 1.21 -31.41 11.58
C LEU C 437 1.63 -32.00 10.23
N PHE C 438 0.74 -31.92 9.25
CA PHE C 438 1.02 -32.44 7.92
C PHE C 438 1.69 -31.38 7.04
N VAL C 439 1.13 -30.18 7.07
CA VAL C 439 1.64 -29.07 6.26
C VAL C 439 2.99 -28.55 6.75
N VAL C 440 3.16 -28.48 8.07
CA VAL C 440 4.41 -27.99 8.66
C VAL C 440 5.57 -28.97 8.47
N LEU C 441 5.37 -30.21 8.89
CA LEU C 441 6.40 -31.24 8.78
C LEU C 441 6.82 -31.51 7.34
N ALA C 442 5.84 -31.61 6.45
CA ALA C 442 6.10 -31.88 5.04
C ALA C 442 7.19 -30.97 4.45
N ARG C 443 6.95 -29.66 4.46
CA ARG C 443 7.91 -28.71 3.93
C ARG C 443 9.09 -28.46 4.86
N LEU C 444 8.98 -28.92 6.09
CA LEU C 444 10.06 -28.74 7.06
C LEU C 444 11.20 -29.69 6.72
N LEU C 445 10.83 -30.94 6.41
CA LEU C 445 11.82 -31.95 6.04
C LEU C 445 12.18 -31.77 4.58
N GLN C 446 11.62 -30.73 3.97
CA GLN C 446 11.87 -30.41 2.57
C GLN C 446 12.93 -29.32 2.39
N ALA C 447 12.87 -28.28 3.21
CA ALA C 447 13.83 -27.20 3.13
C ALA C 447 15.07 -27.43 4.03
N PHE C 448 14.92 -28.22 5.09
CA PHE C 448 16.05 -28.44 5.98
C PHE C 448 16.34 -29.88 6.35
N THR C 449 17.58 -30.11 6.77
CA THR C 449 18.06 -31.46 7.13
C THR C 449 17.93 -31.84 8.60
N LEU C 450 17.49 -30.92 9.44
CA LEU C 450 17.27 -31.22 10.85
C LEU C 450 18.43 -31.82 11.64
N LEU C 451 19.60 -31.23 11.50
CA LEU C 451 20.78 -31.68 12.24
C LEU C 451 20.83 -31.21 13.68
N PRO C 452 21.58 -31.93 14.51
CA PRO C 452 21.79 -31.67 15.94
C PRO C 452 22.69 -30.46 16.21
N PRO C 453 22.58 -29.84 17.40
CA PRO C 453 23.38 -28.68 17.79
C PRO C 453 24.81 -29.01 18.15
N PRO C 454 25.73 -28.06 17.97
CA PRO C 454 27.15 -28.26 18.28
C PRO C 454 27.41 -28.30 19.78
N VAL C 455 28.24 -29.25 20.21
CA VAL C 455 28.57 -29.41 21.62
C VAL C 455 27.29 -29.57 22.45
N GLY C 456 26.47 -30.54 22.07
CA GLY C 456 25.23 -30.78 22.79
C GLY C 456 24.57 -32.08 22.40
N ALA C 457 23.49 -32.44 23.11
CA ALA C 457 22.77 -33.68 22.86
C ALA C 457 21.26 -33.49 23.00
N LEU C 458 20.50 -34.31 22.28
CA LEU C 458 19.04 -34.25 22.32
C LEU C 458 18.47 -34.83 23.61
N PRO C 459 17.32 -34.28 24.06
CA PRO C 459 16.64 -34.73 25.28
C PRO C 459 15.44 -35.63 24.96
N SER C 460 14.24 -35.14 25.21
CA SER C 460 13.00 -35.88 24.91
C SER C 460 12.66 -36.93 25.95
N LEU C 461 13.34 -36.90 27.09
CA LEU C 461 13.12 -37.86 28.16
C LEU C 461 11.86 -37.54 28.96
N GLN C 462 11.16 -36.49 28.52
CA GLN C 462 9.93 -36.05 29.18
C GLN C 462 10.18 -35.55 30.58
N PRO C 463 9.85 -34.27 30.85
CA PRO C 463 10.04 -33.67 32.18
C PRO C 463 9.05 -34.20 33.21
N ASP C 464 9.38 -34.01 34.48
CA ASP C 464 8.54 -34.48 35.58
C ASP C 464 7.43 -33.48 35.91
N PRO C 465 7.66 -32.19 35.63
CA PRO C 465 6.63 -31.18 35.94
C PRO C 465 5.42 -31.37 35.02
N TYR C 466 4.68 -32.45 35.28
CA TYR C 466 3.51 -32.78 34.48
C TYR C 466 2.32 -31.87 34.80
N CYS C 467 1.70 -31.32 33.76
CA CYS C 467 0.57 -30.43 33.95
C CYS C 467 -0.51 -30.74 32.91
N GLY C 468 -1.41 -29.79 32.69
CA GLY C 468 -2.47 -29.97 31.71
C GLY C 468 -1.94 -30.25 30.33
N VAL C 469 -0.65 -29.98 30.11
CA VAL C 469 -0.02 -30.19 28.81
C VAL C 469 1.32 -30.93 28.97
N ASN C 470 1.72 -31.69 27.95
CA ASN C 470 2.99 -32.38 28.06
C ASN C 470 4.19 -31.52 27.67
N LEU C 471 5.14 -31.43 28.58
CA LEU C 471 6.34 -30.64 28.39
C LEU C 471 7.28 -31.26 27.40
N LYS C 472 8.17 -30.43 26.90
CA LYS C 472 9.25 -30.89 26.10
C LYS C 472 10.52 -30.23 26.69
N VAL C 473 11.56 -31.00 27.05
CA VAL C 473 12.78 -30.37 27.54
C VAL C 473 13.26 -29.55 26.35
N GLN C 474 13.63 -28.31 26.59
CA GLN C 474 14.06 -27.49 25.48
C GLN C 474 15.25 -28.13 24.78
N PRO C 475 15.21 -28.18 23.45
CA PRO C 475 16.29 -28.78 22.67
C PRO C 475 16.67 -27.77 21.62
N PHE C 476 17.90 -27.86 21.13
CA PHE C 476 18.35 -26.92 20.11
C PHE C 476 18.49 -27.58 18.76
N GLN C 477 17.82 -27.02 17.76
CA GLN C 477 17.90 -27.53 16.39
C GLN C 477 18.73 -26.60 15.50
N VAL C 478 19.45 -27.19 14.56
CA VAL C 478 20.33 -26.45 13.63
C VAL C 478 19.80 -26.25 12.21
N ARG C 479 19.36 -27.35 11.60
CA ARG C 479 18.72 -27.39 10.26
C ARG C 479 19.08 -27.17 8.77
N LEU C 480 20.33 -27.13 8.41
CA LEU C 480 20.84 -26.91 7.06
C LEU C 480 20.75 -27.89 5.85
N GLN C 481 19.99 -27.55 4.81
CA GLN C 481 19.88 -28.39 3.61
C GLN C 481 20.10 -27.58 2.33
N PRO C 482 20.93 -28.11 1.40
CA PRO C 482 21.21 -27.42 0.14
C PRO C 482 20.38 -27.96 -1.02
N HIS D 29 19.99 29.42 60.71
CA HIS D 29 20.49 29.34 59.33
C HIS D 29 19.81 28.19 58.60
N LEU D 30 18.51 28.33 58.34
CA LEU D 30 17.74 27.30 57.64
C LEU D 30 16.28 27.71 57.57
N PRO D 31 15.56 27.27 56.54
CA PRO D 31 14.14 27.61 56.40
C PRO D 31 13.27 26.91 57.45
N PRO D 32 12.09 27.46 57.75
CA PRO D 32 11.19 26.87 58.75
C PRO D 32 10.74 25.47 58.39
N LEU D 33 10.07 24.80 59.32
CA LEU D 33 9.57 23.44 59.11
C LEU D 33 8.13 23.29 59.59
N VAL D 34 7.36 22.45 58.90
CA VAL D 34 5.96 22.21 59.26
C VAL D 34 5.88 20.90 60.05
N PRO D 35 5.27 20.94 61.24
CA PRO D 35 5.20 19.75 62.08
C PRO D 35 4.29 18.64 61.66
N GLY D 36 4.62 17.96 60.58
CA GLY D 36 3.74 16.92 60.11
C GLY D 36 4.47 15.72 59.60
N PHE D 37 3.76 14.64 59.36
CA PHE D 37 4.40 13.48 58.77
C PHE D 37 3.86 12.93 57.46
N LEU D 38 2.62 13.24 57.10
CA LEU D 38 2.14 12.75 55.82
C LEU D 38 1.43 13.82 55.07
N HIS D 39 2.14 14.87 54.72
CA HIS D 39 1.48 15.93 54.02
C HIS D 39 1.02 15.45 52.68
N LEU D 40 1.67 14.41 52.21
CA LEU D 40 1.34 13.91 50.90
C LEU D 40 -0.14 13.67 50.85
N LEU D 41 -0.68 13.27 51.98
CA LEU D 41 -2.10 13.03 52.04
C LEU D 41 -2.79 14.36 51.95
N GLN D 42 -4.10 14.31 51.78
CA GLN D 42 -4.94 15.50 51.63
C GLN D 42 -5.00 15.93 50.15
N PRO D 43 -6.18 16.35 49.68
CA PRO D 43 -6.40 16.78 48.29
C PRO D 43 -5.79 18.14 47.97
N ASN D 44 -5.50 18.36 46.70
CA ASN D 44 -4.92 19.63 46.22
C ASN D 44 -3.55 19.97 46.82
N LEU D 45 -2.64 19.01 46.78
CA LEU D 45 -1.29 19.18 47.32
C LEU D 45 -0.63 20.53 46.98
N PRO D 46 -0.65 20.93 45.71
CA PRO D 46 -0.03 22.19 45.28
C PRO D 46 -0.64 23.44 45.90
N ILE D 47 -1.97 23.45 46.09
CA ILE D 47 -2.63 24.61 46.65
C ILE D 47 -2.40 24.66 48.16
N HIS D 48 -2.09 23.50 48.75
CA HIS D 48 -1.85 23.42 50.19
C HIS D 48 -0.43 23.88 50.53
N LEU D 49 0.55 23.45 49.73
CA LEU D 49 1.94 23.85 49.95
C LEU D 49 2.01 25.37 49.87
N LEU D 50 1.04 25.95 49.18
CA LEU D 50 0.96 27.40 49.00
C LEU D 50 0.31 28.04 50.22
N SER D 51 -0.70 27.37 50.74
CA SER D 51 -1.41 27.87 51.91
C SER D 51 -0.51 28.01 53.13
N LEU D 52 0.49 27.14 53.25
CA LEU D 52 1.40 27.18 54.38
C LEU D 52 2.37 28.32 54.26
N THR D 53 2.49 28.78 53.03
CA THR D 53 3.38 29.87 52.66
C THR D 53 2.95 31.12 53.34
N GLN D 54 1.64 31.29 53.41
CA GLN D 54 1.14 32.53 53.93
C GLN D 54 1.69 32.76 55.31
N LYS D 55 1.62 31.75 56.18
CA LYS D 55 2.21 31.94 57.50
C LYS D 55 3.74 31.90 57.46
N LEU D 56 4.29 30.86 56.82
CA LEU D 56 5.72 30.65 56.74
C LEU D 56 6.50 31.52 55.78
N GLY D 57 5.90 31.79 54.63
CA GLY D 57 6.59 32.52 53.60
C GLY D 57 6.81 31.63 52.39
N PRO D 58 7.55 32.13 51.39
CA PRO D 58 7.87 31.41 50.16
C PRO D 58 8.64 30.13 50.30
N VAL D 59 9.63 30.13 51.15
CA VAL D 59 10.46 28.95 51.29
C VAL D 59 10.33 28.33 52.66
N TYR D 60 10.21 27.01 52.69
CA TYR D 60 10.04 26.30 53.95
C TYR D 60 10.16 24.82 53.72
N ARG D 61 10.52 24.08 54.77
CA ARG D 61 10.65 22.64 54.67
C ARG D 61 9.37 21.96 55.12
N LEU D 62 9.01 20.88 54.44
CA LEU D 62 7.84 20.11 54.78
C LEU D 62 8.10 18.61 54.61
N ARG D 63 7.48 17.80 55.46
CA ARG D 63 7.63 16.35 55.37
C ARG D 63 6.54 15.70 54.51
N LEU D 64 6.68 15.73 53.19
CA LEU D 64 5.66 15.13 52.36
C LEU D 64 5.62 13.64 52.65
N GLY D 65 6.78 13.01 52.71
CA GLY D 65 6.81 11.59 52.98
C GLY D 65 7.16 11.46 54.42
N LEU D 66 8.33 10.93 54.72
CA LEU D 66 8.78 10.88 56.10
C LEU D 66 10.08 11.64 56.22
N GLN D 67 10.44 12.37 55.17
CA GLN D 67 11.68 13.13 55.20
C GLN D 67 11.41 14.59 54.90
N GLU D 68 12.08 15.48 55.61
CA GLU D 68 11.86 16.89 55.36
C GLU D 68 12.32 17.23 53.96
N VAL D 69 11.50 17.99 53.25
CA VAL D 69 11.83 18.42 51.91
C VAL D 69 11.55 19.91 51.80
N VAL D 70 12.56 20.69 51.41
CA VAL D 70 12.39 22.13 51.25
C VAL D 70 11.58 22.46 49.98
N VAL D 71 10.52 23.25 50.15
CA VAL D 71 9.66 23.62 49.01
C VAL D 71 9.77 25.10 48.71
N LEU D 72 9.62 25.45 47.43
CA LEU D 72 9.70 26.83 46.99
C LEU D 72 8.40 27.18 46.27
N ASN D 73 7.51 27.94 46.93
CA ASN D 73 6.22 28.26 46.29
C ASN D 73 5.98 29.55 45.52
N SER D 74 7.06 30.23 45.16
CA SER D 74 6.97 31.49 44.44
C SER D 74 7.95 31.63 43.26
N LYS D 75 7.51 32.27 42.16
CA LYS D 75 8.38 32.47 41.00
C LYS D 75 9.80 32.94 41.34
N ARG D 76 9.90 33.97 42.17
CA ARG D 76 11.18 34.51 42.54
C ARG D 76 12.12 33.44 43.10
N THR D 77 11.66 32.71 44.11
CA THR D 77 12.50 31.68 44.72
C THR D 77 12.67 30.48 43.80
N ILE D 78 11.56 30.00 43.26
CA ILE D 78 11.60 28.84 42.38
C ILE D 78 12.44 29.12 41.15
N GLU D 79 12.89 30.36 41.02
CA GLU D 79 13.71 30.76 39.88
C GLU D 79 15.15 31.06 40.34
N GLU D 80 15.31 31.38 41.62
CA GLU D 80 16.63 31.68 42.16
C GLU D 80 17.42 30.40 42.28
N ALA D 81 16.79 29.37 42.81
CA ALA D 81 17.43 28.08 42.98
C ALA D 81 17.51 27.30 41.66
N MET D 82 16.85 27.82 40.63
CA MET D 82 16.85 27.14 39.34
C MET D 82 17.76 27.83 38.33
N ILE D 83 17.62 29.15 38.21
CA ILE D 83 18.42 29.93 37.26
C ILE D 83 19.65 30.64 37.82
N ARG D 84 19.46 31.43 38.87
CA ARG D 84 20.59 32.15 39.47
C ARG D 84 21.62 31.16 40.00
N LYS D 85 21.15 30.08 40.60
CA LYS D 85 22.02 29.03 41.13
C LYS D 85 22.48 28.14 39.99
N TRP D 86 21.50 27.58 39.28
CA TRP D 86 21.73 26.73 38.14
C TRP D 86 22.30 25.47 38.67
N VAL D 87 23.60 25.37 38.56
CA VAL D 87 24.30 24.19 38.99
C VAL D 87 23.92 23.70 40.36
N ASP D 88 23.66 24.63 41.28
CA ASP D 88 23.39 24.23 42.66
C ASP D 88 22.29 23.22 42.82
N PHE D 89 21.15 23.50 42.20
CA PHE D 89 19.98 22.65 42.35
C PHE D 89 19.57 22.19 40.99
N ALA D 90 20.34 21.28 40.43
CA ALA D 90 20.04 20.79 39.10
C ALA D 90 20.09 19.29 39.03
N GLY D 91 20.41 18.65 40.15
CA GLY D 91 20.48 17.21 40.18
C GLY D 91 19.19 16.57 40.60
N ARG D 92 19.10 15.25 40.43
CA ARG D 92 17.91 14.50 40.81
C ARG D 92 18.22 13.45 41.84
N PRO D 93 17.40 13.36 42.87
CA PRO D 93 17.58 12.39 43.94
C PRO D 93 17.42 11.00 43.37
N GLN D 94 18.28 10.06 43.74
CA GLN D 94 18.14 8.70 43.26
C GLN D 94 17.32 7.84 44.22
N ILE D 95 16.01 8.07 44.28
CA ILE D 95 15.18 7.24 45.13
C ILE D 95 14.97 5.92 44.39
N PRO D 96 14.52 4.87 45.10
CA PRO D 96 14.32 3.57 44.48
C PRO D 96 13.39 3.50 43.29
N SER D 97 12.33 4.28 43.34
CA SER D 97 11.33 4.24 42.29
C SER D 97 11.85 4.58 40.91
N TYR D 98 12.93 5.35 40.84
CA TYR D 98 13.49 5.74 39.55
C TYR D 98 14.31 4.63 38.93
N LYS D 99 15.25 4.09 39.71
CA LYS D 99 16.12 3.01 39.23
C LYS D 99 15.29 1.78 38.88
N LEU D 100 13.99 1.84 39.16
CA LEU D 100 13.08 0.73 38.88
C LEU D 100 12.58 0.79 37.43
N VAL D 101 12.95 1.85 36.71
CA VAL D 101 12.54 1.98 35.34
C VAL D 101 13.67 2.39 34.40
N SER D 102 14.87 2.54 34.95
CA SER D 102 16.04 2.93 34.16
C SER D 102 16.51 1.82 33.22
N GLN D 103 16.46 0.58 33.72
CA GLN D 103 16.89 -0.60 32.95
C GLN D 103 18.25 -0.48 32.28
N ARG D 104 18.27 0.29 31.19
CA ARG D 104 19.49 0.46 30.42
C ARG D 104 20.48 1.31 31.18
N CYS D 105 19.96 2.32 31.86
CA CYS D 105 20.77 3.25 32.62
C CYS D 105 21.03 4.48 31.76
N GLN D 106 21.35 5.60 32.43
CA GLN D 106 21.56 6.90 31.77
C GLN D 106 20.44 7.57 31.00
N ASP D 107 19.34 7.83 31.68
CA ASP D 107 18.17 8.41 31.10
C ASP D 107 17.80 9.83 31.60
N ILE D 108 16.85 10.47 30.93
CA ILE D 108 16.39 11.81 31.28
C ILE D 108 15.29 11.93 32.38
N SER D 109 15.16 13.15 32.93
CA SER D 109 14.14 13.47 33.94
C SER D 109 14.42 12.77 35.26
N LEU D 110 14.95 11.55 35.19
CA LEU D 110 15.30 10.78 36.38
C LEU D 110 16.79 10.67 36.50
N GLY D 111 17.50 11.53 35.78
CA GLY D 111 18.95 11.46 35.80
C GLY D 111 19.65 12.53 36.60
N ASP D 112 20.59 12.11 37.44
CA ASP D 112 21.36 13.03 38.25
C ASP D 112 22.23 13.75 37.24
N TYR D 113 22.84 14.84 37.65
CA TYR D 113 23.65 15.63 36.73
C TYR D 113 24.84 14.79 36.53
N SER D 114 25.79 15.29 35.78
CA SER D 114 27.00 14.54 35.56
C SER D 114 27.19 15.05 34.18
N LEU D 115 28.40 15.00 33.67
CA LEU D 115 28.61 15.53 32.34
C LEU D 115 27.82 14.76 31.31
N LEU D 116 27.79 13.45 31.47
CA LEU D 116 27.17 12.64 30.48
C LEU D 116 25.74 13.01 30.27
N TRP D 117 25.01 13.20 31.36
CA TRP D 117 23.61 13.54 31.25
C TRP D 117 23.55 14.84 30.53
N LYS D 118 24.41 15.75 30.94
CA LYS D 118 24.49 17.05 30.31
C LYS D 118 24.59 16.88 28.80
N ALA D 119 25.54 16.05 28.36
CA ALA D 119 25.74 15.80 26.93
C ALA D 119 24.62 14.90 26.40
N HIS D 120 23.96 14.21 27.32
CA HIS D 120 22.86 13.30 27.00
C HIS D 120 21.64 14.14 26.62
N LYS D 121 21.43 15.21 27.36
CA LYS D 121 20.31 16.11 27.13
C LYS D 121 20.47 16.83 25.81
N LYS D 122 21.67 17.35 25.57
CA LYS D 122 21.98 18.09 24.36
C LYS D 122 21.77 17.29 23.09
N LEU D 123 21.93 15.97 23.18
CA LEU D 123 21.77 15.12 22.01
C LEU D 123 20.31 14.82 21.72
N THR D 124 19.59 14.37 22.73
CA THR D 124 18.16 14.05 22.58
C THR D 124 17.31 15.29 22.41
N ARG D 125 17.89 16.45 22.71
CA ARG D 125 17.16 17.71 22.57
C ARG D 125 17.33 18.31 21.18
N SER D 126 18.53 18.14 20.62
CA SER D 126 18.81 18.66 19.28
C SER D 126 17.96 17.89 18.24
N ALA D 127 17.48 16.72 18.63
CA ALA D 127 16.66 15.90 17.76
C ALA D 127 15.32 16.60 17.55
N LEU D 128 14.82 17.26 18.60
CA LEU D 128 13.56 17.99 18.52
C LEU D 128 13.74 19.26 17.70
N LEU D 129 15.00 19.60 17.44
CA LEU D 129 15.33 20.79 16.65
C LEU D 129 15.78 20.40 15.23
N LEU D 130 16.60 19.35 15.14
CA LEU D 130 17.09 18.86 13.86
C LEU D 130 16.40 17.55 13.48
N SER D 134 15.00 18.76 6.68
CA SER D 134 13.65 18.34 7.08
C SER D 134 13.16 19.12 8.30
N SER D 135 11.92 19.61 8.23
CA SER D 135 11.34 20.36 9.33
C SER D 135 10.04 19.70 9.77
N MET D 136 9.93 19.43 11.06
CA MET D 136 8.74 18.78 11.60
C MET D 136 7.53 19.69 11.58
N GLU D 137 7.77 20.99 11.53
CA GLU D 137 6.70 21.98 11.50
C GLU D 137 5.50 21.62 10.62
N PRO D 138 5.77 21.21 9.38
CA PRO D 138 4.69 20.83 8.45
C PRO D 138 3.85 19.66 8.90
N TRP D 139 4.49 18.54 9.21
CA TRP D 139 3.77 17.35 9.64
C TRP D 139 2.76 17.60 10.75
N VAL D 140 3.13 18.42 11.72
CA VAL D 140 2.23 18.74 12.83
C VAL D 140 0.94 19.40 12.34
N ASP D 141 1.09 20.44 11.51
CA ASP D 141 -0.05 21.16 10.97
C ASP D 141 -0.92 20.28 10.08
N GLN D 142 -0.37 19.17 9.59
CA GLN D 142 -1.11 18.25 8.73
C GLN D 142 -1.77 17.16 9.55
N LEU D 143 -1.00 16.54 10.43
CA LEU D 143 -1.50 15.47 11.29
C LEU D 143 -2.78 15.87 12.00
N THR D 144 -2.80 17.12 12.46
CA THR D 144 -3.96 17.63 13.17
C THR D 144 -5.16 17.73 12.25
N GLN D 145 -4.92 18.09 11.00
CA GLN D 145 -6.00 18.23 10.04
C GLN D 145 -6.78 16.93 9.91
N GLU D 146 -6.04 15.82 9.77
CA GLU D 146 -6.67 14.50 9.64
C GLU D 146 -7.59 14.27 10.85
N PHE D 147 -7.18 14.81 11.99
CA PHE D 147 -7.96 14.69 13.21
C PHE D 147 -9.25 15.50 13.12
N CYS D 148 -9.15 16.72 12.60
CA CYS D 148 -10.32 17.57 12.45
C CYS D 148 -11.39 16.86 11.64
N GLU D 149 -10.98 16.26 10.53
CA GLU D 149 -11.91 15.53 9.67
C GLU D 149 -12.51 14.36 10.44
N ARG D 150 -11.64 13.59 11.08
CA ARG D 150 -12.05 12.44 11.85
C ARG D 150 -13.13 12.82 12.85
N MET D 151 -13.12 14.07 13.28
CA MET D 151 -14.10 14.57 14.23
C MET D 151 -15.18 15.38 13.52
N ARG D 152 -14.80 16.00 12.41
CA ARG D 152 -15.71 16.81 11.64
C ARG D 152 -16.91 15.99 11.15
N VAL D 153 -16.81 14.68 11.28
CA VAL D 153 -17.89 13.78 10.87
C VAL D 153 -18.78 13.47 12.06
N GLN D 154 -18.17 13.47 13.24
CA GLN D 154 -18.88 13.18 14.49
C GLN D 154 -20.04 14.10 14.85
N ALA D 155 -19.73 15.34 15.21
CA ALA D 155 -20.78 16.27 15.57
C ALA D 155 -21.70 15.82 16.73
N GLY D 156 -21.30 14.74 17.40
CA GLY D 156 -22.09 14.20 18.50
C GLY D 156 -21.53 14.71 19.81
N ALA D 157 -21.26 13.82 20.75
CA ALA D 157 -20.66 14.24 22.01
C ALA D 157 -19.51 13.32 22.31
N PRO D 158 -18.41 13.48 21.57
CA PRO D 158 -17.19 12.66 21.72
C PRO D 158 -16.48 13.10 22.97
N VAL D 159 -15.68 12.23 23.56
CA VAL D 159 -14.89 12.59 24.73
C VAL D 159 -13.57 13.14 24.19
N THR D 160 -13.45 14.45 24.25
CA THR D 160 -12.30 15.20 23.75
C THR D 160 -11.01 14.95 24.52
N ILE D 161 -11.10 14.23 25.63
CA ILE D 161 -9.92 13.95 26.44
C ILE D 161 -9.02 12.95 25.71
N GLN D 162 -9.56 11.76 25.49
CA GLN D 162 -8.84 10.67 24.84
C GLN D 162 -8.44 11.00 23.40
N LYS D 163 -9.37 11.58 22.63
CA LYS D 163 -9.09 11.92 21.24
C LYS D 163 -7.77 12.65 21.11
N GLU D 164 -7.57 13.69 21.91
CA GLU D 164 -6.32 14.44 21.87
C GLU D 164 -5.21 13.64 22.50
N PHE D 165 -5.57 12.68 23.36
CA PHE D 165 -4.61 11.82 24.02
C PHE D 165 -4.08 10.80 23.04
N SER D 166 -4.67 10.78 21.84
CA SER D 166 -4.27 9.84 20.79
C SER D 166 -3.90 10.60 19.55
N LEU D 167 -3.98 11.93 19.62
CA LEU D 167 -3.65 12.80 18.49
C LEU D 167 -2.15 13.10 18.53
N LEU D 168 -1.68 13.45 19.71
CA LEU D 168 -0.27 13.75 19.97
C LEU D 168 0.59 12.53 19.80
N THR D 169 0.09 11.36 20.19
CA THR D 169 0.92 10.18 20.08
C THR D 169 1.35 10.04 18.64
N CYS D 170 0.40 10.24 17.76
CA CYS D 170 0.71 10.10 16.36
C CYS D 170 1.80 11.07 15.98
N SER D 171 1.69 12.31 16.43
CA SER D 171 2.70 13.28 16.05
C SER D 171 4.06 12.85 16.58
N ILE D 172 4.11 12.45 17.85
CA ILE D 172 5.37 12.06 18.46
C ILE D 172 5.92 10.85 17.76
N ILE D 173 5.02 9.89 17.57
CA ILE D 173 5.36 8.64 16.92
C ILE D 173 5.87 8.80 15.50
N CYS D 174 5.21 9.67 14.74
CA CYS D 174 5.54 9.90 13.33
C CYS D 174 6.95 10.29 12.99
N TYR D 175 7.38 11.43 13.53
CA TYR D 175 8.72 11.96 13.25
C TYR D 175 9.68 11.72 14.40
N LEU D 176 9.61 10.56 15.02
CA LEU D 176 10.51 10.28 16.12
C LEU D 176 10.88 8.80 16.28
N THR D 177 10.12 7.92 15.63
CA THR D 177 10.40 6.48 15.71
C THR D 177 9.85 5.72 14.52
N PHE D 178 10.76 5.23 13.68
CA PHE D 178 10.42 4.46 12.48
C PHE D 178 9.46 5.20 11.55
N GLY D 179 8.96 6.35 12.00
CA GLY D 179 8.04 7.13 11.21
C GLY D 179 6.76 6.40 10.86
N ASN D 180 6.59 5.19 11.38
CA ASN D 180 5.40 4.40 11.10
C ASN D 180 4.16 5.27 11.09
N LYS D 181 3.86 5.88 12.24
CA LYS D 181 2.70 6.76 12.37
C LYS D 181 1.40 5.98 12.15
N GLU D 182 1.52 4.70 11.81
CA GLU D 182 0.35 3.87 11.57
C GLU D 182 -0.46 3.61 12.85
N ASP D 183 -1.77 3.79 12.79
CA ASP D 183 -2.64 3.59 13.93
C ASP D 183 -2.44 2.20 14.54
N THR D 184 -1.72 1.33 13.85
CA THR D 184 -1.45 -0.02 14.34
C THR D 184 -0.30 0.01 15.35
N LEU D 185 0.74 0.78 15.02
CA LEU D 185 1.90 0.91 15.89
C LEU D 185 1.74 2.07 16.84
N VAL D 186 0.77 2.94 16.55
CA VAL D 186 0.48 4.11 17.38
C VAL D 186 -0.43 3.72 18.56
N HIS D 187 -1.59 3.14 18.27
CA HIS D 187 -2.52 2.73 19.30
C HIS D 187 -1.86 1.71 20.22
N ALA D 188 -0.71 1.17 19.79
CA ALA D 188 0.05 0.19 20.56
C ALA D 188 0.98 0.93 21.50
N PHE D 189 1.61 1.98 20.99
CA PHE D 189 2.52 2.80 21.78
C PHE D 189 1.73 3.71 22.70
N HIS D 190 0.64 4.28 22.17
CA HIS D 190 -0.23 5.16 22.95
C HIS D 190 -0.77 4.40 24.18
N ASP D 191 -1.16 3.14 23.98
CA ASP D 191 -1.69 2.31 25.06
C ASP D 191 -0.60 2.01 26.09
N CYS D 192 0.64 1.88 25.63
CA CYS D 192 1.76 1.61 26.53
C CYS D 192 1.99 2.80 27.47
N VAL D 193 1.60 3.98 27.01
CA VAL D 193 1.77 5.22 27.76
C VAL D 193 0.86 5.34 28.96
N GLN D 194 -0.43 5.17 28.73
CA GLN D 194 -1.42 5.28 29.79
C GLN D 194 -1.24 4.15 30.83
N ASP D 195 -0.90 2.96 30.34
CA ASP D 195 -0.71 1.81 31.21
C ASP D 195 0.63 1.85 31.92
N LEU D 196 1.51 2.74 31.50
CA LEU D 196 2.82 2.86 32.10
C LEU D 196 2.81 4.00 33.12
N MET D 197 1.65 4.61 33.31
CA MET D 197 1.47 5.74 34.23
C MET D 197 0.78 5.43 35.56
N LYS D 198 -0.32 4.68 35.48
CA LYS D 198 -1.07 4.34 36.67
C LYS D 198 -0.33 3.24 37.40
N THR D 199 0.78 2.81 36.84
CA THR D 199 1.58 1.75 37.45
C THR D 199 2.80 2.33 38.14
N TRP D 200 3.14 3.56 37.81
CA TRP D 200 4.30 4.23 38.41
C TRP D 200 3.83 5.24 39.45
N ASP D 201 2.69 5.86 39.17
CA ASP D 201 2.15 6.85 40.06
C ASP D 201 1.43 6.31 41.28
N HIS D 202 1.44 5.00 41.43
CA HIS D 202 0.79 4.34 42.51
C HIS D 202 1.45 4.25 43.89
N TRP D 203 0.65 4.45 44.92
CA TRP D 203 1.22 4.45 46.23
C TRP D 203 1.93 3.17 46.47
N SER D 204 1.30 2.08 46.03
CA SER D 204 1.85 0.78 46.28
C SER D 204 3.25 0.80 45.76
N ILE D 205 3.41 1.37 44.59
CA ILE D 205 4.74 1.55 44.07
C ILE D 205 5.37 2.67 44.90
N GLN D 206 4.58 3.68 45.24
CA GLN D 206 5.06 4.87 45.92
C GLN D 206 5.66 4.65 47.28
N ILE D 207 5.03 3.81 48.06
CA ILE D 207 5.50 3.55 49.41
C ILE D 207 6.90 3.05 49.40
N LEU D 208 7.18 2.14 48.49
CA LEU D 208 8.47 1.51 48.47
C LEU D 208 9.51 2.56 48.67
N ASP D 209 9.34 3.70 48.00
CA ASP D 209 10.28 4.78 48.12
C ASP D 209 10.32 5.39 49.53
N MET D 210 9.16 5.50 50.17
CA MET D 210 9.10 6.00 51.55
C MET D 210 9.68 4.97 52.54
N VAL D 211 9.38 3.71 52.30
CA VAL D 211 9.80 2.63 53.16
C VAL D 211 10.48 1.53 52.39
N PRO D 212 11.69 1.82 51.96
CA PRO D 212 12.53 0.91 51.20
C PRO D 212 12.86 -0.25 52.11
N PHE D 213 13.09 0.08 53.37
CA PHE D 213 13.53 -0.92 54.31
C PHE D 213 12.45 -2.01 54.39
N LEU D 214 11.45 -1.83 53.53
CA LEU D 214 10.28 -2.65 53.42
C LEU D 214 10.33 -4.15 53.11
N ARG D 215 11.39 -4.59 52.47
CA ARG D 215 11.56 -5.99 52.10
C ARG D 215 10.86 -6.31 50.78
N PHE D 216 10.10 -5.36 50.29
CA PHE D 216 9.42 -5.53 49.02
C PHE D 216 8.59 -6.79 48.91
N PHE D 217 7.73 -6.99 49.90
CA PHE D 217 6.82 -8.13 49.90
C PHE D 217 5.98 -7.94 48.65
N PRO D 218 5.55 -9.04 48.04
CA PRO D 218 4.75 -9.01 46.82
C PRO D 218 3.55 -8.09 46.89
N ASN D 219 3.49 -7.13 45.98
CA ASN D 219 2.37 -6.20 45.96
C ASN D 219 1.73 -6.11 44.57
N PRO D 220 0.49 -5.61 44.49
CA PRO D 220 -0.25 -5.49 43.23
C PRO D 220 0.32 -4.44 42.29
N GLY D 221 0.64 -3.26 42.82
CA GLY D 221 1.17 -2.19 42.00
C GLY D 221 2.50 -2.44 41.34
N LEU D 222 3.47 -2.96 42.11
CA LEU D 222 4.79 -3.24 41.58
C LEU D 222 4.73 -4.26 40.43
N TRP D 223 3.92 -5.29 40.61
CA TRP D 223 3.78 -6.33 39.61
C TRP D 223 3.32 -5.76 38.28
N ARG D 224 2.28 -4.93 38.32
CA ARG D 224 1.74 -4.33 37.10
C ARG D 224 2.77 -3.45 36.42
N LEU D 225 3.58 -2.75 37.22
CA LEU D 225 4.60 -1.85 36.68
C LEU D 225 5.65 -2.64 35.90
N LYS D 226 6.16 -3.71 36.53
CA LYS D 226 7.16 -4.56 35.89
C LYS D 226 6.66 -5.04 34.52
N GLN D 227 5.39 -5.47 34.48
CA GLN D 227 4.78 -5.96 33.25
C GLN D 227 4.58 -4.88 32.19
N ALA D 228 3.94 -3.79 32.59
CA ALA D 228 3.68 -2.70 31.67
C ALA D 228 4.96 -2.04 31.23
N ILE D 229 5.89 -1.85 32.15
CA ILE D 229 7.16 -1.21 31.83
C ILE D 229 7.93 -2.05 30.82
N GLU D 230 7.70 -3.36 30.87
CA GLU D 230 8.39 -4.28 29.97
C GLU D 230 8.06 -3.91 28.52
N ASN D 231 6.76 -3.81 28.22
CA ASN D 231 6.32 -3.44 26.87
C ASN D 231 7.10 -2.23 26.38
N ARG D 232 7.46 -1.37 27.32
CA ARG D 232 8.20 -0.17 27.00
C ARG D 232 9.57 -0.54 26.44
N ASP D 233 10.16 -1.60 26.97
CA ASP D 233 11.47 -2.03 26.52
C ASP D 233 11.40 -2.76 25.18
N HIS D 234 10.35 -3.56 24.99
CA HIS D 234 10.19 -4.31 23.74
C HIS D 234 9.79 -3.39 22.60
N MET D 235 8.80 -2.54 22.84
CA MET D 235 8.33 -1.63 21.81
C MET D 235 9.46 -0.72 21.31
N VAL D 236 10.48 -0.54 22.13
CA VAL D 236 11.61 0.29 21.75
C VAL D 236 12.76 -0.57 21.23
N GLU D 237 12.86 -1.79 21.75
CA GLU D 237 13.90 -2.73 21.33
C GLU D 237 13.69 -3.16 19.88
N LYS D 238 12.48 -3.64 19.60
CA LYS D 238 12.12 -4.07 18.26
C LYS D 238 12.27 -2.91 17.27
N GLN D 239 11.69 -1.77 17.64
CA GLN D 239 11.71 -0.58 16.80
C GLN D 239 13.11 -0.08 16.53
N LEU D 240 13.90 0.07 17.59
CA LEU D 240 15.28 0.55 17.46
C LEU D 240 16.15 -0.35 16.59
N ARG D 241 15.66 -1.56 16.38
CA ARG D 241 16.31 -2.56 15.56
C ARG D 241 16.24 -2.20 14.08
N ARG D 242 15.07 -1.78 13.63
CA ARG D 242 14.90 -1.47 12.21
C ARG D 242 15.89 -0.42 11.84
N HIS D 243 15.99 0.56 12.73
CA HIS D 243 16.86 1.66 12.47
C HIS D 243 18.31 1.28 12.48
N LYS D 244 18.66 0.18 13.13
CA LYS D 244 20.06 -0.23 13.14
C LYS D 244 20.59 -0.58 11.73
N GLU D 245 19.84 -1.36 10.95
CA GLU D 245 20.31 -1.68 9.60
C GLU D 245 19.51 -1.02 8.48
N SER D 246 18.25 -0.69 8.71
CA SER D 246 17.49 -0.03 7.66
C SER D 246 17.87 1.43 7.84
N MET D 247 19.14 1.70 7.58
CA MET D 247 19.68 3.02 7.81
C MET D 247 20.72 3.42 6.79
N VAL D 248 20.97 4.72 6.72
CA VAL D 248 21.94 5.31 5.82
C VAL D 248 22.43 6.61 6.43
N ALA D 249 23.43 7.24 5.83
CA ALA D 249 24.03 8.44 6.41
C ALA D 249 23.05 9.54 6.75
N GLY D 250 22.06 9.73 5.89
CA GLY D 250 21.03 10.72 6.14
C GLY D 250 20.11 10.26 7.27
N GLN D 251 19.54 11.23 7.98
CA GLN D 251 18.64 10.94 9.09
C GLN D 251 17.28 10.47 8.60
N TRP D 252 16.85 9.34 9.15
CA TRP D 252 15.61 8.72 8.77
C TRP D 252 14.44 9.60 9.15
N ARG D 253 13.31 9.37 8.52
CA ARG D 253 12.14 10.17 8.83
C ARG D 253 11.82 10.24 10.33
N ASP D 254 12.67 9.61 11.15
CA ASP D 254 12.49 9.61 12.60
C ASP D 254 13.74 10.11 13.33
N MET D 255 13.54 10.68 14.51
CA MET D 255 14.65 11.19 15.31
C MET D 255 15.59 10.07 15.73
N THR D 256 15.04 8.87 15.91
CA THR D 256 15.84 7.74 16.32
C THR D 256 17.10 7.62 15.50
N ASP D 257 16.95 7.72 14.19
CA ASP D 257 18.08 7.60 13.29
C ASP D 257 19.13 8.64 13.61
N TYR D 258 18.72 9.74 14.21
CA TYR D 258 19.65 10.80 14.57
C TYR D 258 20.40 10.45 15.86
N MET D 259 19.65 10.12 16.91
CA MET D 259 20.23 9.77 18.21
C MET D 259 21.00 8.47 18.13
N LEU D 260 20.38 7.44 17.55
CA LEU D 260 21.01 6.12 17.41
C LEU D 260 22.28 6.20 16.57
N GLN D 261 22.42 7.28 15.82
CA GLN D 261 23.58 7.47 14.96
C GLN D 261 24.66 8.29 15.67
N GLY D 262 24.26 9.44 16.20
CA GLY D 262 25.20 10.29 16.90
C GLY D 262 25.38 9.71 18.28
N VAL D 263 25.99 8.53 18.36
CA VAL D 263 26.26 7.86 19.64
C VAL D 263 27.23 6.72 19.40
N GLN D 274 31.26 9.80 26.65
CA GLN D 274 30.72 8.46 26.80
C GLN D 274 29.39 8.34 26.05
N LEU D 275 28.29 8.49 26.76
CA LEU D 275 26.98 8.40 26.12
C LEU D 275 26.79 7.11 25.34
N LEU D 276 26.83 5.99 26.06
CA LEU D 276 26.67 4.67 25.47
C LEU D 276 25.32 4.50 24.77
N GLU D 277 25.23 3.49 23.91
CA GLU D 277 24.06 3.25 23.10
C GLU D 277 22.73 3.05 23.79
N GLY D 278 22.78 2.35 24.92
CA GLY D 278 21.56 2.03 25.63
C GLY D 278 20.72 3.23 25.93
N HIS D 279 21.40 4.34 26.17
CA HIS D 279 20.70 5.56 26.49
C HIS D 279 19.72 5.85 25.39
N VAL D 280 20.16 5.70 24.16
CA VAL D 280 19.24 5.98 23.09
C VAL D 280 17.90 5.32 23.40
N HIS D 281 17.95 4.12 23.97
CA HIS D 281 16.74 3.36 24.30
C HIS D 281 15.84 4.13 25.27
N MET D 282 16.47 4.87 26.18
CA MET D 282 15.72 5.65 27.16
C MET D 282 15.28 6.99 26.59
N SER D 283 16.20 7.65 25.87
CA SER D 283 15.90 8.94 25.27
C SER D 283 14.62 8.87 24.47
N VAL D 284 14.37 7.71 23.88
CA VAL D 284 13.18 7.51 23.07
C VAL D 284 11.93 7.49 23.94
N VAL D 285 12.03 6.84 25.09
CA VAL D 285 10.90 6.75 26.02
C VAL D 285 10.32 8.11 26.37
N ASP D 286 11.17 8.99 26.87
CA ASP D 286 10.75 10.34 27.26
C ASP D 286 9.96 11.04 26.16
N LEU D 287 10.59 11.17 25.00
CA LEU D 287 9.95 11.83 23.86
C LEU D 287 8.71 11.08 23.38
N PHE D 288 8.89 9.80 23.10
CA PHE D 288 7.84 8.92 22.57
C PHE D 288 6.59 8.51 23.31
N ILE D 289 6.78 7.69 24.33
CA ILE D 289 5.63 7.23 25.06
C ILE D 289 5.31 8.31 26.08
N GLY D 290 6.35 8.95 26.61
CA GLY D 290 6.15 9.99 27.58
C GLY D 290 5.66 11.32 27.03
N GLY D 291 6.17 11.67 25.86
CA GLY D 291 5.85 12.97 25.30
C GLY D 291 4.41 13.26 25.11
N THR D 292 3.68 12.23 24.71
CA THR D 292 2.28 12.36 24.41
C THR D 292 1.34 12.80 25.53
N GLU D 293 1.52 12.23 26.71
CA GLU D 293 0.61 12.48 27.81
C GLU D 293 0.44 13.88 28.34
N THR D 294 1.56 14.54 28.59
CA THR D 294 1.50 15.85 29.19
C THR D 294 0.77 16.88 28.38
N THR D 295 1.06 16.92 27.09
CA THR D 295 0.48 17.92 26.25
C THR D 295 -1.01 17.85 26.19
N ALA D 296 -1.52 16.65 26.03
CA ALA D 296 -2.94 16.53 25.85
C ALA D 296 -3.62 17.20 26.99
N SER D 297 -3.10 16.95 28.17
CA SER D 297 -3.71 17.51 29.32
C SER D 297 -3.77 19.00 29.14
N THR D 298 -2.67 19.60 28.71
CA THR D 298 -2.71 21.04 28.53
C THR D 298 -3.84 21.37 27.56
N LEU D 299 -3.89 20.66 26.43
CA LEU D 299 -4.91 20.89 25.41
C LEU D 299 -6.31 20.67 25.98
N SER D 300 -6.48 19.54 26.67
CA SER D 300 -7.76 19.20 27.27
C SER D 300 -8.19 20.28 28.26
N TRP D 301 -7.25 20.75 29.07
CA TRP D 301 -7.54 21.78 30.07
C TRP D 301 -8.05 23.04 29.39
N ALA D 302 -7.38 23.43 28.32
CA ALA D 302 -7.75 24.62 27.59
C ALA D 302 -9.20 24.54 27.15
N VAL D 303 -9.57 23.40 26.58
CA VAL D 303 -10.93 23.19 26.12
C VAL D 303 -11.94 23.35 27.26
N ALA D 304 -11.62 22.75 28.40
CA ALA D 304 -12.48 22.81 29.57
C ALA D 304 -12.72 24.25 29.98
N PHE D 305 -11.74 25.13 29.75
CA PHE D 305 -11.88 26.53 30.12
C PHE D 305 -12.78 27.31 29.18
N LEU D 306 -12.60 27.11 27.87
CA LEU D 306 -13.40 27.80 26.88
C LEU D 306 -14.88 27.45 27.04
N LEU D 307 -15.15 26.29 27.62
CA LEU D 307 -16.52 25.83 27.83
C LEU D 307 -17.23 26.78 28.80
N HIS D 308 -16.47 27.29 29.76
CA HIS D 308 -17.00 28.20 30.77
C HIS D 308 -16.96 29.65 30.28
N HIS D 309 -16.04 29.93 29.34
CA HIS D 309 -15.87 31.27 28.79
C HIS D 309 -16.12 31.33 27.28
N PRO D 310 -17.37 31.58 26.87
CA PRO D 310 -17.70 31.66 25.44
C PRO D 310 -17.10 32.93 24.87
N GLU D 311 -16.88 33.89 25.76
CA GLU D 311 -16.28 35.18 25.41
C GLU D 311 -14.93 35.01 24.71
N ILE D 312 -14.04 34.25 25.33
CA ILE D 312 -12.70 34.00 24.79
C ILE D 312 -12.74 33.15 23.53
N GLN D 313 -13.73 32.27 23.43
CA GLN D 313 -13.84 31.39 22.29
C GLN D 313 -14.11 32.11 20.99
N ARG D 314 -15.18 32.90 20.94
CA ARG D 314 -15.51 33.63 19.73
C ARG D 314 -14.63 34.83 19.46
N ARG D 315 -14.02 35.38 20.52
CA ARG D 315 -13.14 36.52 20.34
C ARG D 315 -11.90 35.97 19.64
N LEU D 316 -11.65 34.68 19.86
CA LEU D 316 -10.51 33.98 19.28
C LEU D 316 -10.80 33.61 17.83
N GLN D 317 -12.05 33.23 17.55
CA GLN D 317 -12.45 32.85 16.20
C GLN D 317 -12.34 34.05 15.24
N GLU D 318 -12.67 35.23 15.75
CA GLU D 318 -12.61 36.44 14.95
C GLU D 318 -11.17 36.89 14.81
N GLU D 319 -10.46 36.93 15.94
CA GLU D 319 -9.06 37.38 15.91
C GLU D 319 -8.18 36.39 15.14
N LEU D 320 -8.73 35.24 14.77
CA LEU D 320 -7.99 34.22 14.03
C LEU D 320 -8.00 34.34 12.50
N ASP D 321 -9.15 34.65 11.93
CA ASP D 321 -9.26 34.78 10.48
C ASP D 321 -9.11 36.22 10.06
N ARG D 322 -9.65 37.14 10.85
CA ARG D 322 -9.56 38.55 10.52
C ARG D 322 -8.15 39.10 10.76
N GLU D 323 -7.28 38.28 11.33
CA GLU D 323 -5.90 38.68 11.63
C GLU D 323 -4.82 38.24 10.63
N LEU D 324 -5.04 37.11 9.96
CA LEU D 324 -4.09 36.59 9.00
C LEU D 324 -4.67 35.41 8.22
N GLY D 325 -5.86 34.98 8.62
CA GLY D 325 -6.50 33.88 7.93
C GLY D 325 -7.88 34.25 7.43
N PRO D 326 -8.01 35.24 6.52
CA PRO D 326 -9.31 35.67 5.97
C PRO D 326 -10.15 34.51 5.46
N VAL D 333 -0.14 30.82 10.63
CA VAL D 333 -0.58 29.80 11.55
C VAL D 333 0.56 28.82 11.82
N THR D 334 1.77 29.36 11.95
CA THR D 334 2.95 28.54 12.20
C THR D 334 4.23 29.35 12.26
N TYR D 335 5.18 28.85 13.06
CA TYR D 335 6.49 29.46 13.24
C TYR D 335 6.65 30.94 12.89
N LYS D 336 6.92 31.21 11.62
CA LYS D 336 7.15 32.56 11.14
C LYS D 336 5.93 33.49 11.18
N ASP D 337 4.72 32.93 11.23
CA ASP D 337 3.54 33.76 11.26
C ASP D 337 2.67 33.69 12.52
N ARG D 338 3.28 33.26 13.62
CA ARG D 338 2.60 33.13 14.90
C ARG D 338 2.03 34.43 15.50
N ALA D 339 2.88 35.44 15.61
CA ALA D 339 2.49 36.72 16.19
C ALA D 339 1.16 37.24 15.66
N ARG D 340 0.81 36.81 14.45
CA ARG D 340 -0.43 37.27 13.84
C ARG D 340 -1.66 36.86 14.65
N LEU D 341 -1.46 35.91 15.56
CA LEU D 341 -2.53 35.44 16.42
C LEU D 341 -2.25 35.78 17.88
N PRO D 342 -2.73 36.95 18.34
CA PRO D 342 -2.55 37.43 19.70
C PRO D 342 -3.31 36.64 20.77
N LEU D 343 -4.64 36.77 20.76
CA LEU D 343 -5.48 36.09 21.74
C LEU D 343 -5.02 34.66 22.01
N LEU D 344 -4.38 34.04 21.03
CA LEU D 344 -3.88 32.67 21.20
C LEU D 344 -2.63 32.64 22.09
N ASN D 345 -1.59 33.37 21.71
CA ASN D 345 -0.35 33.43 22.46
C ASN D 345 -0.66 33.82 23.91
N ALA D 346 -1.86 34.34 24.14
CA ALA D 346 -2.30 34.76 25.46
C ALA D 346 -3.09 33.66 26.15
N THR D 347 -4.10 33.14 25.47
CA THR D 347 -4.93 32.06 26.02
C THR D 347 -4.07 30.89 26.46
N ILE D 348 -3.11 30.51 25.64
CA ILE D 348 -2.22 29.41 25.97
C ILE D 348 -1.37 29.72 27.21
N ALA D 349 -0.98 30.98 27.33
CA ALA D 349 -0.17 31.41 28.47
C ALA D 349 -0.95 31.23 29.79
N GLU D 350 -2.25 31.55 29.76
CA GLU D 350 -3.10 31.42 30.93
C GLU D 350 -3.34 29.98 31.31
N VAL D 351 -3.71 29.16 30.35
CA VAL D 351 -3.96 27.75 30.62
C VAL D 351 -2.72 27.09 31.21
N LEU D 352 -1.56 27.48 30.70
CA LEU D 352 -0.30 26.93 31.18
C LEU D 352 0.13 27.55 32.50
N ARG D 353 -0.66 28.48 33.00
CA ARG D 353 -0.34 29.13 34.25
C ARG D 353 -1.35 28.77 35.33
N LEU D 354 -2.59 28.56 34.94
CA LEU D 354 -3.66 28.22 35.89
C LEU D 354 -3.65 26.73 36.19
N ARG D 355 -3.42 25.94 35.15
CA ARG D 355 -3.39 24.49 35.29
C ARG D 355 -2.19 23.88 34.59
N PRO D 356 -0.98 24.05 35.16
CA PRO D 356 0.22 23.48 34.54
C PRO D 356 0.17 21.96 34.58
N VAL D 357 0.09 21.33 33.40
CA VAL D 357 0.03 19.86 33.28
C VAL D 357 0.93 19.19 34.33
N VAL D 358 2.04 19.84 34.66
CA VAL D 358 2.95 19.31 35.65
C VAL D 358 3.24 20.43 36.65
N PRO D 359 2.53 20.44 37.78
CA PRO D 359 2.61 21.40 38.89
C PRO D 359 3.82 21.47 39.80
N LEU D 360 4.07 20.38 40.52
CA LEU D 360 5.19 20.32 41.42
C LEU D 360 6.35 19.83 40.58
N ALA D 361 6.07 19.51 39.32
CA ALA D 361 7.10 19.03 38.40
C ALA D 361 7.79 17.80 38.98
N LEU D 362 9.12 17.79 38.93
CA LEU D 362 9.90 16.68 39.47
C LEU D 362 10.80 17.17 40.62
N PRO D 363 11.21 16.25 41.50
CA PRO D 363 12.06 16.60 42.64
C PRO D 363 13.47 17.01 42.25
N HIS D 364 13.85 18.22 42.64
CA HIS D 364 15.18 18.74 42.36
C HIS D 364 16.13 18.48 43.53
N ARG D 365 17.23 17.77 43.26
CA ARG D 365 18.20 17.44 44.29
C ARG D 365 19.35 18.44 44.27
N THR D 366 19.90 18.72 45.45
CA THR D 366 20.99 19.67 45.57
C THR D 366 22.34 18.96 45.48
N THR D 367 23.40 19.70 45.17
CA THR D 367 24.74 19.13 45.07
C THR D 367 25.72 19.84 46.00
N ARG D 368 25.55 21.15 46.09
CA ARG D 368 26.43 21.97 46.90
C ARG D 368 25.61 22.65 47.94
N PRO D 369 26.23 23.06 49.03
CA PRO D 369 25.51 23.72 50.10
C PRO D 369 25.11 25.12 49.78
N SER D 370 24.12 25.26 48.91
CA SER D 370 23.69 26.58 48.51
C SER D 370 22.70 27.20 49.45
N SER D 371 22.25 28.39 49.07
CA SER D 371 21.25 29.12 49.82
C SER D 371 20.11 29.49 48.88
N ILE D 372 18.87 29.21 49.27
CA ILE D 372 17.73 29.58 48.44
C ILE D 372 17.14 30.88 48.97
N PHE D 373 17.82 31.48 49.94
CA PHE D 373 17.34 32.73 50.51
C PHE D 373 16.64 32.37 51.76
N GLY D 374 16.26 31.10 51.85
CA GLY D 374 15.53 30.63 53.00
C GLY D 374 16.56 30.63 54.06
N TYR D 375 17.77 30.28 53.63
CA TYR D 375 18.92 30.22 54.47
C TYR D 375 19.63 29.00 53.99
N ASP D 376 20.74 28.66 54.61
CA ASP D 376 21.55 27.60 54.08
C ASP D 376 20.77 26.35 53.87
N ILE D 377 21.04 25.69 52.74
CA ILE D 377 20.37 24.44 52.42
C ILE D 377 21.39 23.33 52.32
N PRO D 378 21.18 22.25 53.08
CA PRO D 378 22.08 21.12 53.12
C PRO D 378 22.13 20.48 51.77
N GLU D 379 23.29 19.92 51.40
CA GLU D 379 23.39 19.27 50.11
C GLU D 379 22.59 17.97 50.06
N GLY D 380 22.03 17.66 48.90
CA GLY D 380 21.25 16.45 48.75
C GLY D 380 19.80 16.72 49.09
N MET D 381 19.59 17.75 49.91
CA MET D 381 18.25 18.13 50.32
C MET D 381 17.36 18.21 49.10
N VAL D 382 16.23 17.50 49.16
CA VAL D 382 15.29 17.49 48.05
C VAL D 382 14.62 18.85 48.00
N VAL D 383 14.42 19.38 46.79
CA VAL D 383 13.80 20.69 46.60
C VAL D 383 12.58 20.57 45.70
N ILE D 384 11.41 20.92 46.25
CA ILE D 384 10.16 20.84 45.50
C ILE D 384 9.73 22.19 44.95
N PRO D 385 10.10 22.50 43.70
CA PRO D 385 9.74 23.77 43.07
C PRO D 385 8.25 23.82 42.70
N ASN D 386 7.43 24.28 43.62
CA ASN D 386 6.00 24.37 43.38
C ASN D 386 5.67 25.38 42.29
N LEU D 387 5.00 24.92 41.24
CA LEU D 387 4.60 25.76 40.10
C LEU D 387 3.14 26.15 40.08
N GLN D 388 2.27 25.19 40.36
CA GLN D 388 0.82 25.39 40.37
C GLN D 388 0.50 26.51 41.34
N GLY D 389 1.28 26.60 42.42
CA GLY D 389 1.05 27.62 43.41
C GLY D 389 1.71 28.93 43.07
N ALA D 390 2.99 28.87 42.74
CA ALA D 390 3.75 30.07 42.43
C ALA D 390 3.08 30.87 41.32
N HIS D 391 2.27 30.18 40.53
CA HIS D 391 1.58 30.84 39.42
C HIS D 391 0.38 31.64 39.89
N LEU D 392 -0.04 31.42 41.12
CA LEU D 392 -1.15 32.15 41.69
C LEU D 392 -0.68 33.17 42.71
N ASP D 393 0.54 33.66 42.51
CA ASP D 393 1.13 34.66 43.39
C ASP D 393 0.53 36.03 43.06
N GLU D 394 -0.35 36.52 43.93
CA GLU D 394 -0.98 37.82 43.71
C GLU D 394 0.03 38.95 43.68
N THR D 395 1.30 38.62 43.88
CA THR D 395 2.37 39.61 43.87
C THR D 395 3.05 39.69 42.51
N VAL D 396 2.71 38.75 41.63
CA VAL D 396 3.30 38.71 40.30
C VAL D 396 2.21 38.65 39.22
N TRP D 397 1.00 38.28 39.62
CA TRP D 397 -0.13 38.18 38.69
C TRP D 397 -1.43 38.70 39.31
N GLU D 398 -2.03 39.69 38.64
CA GLU D 398 -3.27 40.27 39.11
C GLU D 398 -4.42 39.27 39.00
N GLN D 399 -5.13 39.06 40.11
CA GLN D 399 -6.26 38.11 40.17
C GLN D 399 -5.95 36.74 39.56
N PRO D 400 -4.86 36.09 40.00
CA PRO D 400 -4.42 34.78 39.52
C PRO D 400 -5.43 33.64 39.59
N HIS D 401 -6.55 33.88 40.28
CA HIS D 401 -7.59 32.86 40.43
C HIS D 401 -8.60 32.81 39.29
N GLU D 402 -8.40 33.67 38.29
CA GLU D 402 -9.31 33.73 37.15
C GLU D 402 -8.62 33.59 35.78
N PHE D 403 -9.15 32.69 34.97
CA PHE D 403 -8.61 32.49 33.65
C PHE D 403 -8.87 33.79 32.89
N ARG D 404 -7.80 34.51 32.57
CA ARG D 404 -7.92 35.67 31.71
C ARG D 404 -6.64 35.57 30.91
N PRO D 405 -6.76 35.57 29.59
CA PRO D 405 -5.63 35.45 28.70
C PRO D 405 -5.05 36.77 28.34
N ASP D 406 -5.68 37.82 28.82
CA ASP D 406 -5.20 39.14 28.49
C ASP D 406 -4.07 39.55 29.39
N ARG D 407 -2.98 38.82 29.32
CA ARG D 407 -1.80 39.21 30.07
C ARG D 407 -0.74 39.63 29.06
N PHE D 408 -1.16 39.85 27.81
CA PHE D 408 -0.23 40.22 26.77
C PHE D 408 -0.47 41.59 26.17
N LEU D 409 0.59 42.40 26.11
CA LEU D 409 0.53 43.72 25.50
C LEU D 409 1.65 43.92 24.46
N GLU D 410 2.91 43.85 24.89
CA GLU D 410 4.04 44.10 23.96
C GLU D 410 5.06 43.03 23.50
N PRO D 411 5.59 42.21 24.41
CA PRO D 411 5.39 42.13 25.84
C PRO D 411 5.81 43.38 26.58
N GLY D 412 4.77 44.03 27.11
CA GLY D 412 4.95 45.14 28.03
C GLY D 412 4.04 44.69 29.19
N ALA D 413 3.55 43.46 29.08
CA ALA D 413 2.57 42.92 30.00
C ALA D 413 2.97 42.01 31.14
N ASN D 414 2.10 41.05 31.45
CA ASN D 414 2.27 40.15 32.58
C ASN D 414 3.51 39.26 32.61
N PRO D 415 4.05 39.06 33.82
CA PRO D 415 5.24 38.24 34.06
C PRO D 415 5.14 36.88 33.39
N SER D 416 6.30 36.27 33.13
CA SER D 416 6.34 34.97 32.48
C SER D 416 6.29 33.85 33.51
N ALA D 417 5.36 32.92 33.35
CA ALA D 417 5.22 31.80 34.27
C ALA D 417 6.30 30.77 34.01
N LEU D 418 6.20 29.62 34.65
CA LEU D 418 7.14 28.54 34.40
C LEU D 418 6.21 27.37 34.35
N ALA D 419 5.54 27.18 33.23
CA ALA D 419 4.64 26.08 33.17
C ALA D 419 5.60 24.99 32.81
N PHE D 420 6.62 25.36 32.06
CA PHE D 420 7.61 24.40 31.61
C PHE D 420 8.86 24.40 32.47
N GLY D 421 8.85 25.17 33.54
CA GLY D 421 10.01 25.20 34.41
C GLY D 421 11.07 26.10 33.84
N CYS D 422 12.11 26.41 34.62
CA CYS D 422 13.17 27.28 34.12
C CYS D 422 14.53 26.68 34.38
N GLY D 423 14.52 25.48 34.92
CA GLY D 423 15.74 24.84 35.32
C GLY D 423 16.72 24.36 34.29
N ALA D 424 17.87 23.92 34.76
CA ALA D 424 18.88 23.35 33.90
C ALA D 424 18.20 22.13 33.26
N ARG D 425 17.17 21.59 33.93
CA ARG D 425 16.40 20.46 33.40
C ARG D 425 15.20 21.07 32.66
N VAL D 426 15.20 22.39 32.50
CA VAL D 426 14.08 23.06 31.87
C VAL D 426 13.05 22.07 31.36
N CYS D 427 13.23 21.59 30.14
CA CYS D 427 12.32 20.63 29.53
C CYS D 427 12.57 20.45 28.04
N LEU D 428 12.92 19.24 27.61
CA LEU D 428 13.16 19.04 26.19
C LEU D 428 11.95 19.41 25.35
N GLY D 429 10.77 19.06 25.82
CA GLY D 429 9.59 19.26 24.99
C GLY D 429 9.01 20.61 24.73
N GLU D 430 9.52 21.61 25.41
CA GLU D 430 8.93 22.92 25.32
C GLU D 430 8.79 23.42 23.92
N SER D 431 9.86 23.30 23.17
CA SER D 431 9.80 23.81 21.82
C SER D 431 8.69 23.12 21.11
N LEU D 432 8.71 21.80 21.18
CA LEU D 432 7.68 21.05 20.51
C LEU D 432 6.35 21.22 21.20
N ALA D 433 6.36 21.19 22.50
CA ALA D 433 5.11 21.25 23.22
C ALA D 433 4.35 22.48 22.88
N ARG D 434 5.06 23.59 22.86
CA ARG D 434 4.42 24.84 22.59
C ARG D 434 3.78 24.79 21.21
N LEU D 435 4.48 24.16 20.29
CA LEU D 435 4.01 24.05 18.92
C LEU D 435 2.63 23.41 18.81
N GLU D 436 2.50 22.20 19.33
CA GLU D 436 1.24 21.47 19.28
C GLU D 436 0.08 22.32 19.80
N LEU D 437 0.33 23.07 20.87
CA LEU D 437 -0.71 23.92 21.46
C LEU D 437 -1.13 25.03 20.52
N PHE D 438 -0.26 25.35 19.56
CA PHE D 438 -0.53 26.40 18.59
C PHE D 438 -1.21 25.85 17.34
N VAL D 439 -0.67 24.75 16.82
CA VAL D 439 -1.20 24.12 15.62
C VAL D 439 -2.57 23.46 15.85
N VAL D 440 -2.74 22.79 16.98
CA VAL D 440 -3.99 22.11 17.30
C VAL D 440 -5.13 23.08 17.59
N LEU D 441 -4.90 24.01 18.51
CA LEU D 441 -5.92 24.99 18.88
C LEU D 441 -6.33 25.88 17.71
N ALA D 442 -5.35 26.34 16.95
CA ALA D 442 -5.61 27.21 15.80
C ALA D 442 -6.71 26.67 14.87
N ARG D 443 -6.50 25.49 14.30
CA ARG D 443 -7.47 24.89 13.42
C ARG D 443 -8.67 24.29 14.15
N LEU D 444 -8.54 24.13 15.47
CA LEU D 444 -9.62 23.56 16.27
C LEU D 444 -10.73 24.58 16.35
N LEU D 445 -10.35 25.85 16.51
CA LEU D 445 -11.32 26.93 16.58
C LEU D 445 -11.60 27.44 15.18
N GLN D 446 -11.17 26.68 14.19
CA GLN D 446 -11.39 27.05 12.80
C GLN D 446 -12.46 26.18 12.14
N ALA D 447 -12.90 25.15 12.84
CA ALA D 447 -13.92 24.29 12.28
C ALA D 447 -14.97 23.82 13.30
N PHE D 448 -14.72 24.12 14.59
CA PHE D 448 -15.72 23.87 15.61
C PHE D 448 -15.83 24.99 16.65
N THR D 449 -17.04 25.45 16.94
CA THR D 449 -17.22 26.48 17.96
C THR D 449 -16.92 25.92 19.35
N LEU D 450 -17.37 24.69 19.59
CA LEU D 450 -17.18 24.02 20.88
C LEU D 450 -18.42 24.26 21.72
N LEU D 451 -19.09 23.18 22.12
CA LEU D 451 -20.29 23.34 22.90
C LEU D 451 -20.46 22.24 23.92
N PRO D 452 -21.11 22.56 25.03
CA PRO D 452 -21.35 21.60 26.09
C PRO D 452 -22.30 20.54 25.58
N PRO D 453 -22.17 19.34 26.09
CA PRO D 453 -22.99 18.20 25.74
C PRO D 453 -24.35 18.37 26.36
N PRO D 454 -25.33 17.65 25.85
CA PRO D 454 -26.71 17.69 26.33
C PRO D 454 -26.88 17.00 27.68
N VAL D 455 -27.46 17.72 28.64
CA VAL D 455 -27.69 17.18 29.98
C VAL D 455 -26.35 16.83 30.63
N GLY D 456 -25.40 17.76 30.54
CA GLY D 456 -24.09 17.54 31.13
C GLY D 456 -23.42 18.83 31.56
N ALA D 457 -22.61 18.74 32.61
CA ALA D 457 -21.87 19.88 33.15
C ALA D 457 -20.47 19.85 32.57
N LEU D 458 -19.62 20.70 33.11
CA LEU D 458 -18.24 20.82 32.65
C LEU D 458 -17.20 20.60 33.77
N PRO D 459 -15.96 20.25 33.39
CA PRO D 459 -14.86 20.02 34.35
C PRO D 459 -14.28 21.32 34.92
N SER D 460 -12.95 21.37 35.05
CA SER D 460 -12.23 22.53 35.55
C SER D 460 -12.20 22.57 37.06
N LEU D 461 -12.82 21.61 37.70
CA LEU D 461 -12.75 21.58 39.16
C LEU D 461 -11.32 21.29 39.62
N GLN D 462 -10.65 20.37 38.94
CA GLN D 462 -9.35 19.90 39.35
C GLN D 462 -9.63 18.51 39.94
N PRO D 463 -8.62 17.66 40.00
CA PRO D 463 -8.76 16.30 40.54
C PRO D 463 -8.08 16.32 41.86
N ASP D 464 -8.74 15.77 42.85
CA ASP D 464 -8.25 15.94 44.19
C ASP D 464 -6.88 15.50 44.59
N PRO D 465 -6.44 14.33 44.11
CA PRO D 465 -5.11 13.86 44.46
C PRO D 465 -4.23 14.11 43.27
N TYR D 466 -3.23 14.96 43.43
CA TYR D 466 -2.33 15.27 42.34
C TYR D 466 -1.40 14.13 42.12
N CYS D 467 -0.64 14.22 41.03
CA CYS D 467 0.21 13.13 40.66
C CYS D 467 1.26 13.68 39.71
N GLY D 468 1.94 12.81 38.99
CA GLY D 468 3.03 13.28 38.17
C GLY D 468 2.53 14.37 37.28
N VAL D 469 1.36 14.14 36.73
CA VAL D 469 0.76 15.08 35.81
C VAL D 469 -0.60 15.49 36.35
N ASN D 470 -0.96 16.75 36.14
CA ASN D 470 -2.20 17.27 36.68
C ASN D 470 -3.47 16.64 36.15
N LEU D 471 -4.46 16.51 37.02
CA LEU D 471 -5.69 15.86 36.61
C LEU D 471 -6.57 16.70 35.74
N LYS D 472 -7.57 16.02 35.21
CA LYS D 472 -8.65 16.68 34.51
C LYS D 472 -9.85 15.75 34.67
N VAL D 473 -11.06 16.28 34.54
CA VAL D 473 -12.23 15.42 34.64
C VAL D 473 -12.48 14.78 33.29
N GLN D 474 -13.72 14.34 33.08
CA GLN D 474 -14.18 13.73 31.86
C GLN D 474 -15.34 14.46 31.17
N PRO D 475 -15.03 15.55 30.42
CA PRO D 475 -16.04 16.32 29.70
C PRO D 475 -16.49 15.65 28.41
N PHE D 476 -17.59 16.12 27.85
CA PHE D 476 -18.12 15.58 26.60
C PHE D 476 -18.43 16.68 25.58
N GLN D 477 -17.40 17.37 25.10
CA GLN D 477 -17.54 18.45 24.10
C GLN D 477 -18.13 18.14 22.76
N VAL D 478 -19.16 18.88 22.35
CA VAL D 478 -19.81 18.70 21.06
C VAL D 478 -18.97 19.00 19.79
N ARG D 479 -18.71 20.28 19.52
CA ARG D 479 -17.87 20.74 18.38
C ARG D 479 -18.19 20.96 16.89
N LEU D 480 -19.41 21.32 16.57
CA LEU D 480 -19.88 21.53 15.23
C LEU D 480 -19.89 22.93 14.54
N GLN D 481 -18.93 23.21 13.64
CA GLN D 481 -18.88 24.49 12.93
C GLN D 481 -18.69 24.27 11.42
CHA HEM E . -7.15 31.14 -23.51
CHB HEM E . -2.88 32.98 -22.25
CHC HEM E . -2.21 29.33 -19.15
CHD HEM E . -6.49 27.51 -20.41
C1A HEM E . -6.07 31.97 -23.46
C2A HEM E . -5.88 33.18 -24.25
C3A HEM E . -4.68 33.69 -23.90
C4A HEM E . -4.11 32.83 -22.88
CMA HEM E . -3.99 34.95 -24.43
CAA HEM E . -6.89 33.70 -25.30
CBA HEM E . -7.69 34.89 -24.80
CGA HEM E . -8.65 35.48 -25.83
O1A HEM E . -8.10 35.86 -26.94
O2A HEM E . -9.85 35.56 -25.57
C1B HEM E . -2.32 32.15 -21.29
C2B HEM E . -1.02 32.35 -20.68
C3B HEM E . -0.83 31.33 -19.81
C4B HEM E . -1.99 30.49 -19.88
CMB HEM E . -0.07 33.52 -20.98
CAB HEM E . 0.38 31.05 -18.91
CBB HEM E . 0.45 31.96 -17.67
C1C HEM E . -3.34 28.51 -19.22
C2C HEM E . -3.53 27.27 -18.43
C3C HEM E . -4.71 26.77 -18.78
C4C HEM E . -5.29 27.66 -19.78
CMC HEM E . -2.51 26.74 -17.41
CAC HEM E . -5.42 25.49 -18.27
CBC HEM E . -6.19 25.69 -16.97
C1D HEM E . -7.05 28.32 -21.37
C2D HEM E . -8.33 28.11 -22.01
C3D HEM E . -8.52 29.13 -22.89
C4D HEM E . -7.35 29.98 -22.79
CMD HEM E . -9.28 26.91 -21.72
CAD HEM E . -9.75 29.33 -23.80
CBD HEM E . -10.78 30.31 -23.16
CGD HEM E . -11.96 30.52 -24.05
O1D HEM E . -12.89 29.71 -24.02
O2D HEM E . -11.90 31.52 -24.77
NA HEM E . -4.98 31.78 -22.65
NB HEM E . -2.90 31.00 -20.79
NC HEM E . -4.44 28.72 -20.05
ND HEM E . -6.45 29.49 -21.86
FE HEM E . -4.73 30.27 -21.35
CAA 3QZ F . -2.33 27.58 -24.56
CAB 3QZ F . -5.50 23.44 -30.41
CAC 3QZ F . -4.77 27.08 -27.59
OAD 3QZ F . -4.13 29.00 -25.30
OAE 3QZ F . -6.94 18.86 -30.39
OAF 3QZ F . -4.33 25.66 -24.14
CAG 3QZ F . -7.50 20.88 -29.52
CAH 3QZ F . -8.25 23.06 -28.56
CAI 3QZ F . -5.11 20.40 -30.18
CAJ 3QZ F . -7.77 23.80 -27.30
CAK 3QZ F . -3.97 24.19 -28.01
CAL 3QZ F . -6.97 26.44 -25.96
CAM 3QZ F . -4.75 21.43 -29.10
CAN 3QZ F . -3.61 24.99 -26.76
CAO 3QZ F . -6.15 27.09 -24.86
CAP 3QZ F . -3.77 27.85 -25.02
CAQ 3QZ F . -6.58 19.99 -30.04
CAR 3QZ F . -7.13 22.15 -29.09
CAS 3QZ F . -6.44 24.51 -27.59
CAT 3QZ F . -5.34 23.50 -27.89
CAU 3QZ F . -6.04 25.28 -26.34
CAV 3QZ F . -5.67 22.64 -29.12
CAW 3QZ F . -4.71 26.02 -26.49
CAX 3QZ F . -4.70 26.65 -25.09
CAA 3QZ G . -10.92 35.02 -41.96
CAB 3QZ G . -3.66 35.03 -38.66
CAC 3QZ G . -6.89 34.68 -42.05
OAD 3QZ G . -9.46 34.29 -43.71
OAE 3QZ G . -2.37 32.96 -34.50
OAF 3QZ G . -9.80 32.80 -40.53
CAG 3QZ G . -3.00 32.41 -36.62
CAH 3QZ G . -3.65 31.69 -38.92
CAI 3QZ G . -3.66 34.64 -35.63
CAJ 3QZ G . -5.03 31.52 -39.55
CAK 3QZ G . -6.58 35.01 -39.03
CAL 3QZ G . -6.96 31.91 -41.94
CAM 3QZ G . -4.89 34.52 -36.54
CAN 3QZ G . -7.92 34.73 -39.71
CAO 3QZ G . -8.42 32.08 -42.38
CAP 3QZ G . -9.74 34.22 -42.52
CAQ 3QZ G . -2.95 33.30 -35.54
CAR 3QZ G . -3.68 32.72 -37.78
CAS 3QZ G . -5.62 32.87 -39.94
CAT 3QZ G . -5.82 33.73 -38.69
CAU 3QZ G . -6.98 32.63 -40.59
CAV 3QZ G . -4.52 34.00 -37.92
CAW 3QZ G . -7.70 33.92 -40.99
CAX 3QZ G . -8.96 33.27 -41.59
CHA HEM H . 6.73 -18.44 -32.15
CHB HEM H . 2.40 -20.52 -31.70
CHC HEM H . 1.84 -18.48 -27.36
CHD HEM H . 6.16 -16.43 -27.81
C1A HEM H . 5.62 -19.18 -32.43
C2A HEM H . 5.39 -19.95 -33.65
C3A HEM H . 4.18 -20.54 -33.53
C4A HEM H . 3.62 -20.15 -32.24
CMA HEM H . 3.46 -21.45 -34.54
CAA HEM H . 6.38 -20.02 -34.83
CBA HEM H . 7.33 -21.22 -34.75
CGA HEM H . 8.05 -21.55 -36.07
O1A HEM H . 7.98 -22.78 -36.45
O2A HEM H . 8.65 -20.65 -36.66
C1B HEM H . 1.86 -20.16 -30.49
C2B HEM H . 0.55 -20.57 -30.00
C3B HEM H . 0.41 -20.00 -28.78
C4B HEM H . 1.58 -19.23 -28.51
CMB HEM H . -0.42 -21.49 -30.76
CAB HEM H . -0.79 -20.10 -27.83
CBB HEM H . -0.87 -21.44 -27.06
C1C HEM H . 2.98 -17.75 -27.10
C2C HEM H . 3.21 -16.96 -25.88
C3C HEM H . 4.41 -16.39 -26.00
C4C HEM H . 4.96 -16.79 -27.29
CMC HEM H . 2.20 -16.88 -24.71
CAC HEM H . 5.16 -15.47 -25.01
CBC HEM H . 5.85 -16.21 -23.86
C1D HEM H . 6.70 -16.77 -29.02
C2D HEM H . 8.00 -16.35 -29.53
C3D HEM H . 8.16 -16.91 -30.74
C4D HEM H . 6.96 -17.70 -31.00
CMD HEM H . 8.98 -15.40 -28.79
CAD HEM H . 9.37 -16.74 -31.67
CBD HEM H . 10.45 -17.85 -31.41
CGD HEM H . 11.63 -17.70 -32.32
O1D HEM H . 12.70 -17.26 -31.86
O2D HEM H . 11.43 -18.03 -33.51
NA HEM H . 4.54 -19.33 -31.60
NB HEM H . 2.48 -19.33 -29.57
NC HEM H . 4.08 -17.62 -27.96
ND HEM H . 6.08 -17.61 -29.95
FE HEM H . 4.33 -18.49 -29.78
CAA 3QZ I . 1.86 -14.88 -32.00
CAB 3QZ I . 5.25 -8.43 -35.03
CAC 3QZ I . 4.39 -12.96 -34.37
OAD 3QZ I . 3.67 -15.80 -33.24
OAE 3QZ I . 6.78 -4.52 -32.68
OAF 3QZ I . 3.92 -13.40 -30.67
CAG 3QZ I . 7.28 -6.72 -32.95
CAH 3QZ I . 7.96 -9.11 -33.19
CAI 3QZ I . 4.92 -5.90 -33.34
CAJ 3QZ I . 7.43 -10.34 -32.46
CAK 3QZ I . 3.65 -10.21 -33.29
CAL 3QZ I . 6.55 -13.27 -32.62
CAM 3QZ I . 4.51 -7.30 -32.92
CAN 3QZ I . 3.25 -11.53 -32.62
CAO 3QZ I . 5.69 -14.37 -31.99
CAP 3QZ I . 3.30 -14.90 -32.48
CAQ 3QZ I . 6.38 -5.65 -32.98
CAR 3QZ I . 6.89 -8.01 -33.22
CAS 3QZ I . 6.10 -10.78 -33.09
CAT 3QZ I . 5.03 -9.71 -32.86
CAU 3QZ I . 5.65 -12.06 -32.39
CAV 3QZ I . 5.42 -8.38 -33.51
CAW 3QZ I . 4.31 -12.59 -32.90
CAX 3QZ I . 4.27 -13.82 -31.99
CAA 3QZ J . 2.93 -16.62 -43.63
CAB 3QZ J . 6.88 -10.70 -47.05
CAC 3QZ J . 4.01 -12.78 -44.03
OAD 3QZ J . 2.02 -14.69 -42.54
OAE 3QZ J . 7.29 -9.87 -51.80
OAF 3QZ J . 2.03 -15.34 -45.99
CAG 3QZ J . 5.74 -9.81 -50.13
CAH 3QZ J . 3.98 -9.66 -48.38
CAI 3QZ J . 7.78 -11.31 -49.94
CAJ 3QZ J . 3.06 -10.74 -47.82
CAK 3QZ J . 5.66 -13.30 -46.49
CAL 3QZ J . 1.69 -12.11 -45.46
CAM 3QZ J . 6.87 -12.18 -49.07
CAN 3QZ J . 4.67 -14.31 -45.93
CAO 3QZ J . 1.14 -13.41 -44.85
CAP 3QZ J . 2.40 -15.19 -43.60
CAQ 3QZ J . 6.94 -10.28 -50.69
CAR 3QZ J . 5.28 -10.26 -48.91
CAS 3QZ J . 3.83 -11.59 -46.80
CAT 3QZ J . 5.00 -12.32 -47.46
CAU 3QZ J . 2.86 -12.66 -46.27
CAV 3QZ J . 6.01 -11.36 -48.11
CAW 3QZ J . 3.52 -13.58 -45.24
CAX 3QZ J . 2.28 -14.43 -44.92
CHA HEM K . -9.50 -31.06 23.94
CHB HEM K . -5.44 -33.22 22.46
CHC HEM K . -4.68 -29.63 19.35
CHD HEM K . -8.75 -27.50 20.81
C1A HEM K . -8.48 -31.98 23.84
C2A HEM K . -8.34 -33.21 24.62
C3A HEM K . -7.23 -33.82 24.20
C4A HEM K . -6.61 -32.98 23.16
CMA HEM K . -6.67 -35.17 24.71
CAA HEM K . -9.34 -33.68 25.72
CBA HEM K . -10.35 -34.71 25.21
CGA HEM K . -11.13 -35.43 26.31
O1A HEM K . -11.51 -36.62 26.02
O2A HEM K . -11.33 -34.84 27.38
C1B HEM K . -4.87 -32.45 21.50
C2B HEM K . -3.63 -32.75 20.80
C3B HEM K . -3.41 -31.75 19.93
C4B HEM K . -4.51 -30.81 20.07
CMB HEM K . -2.78 -33.98 21.06
CAB HEM K . -2.25 -31.56 18.96
CBB HEM K . -2.33 -32.45 17.72
C1C HEM K . -5.74 -28.73 19.49
C2C HEM K . -5.89 -27.49 18.70
C3C HEM K . -7.01 -26.89 19.11
C4C HEM K . -7.59 -27.74 20.13
CMC HEM K . -4.86 -27.03 17.62
CAC HEM K . -7.65 -25.57 18.63
CBC HEM K . -8.52 -25.69 17.36
C1D HEM K . -9.31 -28.26 21.79
C2D HEM K . -10.54 -27.97 22.48
C3D HEM K . -10.77 -28.97 23.36
C4D HEM K . -9.66 -29.90 23.22
CMD HEM K . -11.41 -26.72 22.22
CAD HEM K . -11.95 -29.10 24.34
CBD HEM K . -13.16 -29.80 23.69
CGD HEM K . -14.33 -29.93 24.64
O1D HEM K . -14.84 -28.91 25.15
O2D HEM K . -14.70 -31.10 24.87
NA HEM K . -7.42 -31.86 22.98
NB HEM K . -5.40 -31.24 21.03
NC HEM K . -6.80 -28.85 20.35
ND HEM K . -8.77 -29.47 22.25
FE HEM K . -7.12 -30.36 21.66
CAA 3QZ L . -5.10 -27.52 25.00
CAB 3QZ L . -7.39 -23.24 31.21
CAC 3QZ L . -7.45 -26.70 28.13
OAD 3QZ L . -7.20 -28.54 25.62
OAE 3QZ L . -7.71 -18.43 31.50
OAF 3QZ L . -6.64 -25.15 24.80
CAG 3QZ L . -8.72 -20.21 30.50
CAH 3QZ L . -9.93 -22.07 29.36
CAI 3QZ L . -6.31 -20.36 31.25
CAJ 3QZ L . -9.60 -22.81 28.06
CAK 3QZ L . -6.01 -24.10 28.77
CAL 3QZ L . -9.41 -25.47 26.56
CAM 3QZ L . -6.16 -21.35 30.10
CAN 3QZ L . -5.83 -24.88 27.45
CAO 3QZ L . -8.73 -26.23 25.41
CAP 3QZ L . -6.56 -27.49 25.47
CAQ 3QZ L . -7.62 -19.60 31.12
CAR 3QZ L . -8.65 -21.50 29.99
CAS 3QZ L . -8.49 -23.83 28.32
CAT 3QZ L . -7.20 -23.12 28.70
CAU 3QZ L . -8.24 -24.58 27.01
CAV 3QZ L . -7.35 -22.31 29.99
CAW 3QZ L . -7.13 -25.61 27.11
CAX 3QZ L . -7.23 -26.12 25.67
CAA 3QZ M . -10.65 -32.83 41.70
CAB 3QZ M . -5.21 -35.15 36.44
CAC 3QZ M . -7.16 -34.44 40.56
OAD 3QZ M . -8.79 -33.35 43.10
OAE 3QZ M . -3.62 -32.74 32.54
OAF 3QZ M . -8.75 -31.02 40.47
CAG 3QZ M . -3.55 -32.67 34.82
CAH 3QZ M . -3.33 -32.54 37.32
CAI 3QZ M . -5.46 -33.80 33.66
CAJ 3QZ M . -4.28 -31.92 38.34
CAK 3QZ M . -7.56 -33.85 37.64
CAL 3QZ M . -5.72 -32.08 41.07
CAM 3QZ M . -6.26 -33.44 34.91
CAN 3QZ M . -8.42 -33.21 38.75
CAO 3QZ M . -6.95 -31.69 41.91
CAP 3QZ M . -9.17 -32.85 42.04
CAQ 3QZ M . -4.15 -33.03 33.62
CAR 3QZ M . -4.09 -32.97 36.06
CAS 3QZ M . -5.45 -32.86 38.63
CAT 3QZ M . -6.28 -33.06 37.35
CAU 3QZ M . -6.36 -32.22 39.68
CAV 3QZ M . -5.46 -33.65 36.20
CAW 3QZ M . -7.58 -33.07 40.02
CAX 3QZ M . -8.17 -32.16 41.10
CHA HEM N . 10.11 18.21 32.33
CHB HEM N . 5.97 20.63 32.04
CHC HEM N . 5.21 18.79 27.65
CHD HEM N . 9.34 16.36 27.97
C1A HEM N . 9.07 19.02 32.66
C2A HEM N . 8.91 19.77 33.91
C3A HEM N . 7.75 20.46 33.83
C4A HEM N . 7.16 20.15 32.53
CMA HEM N . 7.13 21.37 34.89
CAA HEM N . 9.93 19.74 35.10
CBA HEM N . 11.03 20.80 34.96
CGA HEM N . 11.93 20.93 36.17
O1A HEM N . 12.27 22.13 36.50
O2A HEM N . 12.29 19.91 36.75
C1B HEM N . 5.40 20.35 30.82
C2B HEM N . 4.12 20.89 30.36
C3B HEM N . 3.91 20.38 29.14
C4B HEM N . 5.03 19.52 28.82
CMB HEM N . 3.22 21.84 31.16
CAB HEM N . 2.69 20.59 28.20
CBB HEM N . 2.71 21.90 27.42
C1C HEM N . 6.29 17.96 27.36
C2C HEM N . 6.41 17.20 26.10
C3C HEM N . 7.56 16.51 26.19
C4C HEM N . 8.16 16.84 27.49
CMC HEM N . 5.37 17.23 24.95
CAC HEM N . 8.21 15.55 25.16
CBC HEM N . 8.88 16.26 23.94
C1D HEM N . 9.92 16.64 29.18
C2D HEM N . 11.18 16.10 29.65
C3D HEM N . 11.40 16.61 30.88
C4D HEM N . 10.28 17.48 31.16
CMD HEM N . 12.07 15.10 28.87
CAD HEM N . 12.61 16.31 31.79
CBD HEM N . 13.65 17.48 31.73
CGD HEM N . 14.84 17.21 32.61
O1D HEM N . 15.98 17.15 32.12
O2D HEM N . 14.59 17.05 33.83
NA HEM N . 7.99 19.28 31.85
NB HEM N . 5.94 19.52 29.86
NC HEM N . 7.37 17.73 28.18
ND HEM N . 9.37 17.50 30.12
FE HEM N . 7.70 18.52 29.99
CAA 3QZ O . 5.59 15.05 31.55
CAB 3QZ O . 7.52 7.93 34.34
CAC 3QZ O . 7.57 12.55 33.93
OAD 3QZ O . 7.44 15.47 33.01
OAE 3QZ O . 8.42 3.90 31.87
OAF 3QZ O . 7.40 13.27 30.25
CAG 3QZ O . 9.33 5.95 32.25
CAH 3QZ O . 10.40 8.15 32.66
CAI 3QZ O . 6.84 5.58 32.51
CAJ 3QZ O . 10.16 9.51 32.02
CAK 3QZ O . 6.40 10.06 32.66
CAL 3QZ O . 9.85 12.54 32.33
CAM 3QZ O . 6.72 7.06 32.12
CAN 3QZ O . 6.29 11.45 32.04
CAO 3QZ O . 9.25 13.80 31.72
CAP 3QZ O . 6.96 14.75 32.16
CAQ 3QZ O . 8.25 5.07 32.19
CAR 3QZ O . 9.14 7.29 32.58
CAS 3QZ O . 8.91 10.16 32.62
CAT 3QZ O . 7.68 9.33 32.25
CAU 3QZ O . 8.76 11.53 31.96
CAV 3QZ O . 7.77 7.90 32.83
CAW 3QZ O . 7.51 12.28 32.43
CAX 3QZ O . 7.74 13.54 31.61
CAA 3QZ P . 11.33 11.59 49.35
CAB 3QZ P . 5.62 15.63 45.59
CAC 3QZ P . 7.62 13.03 48.89
OAD 3QZ P . 9.34 11.05 50.58
OAE 3QZ P . 4.57 15.62 40.89
OAF 3QZ P . 9.81 10.53 47.11
CAG 3QZ P . 4.45 14.28 42.73
CAH 3QZ P . 4.24 12.74 44.71
CAI 3QZ P . 6.17 16.11 42.60
CAJ 3QZ P . 5.27 11.80 45.34
CAK 3QZ P . 8.17 14.23 46.15
CAL 3QZ P . 6.62 10.61 47.86
CAM 3QZ P . 6.99 15.21 43.51
CAN 3QZ P . 9.09 13.22 46.83
CAO 3QZ P . 7.88 10.02 48.48
CAP 3QZ P . 9.85 11.23 49.47
CAQ 3QZ P . 4.99 15.32 42.00
CAR 3QZ P . 4.93 13.89 43.98
CAS 3QZ P . 6.25 12.58 46.21
CAT 3QZ P . 7.05 13.56 45.35
CAU 3QZ P . 7.23 11.59 46.85
CAV 3QZ P . 6.15 14.56 44.61
CAW 3QZ P . 8.27 12.28 47.72
CAX 3QZ P . 9.02 11.02 48.20
#